data_6NCW
#
_entry.id   6NCW
#
_cell.length_a   65.930
_cell.length_b   87.677
_cell.length_c   124.375
_cell.angle_alpha   93.29
_cell.angle_beta   101.55
_cell.angle_gamma   90.37
#
_symmetry.space_group_name_H-M   'P 1'
#
loop_
_entity.id
_entity.type
_entity.pdbx_description
1 polymer Beta-galacturonidase
2 non-polymer 'CHLORIDE ION'
3 non-polymer GLYCEROL
4 water water
#
_entity_poly.entity_id   1
_entity_poly.type   'polypeptide(L)'
_entity_poly.pdbx_seq_one_letter_code
;MIRTFETHKIRKTAELSSALWNFHTIGTQGEEAVIQAPVPGCWENYPDTVSYRGQASYSREFEAKGNIRLEFKGVSHTAS
VLVDGKPVGSHYNAYTPFDVVLKDIRPGIHQLEVIADNSFGPDSALHVPNDYQSYGGISRGVVLEELGEAYLSWIHFTPF
LRKDGWYGKAEICVRNLSSGRLDGSVEVEIGKNSFAVLPIVLEGEEEKSFSTEELPCPWAECWSPESPVLYLITAVLRTA
DGAADDIIDRVGFREIRTEGKDILLNGRKLRIKGFCRHEDHPQFGCALPFSAMQHDLMLIKDLGANSIRTVHYPNDELFL
DLCDEQGILVWEENHARGLSEENMRNPHFKQQCGDCIREMITAHYNHPSIYIWGILNECASDTEYGRECYSEQYELIKSL
DPYRPRSSASCRFKTDICLGYPEVVSYNIYPKWYHDVPVEDYLDELYQWIQNESEGTGKPFLITEIGAGAIYGYRTPAHV
KWSEEYQVQALKEQLQAVFSREGCSGVYIWQFCDVRVCDSWFGSRPRTMNNKGIVDEYRRPKLAYEVVKDSYRSLGNYFE
NLYFQSGSHHHHHH
;
_entity_poly.pdbx_strand_id   A,B,C,D
#
# COMPACT_ATOMS: atom_id res chain seq x y z
N MET A 1 8.65 -15.64 -31.34
CA MET A 1 7.32 -16.22 -31.52
C MET A 1 6.31 -15.23 -32.11
N ILE A 2 5.67 -15.60 -33.22
CA ILE A 2 4.71 -14.76 -33.91
C ILE A 2 3.30 -15.34 -33.84
N ARG A 3 3.16 -16.64 -34.06
CA ARG A 3 1.91 -17.37 -33.94
C ARG A 3 2.18 -18.61 -33.09
N THR A 4 1.12 -19.32 -32.72
CA THR A 4 1.30 -20.57 -31.97
C THR A 4 1.55 -21.77 -32.89
N PHE A 5 1.63 -21.55 -34.20
CA PHE A 5 1.90 -22.61 -35.15
C PHE A 5 2.76 -22.01 -36.27
N GLU A 6 3.37 -22.87 -37.10
CA GLU A 6 4.17 -22.36 -38.21
C GLU A 6 3.26 -22.07 -39.40
N THR A 7 3.36 -20.86 -39.91
CA THR A 7 2.54 -20.44 -41.05
C THR A 7 3.23 -20.70 -42.39
N HIS A 8 4.43 -21.27 -42.39
CA HIS A 8 5.17 -21.54 -43.63
C HIS A 8 6.12 -22.70 -43.40
N LYS A 9 6.09 -23.67 -44.31
CA LYS A 9 7.15 -24.66 -44.44
C LYS A 9 7.99 -24.47 -45.70
N ILE A 10 7.36 -24.02 -46.80
CA ILE A 10 8.10 -23.82 -48.04
C ILE A 10 8.77 -22.46 -48.07
N ARG A 11 8.01 -21.39 -47.85
CA ARG A 11 8.59 -20.05 -47.93
C ARG A 11 9.72 -19.90 -46.91
N LYS A 12 10.79 -19.22 -47.33
CA LYS A 12 11.91 -18.93 -46.44
C LYS A 12 11.57 -17.70 -45.62
N THR A 13 11.46 -17.88 -44.30
CA THR A 13 11.10 -16.79 -43.39
C THR A 13 12.02 -16.85 -42.18
N ALA A 14 12.18 -15.70 -41.53
CA ALA A 14 12.98 -15.61 -40.31
C ALA A 14 12.49 -14.43 -39.48
N GLU A 15 12.39 -14.64 -38.17
CA GLU A 15 11.92 -13.57 -37.29
C GLU A 15 13.04 -12.57 -37.04
N LEU A 16 12.79 -11.30 -37.37
CA LEU A 16 13.71 -10.23 -36.99
C LEU A 16 13.47 -9.70 -35.59
N SER A 17 12.29 -9.95 -35.01
CA SER A 17 12.01 -9.55 -33.64
C SER A 17 12.50 -10.65 -32.70
N SER A 18 12.02 -10.63 -31.46
CA SER A 18 12.58 -11.46 -30.38
C SER A 18 14.09 -11.27 -30.32
N ALA A 19 14.52 -10.01 -30.28
CA ALA A 19 15.93 -9.67 -30.41
C ALA A 19 16.11 -8.25 -29.91
N LEU A 20 17.38 -7.88 -29.67
CA LEU A 20 17.72 -6.51 -29.38
C LEU A 20 18.03 -5.77 -30.69
N TRP A 21 17.41 -4.59 -30.88
CA TRP A 21 17.75 -3.67 -31.94
C TRP A 21 18.40 -2.44 -31.32
N ASN A 22 19.05 -1.64 -32.16
CA ASN A 22 19.58 -0.37 -31.70
C ASN A 22 18.49 0.68 -31.70
N PHE A 23 18.42 1.46 -30.62
CA PHE A 23 17.34 2.40 -30.36
C PHE A 23 17.90 3.76 -29.92
N HIS A 24 17.33 4.82 -30.48
CA HIS A 24 17.57 6.16 -29.97
C HIS A 24 16.40 7.05 -30.38
N THR A 25 16.04 8.00 -29.50
CA THR A 25 15.06 9.02 -29.84
C THR A 25 15.66 10.00 -30.87
N ILE A 26 14.79 10.67 -31.62
CA ILE A 26 15.24 11.68 -32.56
C ILE A 26 14.42 12.95 -32.40
N GLY A 27 15.00 14.06 -32.89
CA GLY A 27 14.36 15.36 -32.83
C GLY A 27 15.13 16.39 -32.02
N THR A 28 16.46 16.33 -32.06
CA THR A 28 17.32 17.23 -31.28
C THR A 28 18.57 17.59 -32.07
N GLN A 29 19.31 18.57 -31.53
CA GLN A 29 20.55 19.01 -32.17
C GLN A 29 21.74 18.15 -31.75
N GLY A 30 21.73 17.64 -30.52
CA GLY A 30 22.90 16.99 -29.96
C GLY A 30 23.03 15.52 -30.33
N GLU A 31 23.78 14.80 -29.49
CA GLU A 31 23.88 13.36 -29.57
C GLU A 31 22.85 12.74 -28.63
N GLU A 32 22.21 11.68 -29.08
CA GLU A 32 21.36 10.84 -28.23
C GLU A 32 22.07 9.52 -27.98
N ALA A 33 21.96 9.02 -26.76
CA ALA A 33 22.48 7.70 -26.45
C ALA A 33 21.82 6.64 -27.33
N VAL A 34 22.64 5.76 -27.89
CA VAL A 34 22.11 4.55 -28.54
C VAL A 34 22.07 3.44 -27.49
N ILE A 35 20.90 2.86 -27.30
CA ILE A 35 20.75 1.78 -26.33
C ILE A 35 20.25 0.53 -27.06
N GLN A 36 20.45 -0.63 -26.44
CA GLN A 36 19.97 -1.88 -27.02
C GLN A 36 18.59 -2.17 -26.42
N ALA A 37 17.57 -2.15 -27.27
CA ALA A 37 16.20 -2.22 -26.84
C ALA A 37 15.56 -3.51 -27.32
N PRO A 38 14.61 -4.08 -26.58
CA PRO A 38 13.91 -5.27 -27.04
C PRO A 38 12.87 -4.99 -28.12
N VAL A 39 12.78 -5.90 -29.08
CA VAL A 39 11.70 -5.90 -30.06
C VAL A 39 11.12 -7.30 -30.04
N PRO A 40 9.79 -7.47 -29.80
CA PRO A 40 8.80 -6.42 -29.49
C PRO A 40 9.07 -5.69 -28.18
N GLY A 41 8.56 -4.47 -28.07
CA GLY A 41 8.74 -3.67 -26.86
C GLY A 41 8.09 -2.30 -27.04
N CYS A 42 7.87 -1.63 -25.92
CA CYS A 42 7.41 -0.25 -25.92
C CYS A 42 8.44 0.60 -25.20
N TRP A 43 8.78 1.75 -25.78
CA TRP A 43 9.87 2.48 -25.15
C TRP A 43 9.45 3.14 -23.84
N GLU A 44 8.16 3.21 -23.55
CA GLU A 44 7.74 3.71 -22.24
C GLU A 44 8.18 2.79 -21.11
N ASN A 45 8.56 1.57 -21.44
CA ASN A 45 9.13 0.63 -20.48
C ASN A 45 10.65 0.70 -20.40
N TYR A 46 11.31 1.50 -21.28
CA TYR A 46 12.77 1.59 -21.07
C TYR A 46 13.04 2.74 -20.11
N PRO A 47 13.99 2.56 -19.17
CA PRO A 47 14.20 3.59 -18.15
C PRO A 47 14.32 5.03 -18.65
N ASP A 48 15.02 5.30 -19.76
CA ASP A 48 15.28 6.68 -20.17
C ASP A 48 14.15 7.28 -21.00
N THR A 49 13.12 6.50 -21.35
CA THR A 49 12.04 7.01 -22.17
C THR A 49 10.67 6.69 -21.57
N VAL A 50 10.60 6.46 -20.26
CA VAL A 50 9.30 6.22 -19.60
C VAL A 50 8.27 7.31 -19.92
N SER A 51 8.69 8.54 -20.16
CA SER A 51 7.78 9.64 -20.48
C SER A 51 7.93 10.20 -21.90
N TYR A 52 8.60 9.50 -22.82
CA TYR A 52 8.93 10.08 -24.11
C TYR A 52 7.77 9.98 -25.11
N ARG A 53 7.33 11.12 -25.64
CA ARG A 53 6.39 11.17 -26.75
C ARG A 53 7.05 11.91 -27.91
N GLY A 54 7.09 11.27 -29.07
CA GLY A 54 7.85 11.78 -30.20
C GLY A 54 8.22 10.66 -31.15
N GLN A 55 9.24 10.92 -31.97
CA GLN A 55 9.83 9.94 -32.86
C GLN A 55 11.04 9.26 -32.23
N ALA A 56 11.26 8.02 -32.62
CA ALA A 56 12.48 7.31 -32.24
C ALA A 56 12.85 6.36 -33.37
N SER A 57 14.13 5.95 -33.40
CA SER A 57 14.61 5.07 -34.45
C SER A 57 15.01 3.71 -33.89
N TYR A 58 14.53 2.64 -34.53
CA TYR A 58 14.98 1.27 -34.30
C TYR A 58 15.73 0.76 -35.51
N SER A 59 16.87 0.10 -35.29
CA SER A 59 17.61 -0.41 -36.43
C SER A 59 18.33 -1.70 -36.08
N ARG A 60 18.54 -2.53 -37.10
CA ARG A 60 19.35 -3.74 -37.03
C ARG A 60 19.77 -4.10 -38.45
N GLU A 61 20.49 -5.20 -38.60
CA GLU A 61 20.88 -5.69 -39.91
C GLU A 61 20.21 -7.03 -40.20
N PHE A 62 20.08 -7.33 -41.49
CA PHE A 62 19.59 -8.63 -41.91
C PHE A 62 20.29 -9.01 -43.20
N GLU A 63 20.20 -10.29 -43.53
CA GLU A 63 20.85 -10.87 -44.69
C GLU A 63 19.79 -11.43 -45.62
N ALA A 64 19.81 -11.02 -46.88
CA ALA A 64 18.77 -11.43 -47.81
C ALA A 64 19.18 -11.09 -49.23
N LYS A 65 18.49 -11.72 -50.18
CA LYS A 65 18.73 -11.56 -51.62
C LYS A 65 17.40 -11.68 -52.36
N GLY A 66 17.32 -11.00 -53.50
CA GLY A 66 16.17 -11.20 -54.36
C GLY A 66 14.95 -10.45 -53.88
N ASN A 67 13.78 -11.01 -54.16
CA ASN A 67 12.53 -10.41 -53.74
C ASN A 67 12.26 -10.75 -52.27
N ILE A 68 12.03 -9.72 -51.45
CA ILE A 68 11.80 -9.91 -50.02
C ILE A 68 10.50 -9.24 -49.59
N ARG A 69 9.97 -9.72 -48.48
CA ARG A 69 8.82 -9.14 -47.82
C ARG A 69 9.16 -8.99 -46.36
N LEU A 70 9.04 -7.77 -45.84
CA LEU A 70 9.13 -7.51 -44.41
C LEU A 70 7.71 -7.33 -43.87
N GLU A 71 7.29 -8.22 -42.98
CA GLU A 71 5.99 -8.08 -42.32
C GLU A 71 6.17 -7.51 -40.91
N PHE A 72 5.45 -6.43 -40.64
CA PHE A 72 5.41 -5.81 -39.33
C PHE A 72 4.05 -6.07 -38.69
N LYS A 73 4.05 -6.75 -37.54
CA LYS A 73 2.78 -7.08 -36.90
C LYS A 73 2.21 -5.92 -36.09
N GLY A 74 3.03 -4.99 -35.65
CA GLY A 74 2.53 -3.76 -35.08
C GLY A 74 3.63 -2.78 -34.74
N VAL A 75 3.51 -1.54 -35.20
CA VAL A 75 4.41 -0.46 -34.80
C VAL A 75 3.54 0.65 -34.22
N SER A 76 3.84 1.06 -32.98
CA SER A 76 3.04 2.06 -32.27
C SER A 76 3.62 3.46 -32.44
N HIS A 77 2.82 4.39 -32.99
CA HIS A 77 1.60 4.10 -33.74
C HIS A 77 1.75 4.50 -35.22
N THR A 78 2.79 5.27 -35.54
CA THR A 78 3.08 5.68 -36.91
C THR A 78 4.49 5.23 -37.29
N ALA A 79 4.63 4.56 -38.43
CA ALA A 79 5.88 3.90 -38.83
C ALA A 79 6.39 4.40 -40.17
N SER A 80 7.72 4.50 -40.29
CA SER A 80 8.42 4.65 -41.57
C SER A 80 9.53 3.63 -41.61
N VAL A 81 9.57 2.84 -42.69
CA VAL A 81 10.52 1.75 -42.85
C VAL A 81 11.55 2.15 -43.89
N LEU A 82 12.83 2.06 -43.53
CA LEU A 82 13.93 2.36 -44.42
C LEU A 82 14.82 1.12 -44.51
N VAL A 83 15.13 0.72 -45.75
CA VAL A 83 16.05 -0.38 -46.03
C VAL A 83 17.23 0.20 -46.81
N ASP A 84 18.45 -0.02 -46.30
CA ASP A 84 19.66 0.54 -46.90
C ASP A 84 19.54 2.05 -47.10
N GLY A 85 18.89 2.72 -46.16
CA GLY A 85 18.75 4.16 -46.19
C GLY A 85 17.63 4.69 -47.05
N LYS A 86 16.95 3.84 -47.81
CA LYS A 86 15.89 4.29 -48.69
C LYS A 86 14.54 4.08 -48.04
N PRO A 87 13.67 5.10 -47.98
CA PRO A 87 12.30 4.88 -47.51
C PRO A 87 11.55 3.93 -48.42
N VAL A 88 10.98 2.88 -47.84
CA VAL A 88 10.32 1.82 -48.60
C VAL A 88 8.89 1.55 -48.14
N GLY A 89 8.43 2.17 -47.07
CA GLY A 89 7.10 1.89 -46.56
C GLY A 89 6.76 2.78 -45.40
N SER A 90 5.45 2.88 -45.15
CA SER A 90 4.97 3.64 -44.01
C SER A 90 3.61 3.08 -43.59
N HIS A 91 3.21 3.43 -42.36
CA HIS A 91 2.00 2.86 -41.79
C HIS A 91 1.47 3.73 -40.67
N TYR A 92 0.15 3.71 -40.51
CA TYR A 92 -0.53 4.31 -39.37
C TYR A 92 -1.44 3.28 -38.75
N ASN A 93 -1.47 3.28 -37.39
CA ASN A 93 -2.29 2.47 -36.49
C ASN A 93 -1.44 1.38 -35.85
N ALA A 94 -1.38 1.40 -34.52
CA ALA A 94 -0.47 0.53 -33.78
C ALA A 94 -0.87 -0.93 -33.84
N TYR A 95 -2.12 -1.23 -34.20
CA TYR A 95 -2.73 -2.47 -33.78
C TYR A 95 -3.03 -3.42 -34.92
N THR A 96 -2.71 -3.08 -36.17
CA THR A 96 -2.94 -3.93 -37.33
C THR A 96 -1.62 -4.16 -38.07
N PRO A 97 -1.44 -5.34 -38.67
CA PRO A 97 -0.18 -5.64 -39.35
C PRO A 97 -0.12 -5.01 -40.73
N PHE A 98 1.10 -4.84 -41.22
CA PHE A 98 1.35 -4.32 -42.55
C PHE A 98 2.63 -4.94 -43.07
N ASP A 99 2.91 -4.76 -44.36
CA ASP A 99 4.14 -5.34 -44.92
C ASP A 99 4.79 -4.39 -45.92
N VAL A 100 6.07 -4.63 -46.16
CA VAL A 100 6.86 -3.96 -47.19
C VAL A 100 7.40 -5.04 -48.10
N VAL A 101 7.22 -4.87 -49.40
CA VAL A 101 7.70 -5.81 -50.41
C VAL A 101 8.75 -5.12 -51.27
N LEU A 102 9.90 -5.77 -51.42
CA LEU A 102 11.04 -5.19 -52.12
C LEU A 102 11.51 -6.12 -53.21
N LYS A 103 11.62 -5.59 -54.42
CA LYS A 103 11.94 -6.41 -55.59
C LYS A 103 13.43 -6.43 -55.82
N ASP A 104 13.96 -7.64 -55.95
CA ASP A 104 15.31 -7.93 -56.48
C ASP A 104 16.37 -7.03 -55.84
N ILE A 105 16.59 -7.25 -54.54
CA ILE A 105 17.61 -6.51 -53.80
C ILE A 105 18.93 -7.24 -53.95
N ARG A 106 20.03 -6.49 -53.87
CA ARG A 106 21.36 -7.08 -53.95
C ARG A 106 21.55 -8.11 -52.82
N PRO A 107 22.36 -9.13 -53.04
CA PRO A 107 22.64 -10.09 -51.96
C PRO A 107 23.53 -9.45 -50.90
N GLY A 108 23.54 -10.07 -49.72
CA GLY A 108 24.39 -9.61 -48.65
C GLY A 108 23.67 -8.99 -47.47
N ILE A 109 24.37 -8.11 -46.74
CA ILE A 109 23.89 -7.55 -45.49
C ILE A 109 23.20 -6.23 -45.78
N HIS A 110 21.98 -6.07 -45.27
CA HIS A 110 21.21 -4.85 -45.42
C HIS A 110 20.95 -4.19 -44.06
N GLN A 111 20.69 -2.88 -44.10
CA GLN A 111 20.35 -2.12 -42.91
C GLN A 111 18.85 -1.88 -42.89
N LEU A 112 18.19 -2.31 -41.82
CA LEU A 112 16.78 -2.04 -41.58
C LEU A 112 16.64 -0.98 -40.50
N GLU A 113 15.87 0.05 -40.79
CA GLU A 113 15.60 1.09 -39.80
C GLU A 113 14.12 1.40 -39.81
N VAL A 114 13.52 1.42 -38.63
CA VAL A 114 12.11 1.77 -38.46
C VAL A 114 12.04 3.03 -37.62
N ILE A 115 11.38 4.06 -38.16
CA ILE A 115 11.08 5.27 -37.39
C ILE A 115 9.68 5.07 -36.82
N ALA A 116 9.59 5.00 -35.50
CA ALA A 116 8.31 4.87 -34.81
C ALA A 116 7.97 6.20 -34.16
N ASP A 117 6.69 6.53 -34.17
CA ASP A 117 6.21 7.83 -33.71
C ASP A 117 4.90 7.63 -32.96
N ASN A 118 4.82 8.13 -31.72
CA ASN A 118 3.58 8.08 -30.94
C ASN A 118 3.01 9.47 -30.65
N SER A 119 3.47 10.49 -31.40
CA SER A 119 2.96 11.85 -31.24
C SER A 119 1.46 11.91 -31.48
N PHE A 120 0.80 12.81 -30.74
CA PHE A 120 -0.57 13.20 -31.03
C PHE A 120 -0.56 14.45 -31.90
N GLY A 121 -1.62 14.64 -32.68
CA GLY A 121 -1.76 15.80 -33.51
C GLY A 121 -2.66 15.56 -34.70
N PRO A 122 -2.73 16.55 -35.61
CA PRO A 122 -3.73 16.48 -36.71
C PRO A 122 -3.58 15.30 -37.64
N ASP A 123 -2.37 14.78 -37.81
CA ASP A 123 -2.18 13.64 -38.72
C ASP A 123 -2.81 12.37 -38.17
N SER A 124 -3.07 12.31 -36.85
CA SER A 124 -3.48 11.08 -36.18
C SER A 124 -4.93 11.23 -35.72
N ALA A 125 -5.84 10.54 -36.39
CA ALA A 125 -7.26 10.66 -36.04
C ALA A 125 -7.75 9.60 -35.07
N LEU A 126 -7.03 8.48 -34.96
CA LEU A 126 -7.42 7.39 -34.08
C LEU A 126 -6.67 7.44 -32.75
N HIS A 127 -5.34 7.52 -32.81
CA HIS A 127 -4.53 7.74 -31.62
C HIS A 127 -4.61 9.21 -31.23
N VAL A 128 -5.31 9.47 -30.12
CA VAL A 128 -5.54 10.81 -29.55
C VAL A 128 -5.36 10.74 -28.04
N PRO A 129 -5.27 11.86 -27.31
CA PRO A 129 -5.33 11.77 -25.85
C PRO A 129 -6.63 11.08 -25.48
N ASN A 130 -6.53 10.00 -24.70
CA ASN A 130 -7.68 9.12 -24.54
C ASN A 130 -7.53 8.35 -23.22
N ASP A 131 -8.57 7.57 -22.92
CA ASP A 131 -8.66 6.73 -21.71
C ASP A 131 -7.91 5.41 -21.84
N TYR A 132 -6.75 5.46 -22.49
CA TYR A 132 -5.78 4.37 -22.59
C TYR A 132 -4.55 4.97 -23.25
N GLN A 133 -3.43 4.27 -23.13
CA GLN A 133 -2.14 4.84 -23.53
C GLN A 133 -1.83 4.50 -24.99
N SER A 134 -1.31 5.49 -25.73
CA SER A 134 -0.74 5.27 -27.08
C SER A 134 0.77 5.15 -26.91
N TYR A 135 1.28 3.91 -26.93
CA TYR A 135 2.69 3.67 -26.67
C TYR A 135 3.51 4.01 -27.91
N GLY A 136 4.83 3.96 -27.76
CA GLY A 136 5.74 4.10 -28.90
C GLY A 136 6.61 2.87 -29.00
N GLY A 137 6.81 2.39 -30.22
CA GLY A 137 7.76 1.32 -30.42
C GLY A 137 7.31 0.23 -31.36
N ILE A 138 8.17 -0.76 -31.56
CA ILE A 138 7.84 -1.93 -32.37
C ILE A 138 7.22 -2.91 -31.38
N SER A 139 5.90 -2.82 -31.22
CA SER A 139 5.19 -3.48 -30.14
C SER A 139 4.74 -4.91 -30.45
N ARG A 140 4.79 -5.34 -31.72
CA ARG A 140 4.57 -6.73 -32.10
C ARG A 140 5.69 -7.13 -33.08
N GLY A 141 5.68 -8.39 -33.50
CA GLY A 141 6.86 -8.97 -34.13
C GLY A 141 7.15 -8.46 -35.54
N VAL A 142 8.30 -8.88 -36.06
CA VAL A 142 8.80 -8.51 -37.38
C VAL A 142 9.34 -9.76 -38.07
N VAL A 143 8.97 -9.94 -39.34
CA VAL A 143 9.29 -11.17 -40.07
C VAL A 143 9.91 -10.79 -41.42
N LEU A 144 11.06 -11.40 -41.73
CA LEU A 144 11.70 -11.29 -43.04
C LEU A 144 11.41 -12.55 -43.85
N GLU A 145 10.88 -12.38 -45.05
CA GLU A 145 10.53 -13.47 -45.95
C GLU A 145 11.26 -13.25 -47.27
N GLU A 146 11.87 -14.32 -47.79
CA GLU A 146 12.52 -14.30 -49.08
C GLU A 146 11.58 -14.96 -50.08
N LEU A 147 11.20 -14.21 -51.11
CA LEU A 147 10.18 -14.65 -52.05
C LEU A 147 10.80 -15.04 -53.38
N GLY A 148 9.96 -15.67 -54.21
CA GLY A 148 10.27 -15.94 -55.58
C GLY A 148 9.58 -14.96 -56.50
N GLU A 149 9.05 -15.48 -57.61
CA GLU A 149 8.35 -14.67 -58.59
C GLU A 149 6.93 -14.33 -58.17
N ALA A 150 6.32 -15.14 -57.30
CA ALA A 150 4.95 -14.92 -56.84
C ALA A 150 4.75 -15.60 -55.50
N TYR A 151 3.77 -15.11 -54.74
CA TYR A 151 3.54 -15.63 -53.39
C TYR A 151 2.08 -15.52 -53.00
N LEU A 152 1.71 -16.31 -52.00
CA LEU A 152 0.35 -16.33 -51.45
C LEU A 152 0.21 -15.21 -50.42
N SER A 153 -0.62 -14.22 -50.74
CA SER A 153 -0.82 -13.07 -49.86
C SER A 153 -1.73 -13.38 -48.67
N TRP A 154 -2.80 -14.14 -48.87
CA TRP A 154 -3.65 -14.62 -47.77
C TRP A 154 -4.56 -15.74 -48.30
N ILE A 155 -5.13 -16.48 -47.35
CA ILE A 155 -6.18 -17.47 -47.60
C ILE A 155 -7.29 -17.28 -46.57
N HIS A 156 -8.54 -17.27 -47.03
CA HIS A 156 -9.73 -17.14 -46.17
C HIS A 156 -10.60 -18.36 -46.34
N PHE A 157 -10.87 -19.05 -45.24
CA PHE A 157 -11.73 -20.22 -45.23
C PHE A 157 -13.02 -19.88 -44.50
N THR A 158 -14.15 -20.31 -45.05
CA THR A 158 -15.46 -20.07 -44.49
C THR A 158 -16.19 -21.39 -44.28
N PRO A 159 -16.53 -21.78 -43.05
CA PRO A 159 -17.38 -22.95 -42.86
C PRO A 159 -18.86 -22.61 -43.02
N PHE A 160 -19.63 -23.63 -43.43
CA PHE A 160 -21.07 -23.56 -43.59
C PHE A 160 -21.70 -24.80 -42.96
N LEU A 161 -22.70 -24.60 -42.11
CA LEU A 161 -23.47 -25.71 -41.54
C LEU A 161 -24.72 -25.90 -42.39
N ARG A 162 -24.75 -27.00 -43.14
CA ARG A 162 -25.91 -27.37 -43.94
C ARG A 162 -26.72 -28.44 -43.21
N LYS A 163 -27.93 -28.70 -43.73
CA LYS A 163 -28.77 -29.74 -43.15
C LYS A 163 -28.04 -31.07 -43.00
N ASP A 164 -27.12 -31.38 -43.90
CA ASP A 164 -26.42 -32.66 -43.88
C ASP A 164 -25.02 -32.58 -43.29
N GLY A 165 -24.62 -31.43 -42.73
CA GLY A 165 -23.31 -31.38 -42.10
C GLY A 165 -22.47 -30.24 -42.63
N TRP A 166 -21.18 -30.32 -42.38
CA TRP A 166 -20.28 -29.20 -42.59
C TRP A 166 -19.81 -29.14 -44.04
N TYR A 167 -19.94 -27.96 -44.63
CA TYR A 167 -19.35 -27.59 -45.91
C TYR A 167 -18.35 -26.46 -45.69
N GLY A 168 -17.56 -26.18 -46.71
CA GLY A 168 -16.50 -25.18 -46.61
C GLY A 168 -16.16 -24.61 -47.96
N LYS A 169 -15.65 -23.39 -47.94
CA LYS A 169 -15.22 -22.65 -49.11
C LYS A 169 -13.90 -21.95 -48.78
N ALA A 170 -12.93 -21.99 -49.70
CA ALA A 170 -11.64 -21.36 -49.52
C ALA A 170 -11.40 -20.32 -50.60
N GLU A 171 -10.80 -19.20 -50.22
CA GLU A 171 -10.48 -18.14 -51.17
C GLU A 171 -9.04 -17.74 -50.91
N ILE A 172 -8.26 -17.66 -51.97
CA ILE A 172 -6.84 -17.42 -51.87
C ILE A 172 -6.47 -16.26 -52.76
N CYS A 173 -5.58 -15.40 -52.27
CA CYS A 173 -5.11 -14.25 -52.99
C CYS A 173 -3.64 -14.46 -53.35
N VAL A 174 -3.31 -14.35 -54.65
CA VAL A 174 -1.95 -14.54 -55.13
C VAL A 174 -1.46 -13.25 -55.75
N ARG A 175 -0.22 -12.89 -55.44
CA ARG A 175 0.40 -11.69 -55.98
C ARG A 175 1.59 -12.12 -56.84
N ASN A 176 1.59 -11.67 -58.09
CA ASN A 176 2.68 -11.91 -59.02
C ASN A 176 3.60 -10.69 -58.98
N LEU A 177 4.87 -10.92 -58.67
CA LEU A 177 5.86 -9.85 -58.68
C LEU A 177 6.63 -9.77 -60.00
N SER A 178 6.41 -10.72 -60.91
CA SER A 178 7.04 -10.72 -62.22
C SER A 178 6.29 -9.80 -63.18
N SER A 179 7.05 -9.14 -64.06
CA SER A 179 6.44 -8.26 -65.06
C SER A 179 5.66 -9.04 -66.11
N GLY A 180 5.89 -10.34 -66.26
CA GLY A 180 5.19 -11.14 -67.23
C GLY A 180 4.04 -11.96 -66.64
N ARG A 181 3.16 -12.41 -67.54
CA ARG A 181 2.06 -13.29 -67.18
C ARG A 181 2.59 -14.55 -66.48
N LEU A 182 1.81 -15.08 -65.54
CA LEU A 182 2.23 -16.22 -64.73
C LEU A 182 1.12 -17.27 -64.67
N ASP A 183 1.52 -18.55 -64.69
CA ASP A 183 0.61 -19.68 -64.68
C ASP A 183 0.98 -20.63 -63.56
N GLY A 184 0.00 -21.37 -63.08
CA GLY A 184 0.23 -22.36 -62.05
C GLY A 184 -1.08 -22.79 -61.42
N SER A 185 -0.96 -23.49 -60.30
CA SER A 185 -2.12 -23.92 -59.54
C SER A 185 -1.85 -23.73 -58.05
N VAL A 186 -2.93 -23.78 -57.27
CA VAL A 186 -2.83 -23.77 -55.82
C VAL A 186 -3.55 -25.01 -55.29
N GLU A 187 -2.84 -25.81 -54.49
CA GLU A 187 -3.39 -27.00 -53.88
C GLU A 187 -3.69 -26.73 -52.40
N VAL A 188 -4.91 -27.06 -51.98
CA VAL A 188 -5.44 -26.67 -50.66
C VAL A 188 -5.82 -27.93 -49.90
N GLU A 189 -5.23 -28.11 -48.73
CA GLU A 189 -5.58 -29.20 -47.83
C GLU A 189 -5.98 -28.65 -46.47
N ILE A 190 -6.97 -29.30 -45.85
CA ILE A 190 -7.44 -28.92 -44.52
C ILE A 190 -7.26 -30.13 -43.62
N GLY A 191 -6.33 -30.02 -42.67
CA GLY A 191 -6.04 -31.12 -41.77
C GLY A 191 -5.63 -32.39 -42.49
N LYS A 192 -4.84 -32.26 -43.55
CA LYS A 192 -4.38 -33.36 -44.40
C LYS A 192 -5.48 -34.01 -45.22
N ASN A 193 -6.72 -33.53 -45.17
CA ASN A 193 -7.73 -33.95 -46.13
C ASN A 193 -7.56 -33.14 -47.42
N SER A 194 -7.75 -33.81 -48.56
CA SER A 194 -7.74 -33.08 -49.82
C SER A 194 -8.95 -32.18 -49.90
N PHE A 195 -8.75 -30.99 -50.47
CA PHE A 195 -9.87 -30.04 -50.54
C PHE A 195 -10.07 -29.51 -51.94
N ALA A 196 -9.05 -28.91 -52.54
CA ALA A 196 -9.23 -28.35 -53.87
C ALA A 196 -7.88 -28.08 -54.48
N VAL A 197 -7.87 -28.00 -55.81
CA VAL A 197 -6.74 -27.50 -56.59
C VAL A 197 -7.29 -26.41 -57.50
N LEU A 198 -6.81 -25.19 -57.33
CA LEU A 198 -7.30 -24.04 -58.08
C LEU A 198 -6.31 -23.70 -59.18
N PRO A 199 -6.73 -23.65 -60.44
CA PRO A 199 -5.82 -23.15 -61.49
C PRO A 199 -5.69 -21.64 -61.41
N ILE A 200 -4.45 -21.15 -61.52
CA ILE A 200 -4.11 -19.75 -61.33
C ILE A 200 -3.59 -19.20 -62.65
N VAL A 201 -4.09 -18.03 -63.04
CA VAL A 201 -3.50 -17.26 -64.12
C VAL A 201 -3.45 -15.81 -63.69
N LEU A 202 -2.24 -15.24 -63.64
CA LEU A 202 -2.02 -13.87 -63.24
C LEU A 202 -1.29 -13.13 -64.35
N GLU A 203 -1.81 -11.96 -64.71
CA GLU A 203 -1.07 -11.06 -65.59
C GLU A 203 0.05 -10.37 -64.80
N GLY A 204 1.00 -9.80 -65.53
CA GLY A 204 2.15 -9.18 -64.90
C GLY A 204 1.81 -8.22 -63.77
N GLU A 205 2.43 -8.46 -62.61
CA GLU A 205 2.26 -7.58 -61.44
C GLU A 205 0.82 -7.52 -60.97
N GLU A 206 0.06 -8.58 -61.20
CA GLU A 206 -1.34 -8.63 -60.79
C GLU A 206 -1.46 -9.34 -59.44
N GLU A 207 -2.29 -8.78 -58.57
CA GLU A 207 -2.78 -9.48 -57.39
C GLU A 207 -4.26 -9.78 -57.61
N LYS A 208 -4.63 -11.05 -57.44
CA LYS A 208 -6.01 -11.47 -57.66
C LYS A 208 -6.32 -12.65 -56.75
N SER A 209 -7.61 -12.82 -56.42
CA SER A 209 -8.06 -13.94 -55.62
C SER A 209 -8.85 -14.93 -56.45
N PHE A 210 -8.87 -16.17 -55.99
CA PHE A 210 -9.51 -17.29 -56.65
C PHE A 210 -10.25 -18.09 -55.58
N SER A 211 -11.48 -18.47 -55.85
CA SER A 211 -12.30 -19.17 -54.87
C SER A 211 -12.57 -20.59 -55.33
N THR A 212 -12.61 -21.50 -54.35
CA THR A 212 -13.16 -22.82 -54.60
C THR A 212 -14.67 -22.77 -54.52
N GLU A 213 -15.30 -23.86 -54.95
CA GLU A 213 -16.71 -24.02 -54.71
C GLU A 213 -16.94 -24.45 -53.27
N GLU A 214 -18.21 -24.39 -52.85
CA GLU A 214 -18.63 -24.93 -51.57
C GLU A 214 -18.56 -26.45 -51.61
N LEU A 215 -17.64 -27.03 -50.83
CA LEU A 215 -17.35 -28.45 -50.84
C LEU A 215 -17.76 -29.12 -49.54
N PRO A 216 -18.14 -30.39 -49.57
CA PRO A 216 -18.47 -31.08 -48.31
C PRO A 216 -17.21 -31.32 -47.49
N CYS A 217 -17.40 -31.36 -46.16
CA CYS A 217 -16.33 -31.65 -45.21
C CYS A 217 -16.85 -32.67 -44.20
N PRO A 218 -17.15 -33.90 -44.65
CA PRO A 218 -17.81 -34.87 -43.76
C PRO A 218 -16.92 -35.35 -42.63
N TRP A 219 -15.63 -35.11 -42.70
CA TRP A 219 -14.68 -35.45 -41.64
C TRP A 219 -14.59 -34.40 -40.53
N ALA A 220 -15.26 -33.26 -40.65
CA ALA A 220 -14.96 -32.12 -39.80
C ALA A 220 -15.72 -32.21 -38.48
N GLU A 221 -15.01 -31.93 -37.38
CA GLU A 221 -15.65 -31.77 -36.08
C GLU A 221 -15.83 -30.30 -35.73
N CYS A 222 -16.81 -30.04 -34.86
CA CYS A 222 -17.15 -28.69 -34.45
C CYS A 222 -16.04 -28.04 -33.64
N TRP A 223 -15.88 -26.74 -33.85
CA TRP A 223 -15.23 -25.87 -32.88
C TRP A 223 -16.32 -25.26 -32.01
N SER A 224 -16.08 -25.27 -30.70
CA SER A 224 -16.99 -24.65 -29.75
C SER A 224 -16.23 -24.40 -28.46
N PRO A 225 -16.76 -23.55 -27.58
CA PRO A 225 -16.12 -23.37 -26.26
C PRO A 225 -15.82 -24.67 -25.54
N GLU A 226 -16.71 -25.66 -25.61
CA GLU A 226 -16.49 -26.93 -24.92
C GLU A 226 -15.51 -27.84 -25.65
N SER A 227 -15.32 -27.64 -26.95
CA SER A 227 -14.48 -28.51 -27.76
C SER A 227 -13.83 -27.69 -28.87
N PRO A 228 -12.73 -26.98 -28.57
CA PRO A 228 -12.18 -26.10 -29.61
C PRO A 228 -11.27 -26.81 -30.60
N VAL A 229 -11.86 -27.64 -31.46
CA VAL A 229 -11.10 -28.38 -32.46
C VAL A 229 -10.65 -27.44 -33.57
N LEU A 230 -9.36 -27.48 -33.90
CA LEU A 230 -8.78 -26.65 -34.95
C LEU A 230 -8.16 -27.52 -36.03
N TYR A 231 -8.09 -26.98 -37.25
CA TYR A 231 -7.43 -27.65 -38.35
C TYR A 231 -6.45 -26.71 -39.02
N LEU A 232 -5.30 -27.24 -39.42
CA LEU A 232 -4.41 -26.47 -40.29
C LEU A 232 -4.94 -26.53 -41.73
N ILE A 233 -5.06 -25.37 -42.37
CA ILE A 233 -5.38 -25.29 -43.78
C ILE A 233 -4.09 -24.90 -44.49
N THR A 234 -3.73 -25.67 -45.52
CA THR A 234 -2.48 -25.46 -46.25
C THR A 234 -2.76 -25.14 -47.71
N ALA A 235 -2.10 -24.13 -48.24
CA ALA A 235 -2.17 -23.81 -49.65
C ALA A 235 -0.75 -23.82 -50.22
N VAL A 236 -0.50 -24.66 -51.22
CA VAL A 236 0.79 -24.73 -51.88
C VAL A 236 0.62 -24.22 -53.31
N LEU A 237 1.34 -23.15 -53.64
CA LEU A 237 1.38 -22.61 -54.99
C LEU A 237 2.49 -23.31 -55.78
N ARG A 238 2.13 -23.81 -56.96
CA ARG A 238 3.09 -24.42 -57.89
C ARG A 238 3.03 -23.68 -59.22
N THR A 239 4.19 -23.23 -59.69
CA THR A 239 4.36 -22.62 -61.01
C THR A 239 5.20 -23.55 -61.89
N ALA A 240 5.86 -22.97 -62.89
CA ALA A 240 6.85 -23.68 -63.71
C ALA A 240 8.16 -23.89 -62.95
N ALA A 244 6.44 -24.25 -54.82
CA ALA A 244 7.22 -23.03 -54.95
C ALA A 244 6.90 -21.99 -53.83
N ASP A 245 5.67 -21.99 -53.31
CA ASP A 245 5.33 -21.13 -52.17
C ASP A 245 4.17 -21.75 -51.42
N ASP A 246 4.05 -21.41 -50.13
CA ASP A 246 2.91 -21.87 -49.34
C ASP A 246 2.40 -20.77 -48.42
N ILE A 247 1.22 -21.04 -47.85
CA ILE A 247 0.70 -20.34 -46.68
C ILE A 247 -0.06 -21.37 -45.87
N ILE A 248 0.11 -21.33 -44.55
CA ILE A 248 -0.59 -22.22 -43.64
C ILE A 248 -1.33 -21.36 -42.61
N ASP A 249 -2.60 -21.69 -42.37
CA ASP A 249 -3.41 -20.99 -41.37
C ASP A 249 -4.15 -22.02 -40.52
N ARG A 250 -5.02 -21.57 -39.62
CA ARG A 250 -5.82 -22.48 -38.81
C ARG A 250 -7.29 -22.10 -38.86
N VAL A 251 -8.16 -23.11 -38.87
CA VAL A 251 -9.59 -22.89 -38.98
C VAL A 251 -10.29 -23.73 -37.92
N GLY A 252 -11.52 -23.33 -37.63
CA GLY A 252 -12.43 -24.16 -36.85
C GLY A 252 -13.79 -24.11 -37.51
N PHE A 253 -14.51 -25.22 -37.41
CA PHE A 253 -15.83 -25.35 -38.03
C PHE A 253 -16.89 -24.96 -37.00
N ARG A 254 -17.35 -23.71 -37.06
CA ARG A 254 -18.45 -23.26 -36.23
C ARG A 254 -19.30 -22.27 -37.00
N GLU A 255 -20.58 -22.20 -36.66
CA GLU A 255 -21.49 -21.24 -37.25
C GLU A 255 -21.84 -20.18 -36.21
N ILE A 256 -21.81 -18.92 -36.63
CA ILE A 256 -22.28 -17.83 -35.79
C ILE A 256 -23.33 -17.07 -36.59
N ARG A 257 -24.54 -16.99 -36.05
CA ARG A 257 -25.58 -16.22 -36.70
C ARG A 257 -26.54 -15.71 -35.62
N THR A 258 -27.32 -14.68 -35.97
CA THR A 258 -28.39 -14.21 -35.11
C THR A 258 -29.72 -14.65 -35.68
N GLU A 259 -30.66 -14.91 -34.78
CA GLU A 259 -32.02 -15.28 -35.14
C GLU A 259 -32.92 -14.68 -34.07
N GLY A 260 -33.72 -13.69 -34.44
CA GLY A 260 -34.52 -13.01 -33.44
C GLY A 260 -33.62 -12.30 -32.43
N LYS A 261 -33.90 -12.52 -31.14
CA LYS A 261 -33.10 -11.97 -30.06
C LYS A 261 -31.97 -12.91 -29.63
N ASP A 262 -31.65 -13.92 -30.42
CA ASP A 262 -30.67 -14.94 -30.03
C ASP A 262 -29.39 -14.81 -30.84
N ILE A 263 -28.25 -14.88 -30.17
CA ILE A 263 -26.97 -15.11 -30.82
C ILE A 263 -26.73 -16.61 -30.78
N LEU A 264 -26.64 -17.24 -31.95
CA LEU A 264 -26.59 -18.69 -32.06
C LEU A 264 -25.19 -19.11 -32.47
N LEU A 265 -24.58 -19.99 -31.66
CA LEU A 265 -23.31 -20.62 -32.01
C LEU A 265 -23.57 -22.10 -32.26
N ASN A 266 -23.35 -22.57 -33.49
CA ASN A 266 -23.65 -23.96 -33.85
C ASN A 266 -25.08 -24.33 -33.46
N GLY A 267 -25.99 -23.37 -33.57
CA GLY A 267 -27.39 -23.62 -33.32
C GLY A 267 -27.84 -23.43 -31.89
N ARG A 268 -26.93 -23.11 -30.96
CA ARG A 268 -27.27 -23.00 -29.55
C ARG A 268 -27.29 -21.54 -29.12
N LYS A 269 -28.21 -21.19 -28.22
CA LYS A 269 -28.38 -19.79 -27.78
C LYS A 269 -27.25 -19.45 -26.83
N LEU A 270 -26.35 -18.59 -27.29
CA LEU A 270 -25.14 -18.23 -26.56
C LEU A 270 -25.41 -17.26 -25.40
N ARG A 271 -24.78 -17.52 -24.26
CA ARG A 271 -24.69 -16.55 -23.17
C ARG A 271 -23.25 -16.05 -23.06
N ILE A 272 -23.07 -14.74 -23.19
CA ILE A 272 -21.75 -14.12 -23.12
C ILE A 272 -21.41 -13.80 -21.67
N LYS A 273 -20.31 -14.36 -21.17
CA LYS A 273 -19.74 -14.11 -19.84
C LYS A 273 -18.34 -13.54 -20.06
N GLY A 274 -18.21 -12.23 -20.22
CA GLY A 274 -17.04 -11.66 -20.82
C GLY A 274 -16.29 -10.65 -19.96
N PHE A 275 -15.10 -10.31 -20.46
CA PHE A 275 -14.27 -9.23 -19.94
C PHE A 275 -13.83 -8.33 -21.09
N CYS A 276 -13.93 -7.04 -20.86
CA CYS A 276 -13.16 -6.11 -21.64
C CYS A 276 -11.70 -6.24 -21.22
N ARG A 277 -10.79 -6.36 -22.19
CA ARG A 277 -9.37 -6.43 -21.86
C ARG A 277 -8.57 -5.58 -22.84
N HIS A 278 -7.87 -4.58 -22.29
CA HIS A 278 -6.85 -3.82 -23.01
C HIS A 278 -5.56 -4.62 -23.12
N GLU A 279 -4.82 -4.38 -24.19
CA GLU A 279 -3.42 -4.78 -24.27
C GLU A 279 -2.60 -3.78 -23.46
N ASP A 280 -2.51 -4.01 -22.15
CA ASP A 280 -1.74 -3.10 -21.30
C ASP A 280 -1.16 -3.87 -20.12
N HIS A 281 0.06 -3.49 -19.72
CA HIS A 281 0.74 -4.20 -18.64
C HIS A 281 1.83 -3.26 -18.13
N PRO A 282 2.10 -3.24 -16.82
CA PRO A 282 3.02 -2.23 -16.26
C PRO A 282 4.47 -2.42 -16.68
N GLN A 283 4.89 -3.61 -17.07
CA GLN A 283 6.27 -3.82 -17.52
C GLN A 283 6.38 -3.90 -19.03
N PHE A 284 5.32 -4.28 -19.72
CA PHE A 284 5.42 -4.58 -21.14
C PHE A 284 4.63 -3.62 -22.01
N GLY A 285 3.97 -2.61 -21.42
CA GLY A 285 3.25 -1.65 -22.25
C GLY A 285 2.12 -2.39 -22.97
N CYS A 286 2.07 -2.25 -24.29
CA CYS A 286 1.14 -3.08 -25.05
C CYS A 286 1.85 -4.22 -25.76
N ALA A 287 3.12 -4.44 -25.44
CA ALA A 287 3.89 -5.52 -26.04
C ALA A 287 3.98 -6.69 -25.06
N LEU A 288 2.83 -7.32 -24.85
CA LEU A 288 2.84 -8.42 -23.88
C LEU A 288 3.37 -9.69 -24.53
N PRO A 289 4.31 -10.39 -23.88
CA PRO A 289 4.77 -11.67 -24.41
C PRO A 289 3.75 -12.76 -24.16
N PHE A 290 3.96 -13.86 -24.88
CA PHE A 290 3.14 -15.06 -24.76
C PHE A 290 2.81 -15.41 -23.31
N SER A 291 3.84 -15.42 -22.45
CA SER A 291 3.65 -15.82 -21.07
C SER A 291 2.66 -14.90 -20.34
N ALA A 292 2.73 -13.60 -20.63
CA ALA A 292 1.84 -12.64 -19.99
C ALA A 292 0.41 -12.77 -20.52
N MET A 293 0.29 -13.05 -21.83
CA MET A 293 -1.02 -13.32 -22.43
C MET A 293 -1.70 -14.50 -21.77
N GLN A 294 -0.98 -15.64 -21.71
CA GLN A 294 -1.57 -16.84 -21.15
C GLN A 294 -1.88 -16.67 -19.68
N HIS A 295 -1.04 -15.92 -18.96
CA HIS A 295 -1.33 -15.64 -17.55
C HIS A 295 -2.66 -14.91 -17.40
N ASP A 296 -2.88 -13.85 -18.20
CA ASP A 296 -4.19 -13.20 -18.24
C ASP A 296 -5.30 -14.20 -18.58
N LEU A 297 -5.08 -15.04 -19.60
CA LEU A 297 -6.15 -15.94 -20.02
C LEU A 297 -6.51 -16.91 -18.91
N MET A 298 -5.51 -17.37 -18.13
CA MET A 298 -5.79 -18.29 -17.04
C MET A 298 -6.55 -17.61 -15.90
N LEU A 299 -6.29 -16.33 -15.64
CA LEU A 299 -7.11 -15.62 -14.66
C LEU A 299 -8.53 -15.47 -15.18
N ILE A 300 -8.66 -15.09 -16.44
CA ILE A 300 -9.97 -14.89 -17.04
C ILE A 300 -10.79 -16.19 -17.04
N LYS A 301 -10.12 -17.32 -17.33
CA LYS A 301 -10.80 -18.61 -17.23
C LYS A 301 -11.15 -18.95 -15.78
N ASP A 302 -10.26 -18.63 -14.83
CA ASP A 302 -10.54 -18.86 -13.41
C ASP A 302 -11.77 -18.09 -12.96
N LEU A 303 -11.99 -16.90 -13.53
CA LEU A 303 -13.16 -16.10 -13.18
C LEU A 303 -14.47 -16.66 -13.72
N GLY A 304 -14.42 -17.67 -14.60
CA GLY A 304 -15.62 -18.23 -15.19
C GLY A 304 -16.01 -17.64 -16.53
N ALA A 305 -15.20 -16.75 -17.09
CA ALA A 305 -15.56 -16.10 -18.34
C ALA A 305 -15.45 -17.05 -19.52
N ASN A 306 -16.23 -16.78 -20.55
CA ASN A 306 -16.09 -17.51 -21.79
C ASN A 306 -15.77 -16.59 -22.95
N SER A 307 -15.56 -15.30 -22.69
CA SER A 307 -15.42 -14.38 -23.82
C SER A 307 -14.61 -13.15 -23.43
N ILE A 308 -13.92 -12.59 -24.42
CA ILE A 308 -13.14 -11.36 -24.26
C ILE A 308 -13.52 -10.40 -25.37
N ARG A 309 -13.53 -9.11 -25.05
CA ARG A 309 -13.79 -8.02 -25.96
C ARG A 309 -12.51 -7.18 -26.04
N THR A 310 -12.00 -6.98 -27.25
CA THR A 310 -10.71 -6.31 -27.49
C THR A 310 -10.86 -4.78 -27.47
N VAL A 311 -11.09 -4.24 -26.27
CA VAL A 311 -11.15 -2.77 -26.14
C VAL A 311 -9.76 -2.17 -26.34
N HIS A 312 -9.65 -1.14 -27.21
CA HIS A 312 -10.62 -0.76 -28.26
C HIS A 312 -9.86 -0.77 -29.59
N TYR A 313 -9.35 -1.93 -29.98
CA TYR A 313 -8.52 -2.02 -31.18
C TYR A 313 -8.27 -3.50 -31.46
N PRO A 314 -7.82 -3.83 -32.66
CA PRO A 314 -7.51 -5.23 -32.96
C PRO A 314 -6.35 -5.70 -32.10
N ASN A 315 -6.36 -6.99 -31.79
CA ASN A 315 -5.35 -7.61 -30.93
C ASN A 315 -4.30 -8.39 -31.72
N ASP A 316 -3.16 -8.59 -31.08
CA ASP A 316 -2.13 -9.53 -31.48
C ASP A 316 -2.70 -10.88 -31.90
N GLU A 317 -2.32 -11.34 -33.08
CA GLU A 317 -2.77 -12.64 -33.56
C GLU A 317 -2.30 -13.77 -32.67
N LEU A 318 -1.19 -13.59 -31.96
CA LEU A 318 -0.78 -14.59 -30.99
C LEU A 318 -1.84 -14.75 -29.89
N PHE A 319 -2.44 -13.65 -29.45
CA PHE A 319 -3.48 -13.72 -28.42
C PHE A 319 -4.73 -14.40 -28.98
N LEU A 320 -5.14 -14.00 -30.19
CA LEU A 320 -6.28 -14.64 -30.85
C LEU A 320 -6.04 -16.14 -31.04
N ASP A 321 -4.82 -16.53 -31.43
CA ASP A 321 -4.47 -17.95 -31.50
C ASP A 321 -4.77 -18.64 -30.17
N LEU A 322 -4.35 -18.03 -29.06
CA LEU A 322 -4.57 -18.67 -27.77
C LEU A 322 -6.04 -18.73 -27.40
N CYS A 323 -6.85 -17.78 -27.89
CA CYS A 323 -8.29 -17.87 -27.68
C CYS A 323 -8.90 -18.98 -28.53
N ASP A 324 -8.47 -19.09 -29.81
CA ASP A 324 -8.86 -20.22 -30.66
C ASP A 324 -8.62 -21.56 -29.99
N GLU A 325 -7.39 -21.77 -29.48
CA GLU A 325 -7.01 -23.04 -28.86
C GLU A 325 -7.77 -23.33 -27.57
N GLN A 326 -8.27 -22.30 -26.87
CA GLN A 326 -8.91 -22.53 -25.58
C GLN A 326 -10.42 -22.33 -25.62
N GLY A 327 -10.99 -22.04 -26.78
CA GLY A 327 -12.44 -21.95 -26.88
C GLY A 327 -13.02 -20.68 -26.31
N ILE A 328 -12.25 -19.59 -26.32
CA ILE A 328 -12.69 -18.31 -25.77
C ILE A 328 -13.25 -17.48 -26.92
N LEU A 329 -14.49 -16.99 -26.76
CA LEU A 329 -15.12 -16.19 -27.80
C LEU A 329 -14.62 -14.76 -27.77
N VAL A 330 -14.43 -14.17 -28.95
CA VAL A 330 -13.81 -12.86 -29.08
C VAL A 330 -14.76 -11.94 -29.83
N TRP A 331 -15.04 -10.80 -29.23
CA TRP A 331 -15.50 -9.61 -29.92
C TRP A 331 -14.25 -8.80 -30.28
N GLU A 332 -13.98 -8.62 -31.57
CA GLU A 332 -12.88 -7.76 -31.99
C GLU A 332 -13.45 -6.52 -32.68
N GLU A 333 -12.88 -5.35 -32.37
CA GLU A 333 -13.37 -4.11 -32.95
C GLU A 333 -12.23 -3.31 -33.58
N ASN A 334 -12.59 -2.38 -34.47
CA ASN A 334 -11.60 -1.49 -35.06
C ASN A 334 -11.12 -0.47 -34.02
N HIS A 335 -10.04 0.23 -34.35
CA HIS A 335 -9.41 1.11 -33.38
C HIS A 335 -10.14 2.45 -33.36
N ALA A 336 -10.96 2.65 -32.32
CA ALA A 336 -11.66 3.91 -32.08
C ALA A 336 -12.25 3.89 -30.67
N ARG A 337 -12.16 5.02 -29.95
CA ARG A 337 -12.83 5.11 -28.65
C ARG A 337 -13.26 6.55 -28.35
N GLY A 338 -14.57 6.76 -28.23
CA GLY A 338 -15.08 7.98 -27.64
C GLY A 338 -14.91 9.23 -28.50
N LEU A 339 -14.81 9.07 -29.82
CA LEU A 339 -14.49 10.19 -30.67
C LEU A 339 -15.73 11.03 -30.90
N SER A 340 -15.62 12.34 -30.67
CA SER A 340 -16.71 13.26 -30.92
C SER A 340 -16.98 13.38 -32.43
N GLU A 341 -18.12 14.00 -32.75
CA GLU A 341 -18.42 14.34 -34.13
C GLU A 341 -17.29 15.16 -34.74
N GLU A 342 -16.78 16.15 -34.01
CA GLU A 342 -15.65 16.94 -34.49
C GLU A 342 -14.40 16.09 -34.68
N ASN A 343 -14.13 15.15 -33.76
CA ASN A 343 -13.00 14.23 -33.96
C ASN A 343 -13.16 13.43 -35.24
N MET A 344 -14.36 12.93 -35.49
CA MET A 344 -14.61 12.09 -36.65
C MET A 344 -14.56 12.86 -37.97
N ARG A 345 -14.56 14.18 -37.92
CA ARG A 345 -14.40 15.00 -39.11
C ARG A 345 -12.95 15.34 -39.41
N ASN A 346 -12.01 14.88 -38.59
CA ASN A 346 -10.61 14.93 -38.96
C ASN A 346 -10.46 14.39 -40.39
N PRO A 347 -9.73 15.09 -41.28
CA PRO A 347 -9.67 14.67 -42.69
C PRO A 347 -9.07 13.30 -42.91
N HIS A 348 -8.39 12.72 -41.92
CA HIS A 348 -7.83 11.37 -42.06
C HIS A 348 -8.70 10.30 -41.44
N PHE A 349 -9.80 10.69 -40.77
CA PHE A 349 -10.52 9.74 -39.92
C PHE A 349 -11.09 8.57 -40.73
N LYS A 350 -11.80 8.87 -41.82
CA LYS A 350 -12.42 7.80 -42.61
C LYS A 350 -11.38 6.88 -43.23
N GLN A 351 -10.31 7.46 -43.79
CA GLN A 351 -9.24 6.66 -44.38
C GLN A 351 -8.59 5.75 -43.35
N GLN A 352 -8.34 6.27 -42.14
CA GLN A 352 -7.66 5.47 -41.11
C GLN A 352 -8.58 4.38 -40.54
N CYS A 353 -9.89 4.65 -40.44
CA CYS A 353 -10.83 3.62 -40.03
C CYS A 353 -10.93 2.54 -41.10
N GLY A 354 -11.17 2.95 -42.35
CA GLY A 354 -11.18 2.00 -43.45
C GLY A 354 -9.93 1.15 -43.51
N ASP A 355 -8.76 1.78 -43.36
CA ASP A 355 -7.50 1.02 -43.37
C ASP A 355 -7.45 0.01 -42.22
N CYS A 356 -7.82 0.43 -41.02
CA CYS A 356 -7.82 -0.49 -39.88
C CYS A 356 -8.76 -1.66 -40.12
N ILE A 357 -9.98 -1.37 -40.56
CA ILE A 357 -10.95 -2.44 -40.81
C ILE A 357 -10.42 -3.40 -41.88
N ARG A 358 -9.93 -2.85 -43.01
CA ARG A 358 -9.43 -3.72 -44.08
C ARG A 358 -8.33 -4.64 -43.57
N GLU A 359 -7.34 -4.07 -42.87
CA GLU A 359 -6.22 -4.86 -42.40
C GLU A 359 -6.64 -5.87 -41.34
N MET A 360 -7.55 -5.46 -40.43
CA MET A 360 -8.02 -6.33 -39.36
C MET A 360 -8.72 -7.56 -39.92
N ILE A 361 -9.69 -7.38 -40.82
CA ILE A 361 -10.48 -8.52 -41.27
C ILE A 361 -9.66 -9.39 -42.22
N THR A 362 -8.88 -8.77 -43.12
CA THR A 362 -8.04 -9.56 -44.01
C THR A 362 -7.09 -10.46 -43.22
N ALA A 363 -6.53 -9.94 -42.13
CA ALA A 363 -5.55 -10.70 -41.37
C ALA A 363 -6.20 -11.75 -40.46
N HIS A 364 -7.36 -11.44 -39.89
CA HIS A 364 -7.97 -12.20 -38.81
C HIS A 364 -9.16 -13.04 -39.26
N TYR A 365 -9.46 -13.07 -40.56
CA TYR A 365 -10.68 -13.72 -41.06
C TYR A 365 -10.87 -15.13 -40.52
N ASN A 366 -9.78 -15.87 -40.35
CA ASN A 366 -9.87 -17.30 -40.11
C ASN A 366 -10.07 -17.68 -38.65
N HIS A 367 -9.94 -16.74 -37.71
CA HIS A 367 -9.95 -17.10 -36.29
C HIS A 367 -11.34 -17.55 -35.86
N PRO A 368 -11.53 -18.82 -35.52
CA PRO A 368 -12.87 -19.25 -35.07
C PRO A 368 -13.33 -18.54 -33.81
N SER A 369 -12.42 -18.06 -32.97
CA SER A 369 -12.84 -17.39 -31.74
C SER A 369 -13.61 -16.12 -32.02
N ILE A 370 -13.25 -15.42 -33.09
CA ILE A 370 -13.90 -14.15 -33.39
C ILE A 370 -15.31 -14.45 -33.88
N TYR A 371 -16.32 -14.06 -33.10
CA TYR A 371 -17.70 -14.32 -33.51
C TYR A 371 -18.45 -13.06 -33.91
N ILE A 372 -17.88 -11.87 -33.71
CA ILE A 372 -18.56 -10.63 -34.02
C ILE A 372 -17.53 -9.55 -34.29
N TRP A 373 -17.84 -8.65 -35.23
CA TRP A 373 -17.02 -7.47 -35.49
C TRP A 373 -17.66 -6.25 -34.85
N GLY A 374 -16.86 -5.46 -34.13
CA GLY A 374 -17.35 -4.22 -33.57
C GLY A 374 -16.74 -3.01 -34.24
N ILE A 375 -17.42 -1.86 -34.17
CA ILE A 375 -16.82 -0.63 -34.67
C ILE A 375 -17.10 0.52 -33.70
N LEU A 376 -16.22 1.52 -33.74
CA LEU A 376 -16.53 2.88 -33.28
C LEU A 376 -17.16 2.90 -31.89
N ASN A 377 -16.47 2.26 -30.94
CA ASN A 377 -16.86 2.30 -29.54
C ASN A 377 -17.12 3.73 -29.06
N GLU A 378 -18.35 3.96 -28.59
CA GLU A 378 -18.76 5.23 -28.00
C GLU A 378 -18.47 6.45 -28.90
N CYS A 379 -18.53 6.26 -30.22
CA CYS A 379 -18.38 7.41 -31.10
C CYS A 379 -19.75 8.09 -31.29
N ALA A 380 -19.84 9.07 -32.19
CA ALA A 380 -20.98 9.99 -32.20
C ALA A 380 -22.16 9.45 -33.02
N SER A 381 -22.72 8.33 -32.55
CA SER A 381 -23.81 7.64 -33.23
C SER A 381 -25.16 8.34 -33.05
N ASP A 382 -25.21 9.46 -32.33
CA ASP A 382 -26.40 10.27 -32.18
C ASP A 382 -26.44 11.45 -33.17
N THR A 383 -25.50 11.53 -34.10
CA THR A 383 -25.41 12.65 -35.03
C THR A 383 -25.53 12.15 -36.46
N GLU A 384 -25.99 13.05 -37.34
CA GLU A 384 -26.11 12.68 -38.75
C GLU A 384 -24.76 12.35 -39.36
N TYR A 385 -23.73 13.17 -39.10
CA TYR A 385 -22.43 12.88 -39.69
C TYR A 385 -21.84 11.61 -39.10
N GLY A 386 -22.05 11.39 -37.80
CA GLY A 386 -21.68 10.12 -37.20
C GLY A 386 -22.35 8.95 -37.90
N ARG A 387 -23.66 9.06 -38.14
CA ARG A 387 -24.41 7.97 -38.79
C ARG A 387 -23.82 7.63 -40.15
N GLU A 388 -23.39 8.65 -40.92
CA GLU A 388 -22.79 8.39 -42.23
C GLU A 388 -21.54 7.53 -42.10
N CYS A 389 -20.72 7.80 -41.08
CA CYS A 389 -19.53 6.98 -40.83
C CYS A 389 -19.90 5.57 -40.40
N TYR A 390 -20.83 5.44 -39.44
CA TYR A 390 -21.23 4.10 -39.03
C TYR A 390 -21.69 3.29 -40.25
N SER A 391 -22.49 3.92 -41.11
CA SER A 391 -23.02 3.20 -42.27
C SER A 391 -21.89 2.76 -43.19
N GLU A 392 -20.95 3.66 -43.48
CA GLU A 392 -19.84 3.34 -44.36
C GLU A 392 -19.02 2.17 -43.82
N GLN A 393 -18.77 2.14 -42.51
CA GLN A 393 -17.89 1.13 -41.94
C GLN A 393 -18.60 -0.21 -41.80
N TYR A 394 -19.88 -0.19 -41.44
CA TYR A 394 -20.66 -1.41 -41.40
C TYR A 394 -20.71 -2.08 -42.77
N GLU A 395 -20.90 -1.27 -43.84
CA GLU A 395 -20.94 -1.84 -45.18
CA GLU A 395 -20.93 -1.80 -45.21
C GLU A 395 -19.56 -2.29 -45.65
N LEU A 396 -18.49 -1.61 -45.21
CA LEU A 396 -17.14 -2.11 -45.48
C LEU A 396 -16.93 -3.49 -44.85
N ILE A 397 -17.40 -3.68 -43.61
CA ILE A 397 -17.24 -4.99 -42.96
C ILE A 397 -17.96 -6.05 -43.77
N LYS A 398 -19.22 -5.78 -44.14
CA LYS A 398 -20.01 -6.78 -44.87
C LYS A 398 -19.34 -7.17 -46.18
N SER A 399 -18.74 -6.21 -46.87
CA SER A 399 -18.08 -6.55 -48.13
C SER A 399 -16.86 -7.44 -47.91
N LEU A 400 -16.24 -7.38 -46.72
CA LEU A 400 -15.07 -8.21 -46.45
C LEU A 400 -15.42 -9.50 -45.76
N ASP A 401 -16.52 -9.52 -45.01
CA ASP A 401 -16.94 -10.70 -44.27
C ASP A 401 -18.46 -10.70 -44.19
N PRO A 402 -19.13 -11.33 -45.14
CA PRO A 402 -20.60 -11.26 -45.18
C PRO A 402 -21.30 -12.15 -44.16
N TYR A 403 -20.58 -12.90 -43.34
CA TYR A 403 -21.20 -13.93 -42.51
C TYR A 403 -21.25 -13.59 -41.02
N ARG A 404 -20.18 -13.05 -40.43
CA ARG A 404 -20.20 -12.75 -39.01
C ARG A 404 -21.13 -11.57 -38.70
N PRO A 405 -21.80 -11.59 -37.55
CA PRO A 405 -22.59 -10.42 -37.13
C PRO A 405 -21.70 -9.23 -36.80
N ARG A 406 -22.32 -8.06 -36.80
CA ARG A 406 -21.63 -6.80 -36.51
C ARG A 406 -22.37 -6.06 -35.42
N SER A 407 -21.64 -5.16 -34.74
CA SER A 407 -22.21 -4.35 -33.67
C SER A 407 -21.31 -3.15 -33.39
N SER A 408 -21.70 -2.35 -32.41
CA SER A 408 -20.93 -1.21 -31.92
C SER A 408 -21.36 -0.97 -30.48
N ALA A 409 -20.39 -0.81 -29.58
CA ALA A 409 -20.69 -0.48 -28.18
C ALA A 409 -21.13 0.98 -28.09
N SER A 410 -22.41 1.22 -27.82
CA SER A 410 -22.93 2.58 -27.74
C SER A 410 -23.00 3.10 -26.31
N CYS A 411 -22.80 4.40 -26.16
CA CYS A 411 -23.15 5.08 -24.92
C CYS A 411 -24.18 6.18 -25.13
N ARG A 412 -24.81 6.24 -26.31
CA ARG A 412 -25.81 7.26 -26.63
C ARG A 412 -27.16 6.79 -26.08
N PHE A 413 -27.34 7.00 -24.78
CA PHE A 413 -28.49 6.49 -24.03
C PHE A 413 -29.80 7.06 -24.56
N LYS A 414 -30.52 6.30 -25.38
CA LYS A 414 -31.83 6.64 -25.93
C LYS A 414 -31.78 7.74 -26.97
N THR A 415 -30.61 7.97 -27.58
CA THR A 415 -30.42 8.97 -28.61
C THR A 415 -29.64 8.43 -29.80
N ASP A 416 -29.23 7.16 -29.76
CA ASP A 416 -28.51 6.52 -30.86
C ASP A 416 -29.43 6.43 -32.08
N ILE A 417 -28.97 6.91 -33.24
CA ILE A 417 -29.74 6.80 -34.47
C ILE A 417 -29.15 5.76 -35.43
N CYS A 418 -28.27 4.87 -34.93
CA CYS A 418 -27.56 3.92 -35.78
C CYS A 418 -27.92 2.48 -35.47
N LEU A 419 -28.91 2.24 -34.62
CA LEU A 419 -29.18 0.88 -34.19
C LEU A 419 -29.88 0.05 -35.25
N GLY A 420 -30.36 0.67 -36.34
CA GLY A 420 -30.89 -0.13 -37.43
C GLY A 420 -29.84 -0.90 -38.20
N TYR A 421 -28.58 -0.49 -38.11
CA TYR A 421 -27.54 -1.06 -38.96
C TYR A 421 -26.96 -2.39 -38.46
N PRO A 422 -26.62 -2.56 -37.19
CA PRO A 422 -25.96 -3.80 -36.77
C PRO A 422 -26.92 -4.97 -36.57
N GLU A 423 -26.33 -6.17 -36.55
CA GLU A 423 -27.08 -7.37 -36.18
C GLU A 423 -27.33 -7.46 -34.68
N VAL A 424 -26.45 -6.89 -33.86
CA VAL A 424 -26.59 -6.91 -32.41
C VAL A 424 -26.55 -5.48 -31.92
N VAL A 425 -27.42 -5.16 -30.95
CA VAL A 425 -27.41 -3.86 -30.26
C VAL A 425 -26.59 -4.00 -28.98
N SER A 426 -25.63 -3.10 -28.77
CA SER A 426 -24.75 -3.17 -27.62
C SER A 426 -24.64 -1.83 -26.93
N TYR A 427 -24.64 -1.85 -25.59
CA TYR A 427 -24.61 -0.63 -24.81
C TYR A 427 -23.61 -0.73 -23.66
N ASN A 428 -22.86 0.35 -23.46
CA ASN A 428 -22.02 0.55 -22.29
C ASN A 428 -22.82 1.33 -21.25
N ILE A 429 -23.00 0.76 -20.06
CA ILE A 429 -23.77 1.43 -19.01
C ILE A 429 -23.01 1.30 -17.69
N TYR A 430 -23.07 2.35 -16.87
CA TYR A 430 -22.43 2.32 -15.55
C TYR A 430 -23.35 2.75 -14.39
N PRO A 431 -24.54 2.17 -14.27
CA PRO A 431 -25.35 2.44 -13.08
C PRO A 431 -24.65 1.89 -11.85
N LYS A 432 -24.75 2.65 -10.76
CA LYS A 432 -24.11 2.44 -9.46
C LYS A 432 -22.64 2.83 -9.49
N TRP A 433 -22.12 3.35 -10.61
CA TRP A 433 -20.83 4.01 -10.58
C TRP A 433 -20.96 5.47 -11.02
N TYR A 434 -21.24 5.75 -12.29
CA TYR A 434 -21.42 7.11 -12.76
C TYR A 434 -22.85 7.64 -12.58
N HIS A 435 -23.84 6.80 -12.25
CA HIS A 435 -25.23 7.20 -12.05
C HIS A 435 -25.77 6.44 -10.85
N ASP A 436 -26.33 7.14 -9.87
CA ASP A 436 -26.90 6.45 -8.72
C ASP A 436 -28.37 6.17 -8.99
N VAL A 437 -28.61 5.03 -9.61
CA VAL A 437 -29.91 4.48 -10.02
C VAL A 437 -29.77 2.99 -9.85
N PRO A 438 -30.75 2.27 -9.32
CA PRO A 438 -30.68 0.80 -9.32
C PRO A 438 -30.42 0.26 -10.71
N VAL A 439 -29.52 -0.72 -10.79
CA VAL A 439 -29.12 -1.23 -12.11
C VAL A 439 -30.32 -1.78 -12.87
N GLU A 440 -31.21 -2.49 -12.18
CA GLU A 440 -32.38 -3.08 -12.85
C GLU A 440 -33.24 -2.02 -13.52
N ASP A 441 -33.41 -0.87 -12.86
CA ASP A 441 -34.27 0.19 -13.41
C ASP A 441 -33.64 0.84 -14.62
N TYR A 442 -32.34 1.15 -14.52
CA TYR A 442 -31.63 1.75 -15.64
C TYR A 442 -31.64 0.84 -16.84
N LEU A 443 -31.35 -0.44 -16.62
CA LEU A 443 -31.29 -1.41 -17.70
C LEU A 443 -32.66 -1.62 -18.34
N ASP A 444 -33.72 -1.66 -17.52
CA ASP A 444 -35.07 -1.83 -18.06
C ASP A 444 -35.50 -0.61 -18.87
N GLU A 445 -35.20 0.59 -18.39
CA GLU A 445 -35.54 1.79 -19.14
C GLU A 445 -34.84 1.82 -20.49
N LEU A 446 -33.55 1.47 -20.53
CA LEU A 446 -32.82 1.40 -21.79
C LEU A 446 -33.37 0.30 -22.70
N TYR A 447 -33.63 -0.89 -22.15
CA TYR A 447 -34.08 -2.00 -22.97
C TYR A 447 -35.43 -1.72 -23.60
N GLN A 448 -36.37 -1.23 -22.80
CA GLN A 448 -37.70 -0.89 -23.31
C GLN A 448 -37.63 0.17 -24.40
N TRP A 449 -36.83 1.21 -24.20
CA TRP A 449 -36.66 2.20 -25.25
C TRP A 449 -36.14 1.57 -26.53
N ILE A 450 -35.14 0.67 -26.43
CA ILE A 450 -34.64 0.01 -27.63
C ILE A 450 -35.75 -0.74 -28.33
N GLN A 451 -36.59 -1.47 -27.56
CA GLN A 451 -37.62 -2.30 -28.19
C GLN A 451 -38.80 -1.50 -28.73
N ASN A 452 -39.17 -0.40 -28.07
CA ASN A 452 -40.35 0.37 -28.46
C ASN A 452 -40.04 1.58 -29.34
N GLU A 453 -38.82 2.12 -29.32
CA GLU A 453 -38.55 3.41 -29.94
C GLU A 453 -37.38 3.44 -30.92
N SER A 454 -36.72 2.31 -31.16
CA SER A 454 -35.55 2.33 -32.02
C SER A 454 -35.64 1.21 -33.06
N GLU A 455 -34.87 1.39 -34.14
CA GLU A 455 -34.74 0.33 -35.13
C GLU A 455 -33.86 -0.83 -34.64
N GLY A 456 -33.41 -0.80 -33.40
CA GLY A 456 -32.72 -1.98 -32.90
C GLY A 456 -33.66 -3.01 -32.31
N THR A 457 -34.97 -2.78 -32.42
CA THR A 457 -35.94 -3.63 -31.73
C THR A 457 -35.91 -5.06 -32.25
N GLY A 458 -36.09 -6.01 -31.34
CA GLY A 458 -36.13 -7.42 -31.72
C GLY A 458 -34.80 -8.06 -32.05
N LYS A 459 -33.69 -7.32 -31.94
CA LYS A 459 -32.36 -7.86 -32.19
C LYS A 459 -31.72 -8.36 -30.90
N PRO A 460 -30.68 -9.19 -30.99
CA PRO A 460 -29.93 -9.55 -29.77
C PRO A 460 -29.33 -8.32 -29.13
N PHE A 461 -29.16 -8.36 -27.81
CA PHE A 461 -28.75 -7.21 -27.01
C PHE A 461 -27.65 -7.66 -26.05
N LEU A 462 -26.53 -6.92 -26.04
CA LEU A 462 -25.41 -7.16 -25.14
C LEU A 462 -25.13 -5.90 -24.34
N ILE A 463 -24.75 -6.07 -23.06
CA ILE A 463 -24.09 -5.02 -22.28
C ILE A 463 -22.58 -5.17 -22.53
N THR A 464 -22.01 -4.25 -23.30
CA THR A 464 -20.61 -4.38 -23.68
C THR A 464 -19.66 -3.74 -22.68
N GLU A 465 -20.18 -2.97 -21.71
CA GLU A 465 -19.43 -2.46 -20.58
C GLU A 465 -20.37 -2.28 -19.40
N ILE A 466 -19.98 -2.83 -18.24
CA ILE A 466 -20.53 -2.44 -16.94
C ILE A 466 -19.44 -2.72 -15.89
N GLY A 467 -19.37 -1.89 -14.86
CA GLY A 467 -18.37 -2.12 -13.83
C GLY A 467 -18.22 -0.91 -12.91
N ALA A 468 -17.09 -0.90 -12.19
CA ALA A 468 -16.91 0.09 -11.13
C ALA A 468 -15.43 0.23 -10.80
N GLY A 469 -15.06 1.43 -10.36
CA GLY A 469 -13.67 1.66 -9.97
C GLY A 469 -13.37 1.09 -8.59
N ALA A 470 -12.09 0.79 -8.38
CA ALA A 470 -11.57 0.44 -7.06
C ALA A 470 -10.06 0.59 -7.11
N ILE A 471 -9.49 1.35 -6.18
CA ILE A 471 -8.04 1.43 -6.08
C ILE A 471 -7.60 0.27 -5.20
N TYR A 472 -6.81 -0.66 -5.77
CA TYR A 472 -6.36 -1.84 -5.04
C TYR A 472 -5.66 -1.44 -3.76
N GLY A 473 -6.13 -2.00 -2.64
CA GLY A 473 -5.58 -1.70 -1.36
C GLY A 473 -6.34 -0.63 -0.57
N TYR A 474 -7.17 0.19 -1.22
CA TYR A 474 -7.98 1.15 -0.49
C TYR A 474 -9.25 0.46 -0.01
N ARG A 475 -9.37 0.30 1.31
CA ARG A 475 -10.51 -0.38 1.92
C ARG A 475 -10.99 0.41 3.12
N THR A 476 -12.31 0.48 3.29
CA THR A 476 -12.95 1.36 4.31
C THR A 476 -14.19 0.68 4.83
N PRO A 477 -14.39 0.63 6.15
CA PRO A 477 -15.74 0.31 6.67
C PRO A 477 -16.84 1.17 6.05
N ALA A 478 -16.54 2.39 5.61
CA ALA A 478 -17.61 3.21 5.04
C ALA A 478 -18.00 2.78 3.62
N HIS A 479 -17.24 1.90 2.98
CA HIS A 479 -17.53 1.45 1.62
C HIS A 479 -17.72 2.64 0.67
N VAL A 480 -16.91 3.68 0.82
CA VAL A 480 -16.97 4.81 -0.11
C VAL A 480 -16.55 4.35 -1.52
N LYS A 481 -17.00 5.10 -2.53
CA LYS A 481 -16.54 4.86 -3.88
C LYS A 481 -15.03 4.99 -3.93
N TRP A 482 -14.41 4.13 -4.76
CA TRP A 482 -13.00 3.84 -4.96
C TRP A 482 -12.48 2.78 -3.98
N SER A 483 -13.22 2.45 -2.91
CA SER A 483 -12.83 1.32 -2.07
C SER A 483 -13.18 -0.01 -2.74
N GLU A 484 -12.40 -1.03 -2.39
CA GLU A 484 -12.67 -2.37 -2.90
C GLU A 484 -14.01 -2.90 -2.43
N GLU A 485 -14.42 -2.56 -1.20
CA GLU A 485 -15.72 -3.01 -0.72
C GLU A 485 -16.84 -2.46 -1.57
N TYR A 486 -16.79 -1.17 -1.91
CA TYR A 486 -17.86 -0.66 -2.74
C TYR A 486 -17.87 -1.37 -4.09
N GLN A 487 -16.69 -1.66 -4.65
CA GLN A 487 -16.67 -2.30 -5.95
C GLN A 487 -17.32 -3.67 -5.89
N VAL A 488 -17.13 -4.37 -4.76
CA VAL A 488 -17.80 -5.66 -4.55
C VAL A 488 -19.31 -5.50 -4.69
N GLN A 489 -19.88 -4.51 -3.99
CA GLN A 489 -21.32 -4.30 -3.99
C GLN A 489 -21.82 -3.94 -5.38
N ALA A 490 -21.13 -3.02 -6.05
CA ALA A 490 -21.55 -2.61 -7.39
C ALA A 490 -21.58 -3.80 -8.35
N LEU A 491 -20.50 -4.58 -8.40
CA LEU A 491 -20.43 -5.68 -9.36
C LEU A 491 -21.47 -6.75 -9.05
N LYS A 492 -21.72 -7.02 -7.77
CA LYS A 492 -22.76 -8.00 -7.42
C LYS A 492 -24.12 -7.56 -7.98
N GLU A 493 -24.51 -6.31 -7.73
CA GLU A 493 -25.78 -5.82 -8.24
C GLU A 493 -25.80 -5.72 -9.77
N GLN A 494 -24.70 -5.26 -10.37
CA GLN A 494 -24.65 -5.12 -11.83
C GLN A 494 -24.81 -6.46 -12.54
N LEU A 495 -24.13 -7.50 -12.07
CA LEU A 495 -24.17 -8.78 -12.76
C LEU A 495 -25.52 -9.46 -12.56
N GLN A 496 -26.06 -9.36 -11.34
CA GLN A 496 -27.38 -9.92 -11.07
C GLN A 496 -28.43 -9.33 -12.01
N ALA A 497 -28.33 -8.03 -12.31
CA ALA A 497 -29.33 -7.41 -13.18
C ALA A 497 -29.16 -7.87 -14.63
N VAL A 498 -27.93 -7.84 -15.18
CA VAL A 498 -27.75 -8.15 -16.59
C VAL A 498 -28.17 -9.59 -16.89
N PHE A 499 -27.82 -10.53 -16.01
CA PHE A 499 -28.16 -11.93 -16.24
C PHE A 499 -29.64 -12.25 -16.01
N SER A 500 -30.42 -11.35 -15.41
CA SER A 500 -31.85 -11.55 -15.28
C SER A 500 -32.66 -10.65 -16.23
N ARG A 501 -32.00 -9.88 -17.08
CA ARG A 501 -32.69 -9.06 -18.07
C ARG A 501 -33.08 -9.92 -19.27
N GLU A 502 -34.36 -10.26 -19.38
CA GLU A 502 -34.85 -11.03 -20.52
C GLU A 502 -34.59 -10.27 -21.81
N GLY A 503 -34.06 -10.98 -22.80
CA GLY A 503 -33.67 -10.39 -24.06
C GLY A 503 -32.20 -9.99 -24.14
N CYS A 504 -31.45 -10.16 -23.05
CA CYS A 504 -30.04 -9.79 -23.02
C CYS A 504 -29.20 -11.06 -23.13
N SER A 505 -28.30 -11.10 -24.11
CA SER A 505 -27.49 -12.29 -24.31
C SER A 505 -26.29 -12.37 -23.37
N GLY A 506 -25.96 -11.31 -22.64
CA GLY A 506 -24.87 -11.36 -21.69
C GLY A 506 -24.17 -10.01 -21.57
N VAL A 507 -22.92 -10.06 -21.10
CA VAL A 507 -22.23 -8.88 -20.57
C VAL A 507 -20.73 -9.03 -20.75
N TYR A 508 -20.04 -7.90 -21.02
CA TYR A 508 -18.60 -7.79 -20.82
C TYR A 508 -18.36 -6.82 -19.67
N ILE A 509 -17.74 -7.32 -18.62
CA ILE A 509 -17.31 -6.46 -17.53
C ILE A 509 -16.25 -5.48 -18.01
N TRP A 510 -16.41 -4.22 -17.65
CA TRP A 510 -15.35 -3.24 -17.77
C TRP A 510 -14.68 -3.15 -16.40
N GLN A 511 -13.45 -3.66 -16.26
CA GLN A 511 -12.68 -4.33 -17.29
C GLN A 511 -11.80 -5.35 -16.57
N PHE A 512 -10.97 -6.08 -17.31
CA PHE A 512 -10.16 -7.13 -16.71
C PHE A 512 -9.15 -6.55 -15.71
N CYS A 513 -8.29 -5.65 -16.16
CA CYS A 513 -7.19 -5.17 -15.32
C CYS A 513 -7.14 -3.66 -15.38
N ASP A 514 -6.48 -3.06 -14.38
CA ASP A 514 -6.28 -1.62 -14.43
C ASP A 514 -5.32 -1.29 -15.57
N VAL A 515 -5.50 -0.12 -16.20
CA VAL A 515 -4.82 0.24 -17.45
C VAL A 515 -4.30 1.66 -17.34
N ARG A 516 -3.05 1.88 -17.78
CA ARG A 516 -2.49 3.23 -17.85
C ARG A 516 -3.24 4.05 -18.89
N VAL A 517 -3.51 5.32 -18.58
CA VAL A 517 -4.19 6.23 -19.51
C VAL A 517 -3.38 7.50 -19.75
N CYS A 518 -3.89 8.39 -20.60
CA CYS A 518 -3.17 9.59 -20.97
C CYS A 518 -3.23 10.63 -19.87
N ASP A 519 -2.18 11.43 -19.78
CA ASP A 519 -2.06 12.44 -18.73
C ASP A 519 -3.25 13.38 -18.69
N SER A 520 -3.87 13.65 -19.85
CA SER A 520 -4.99 14.60 -19.85
C SER A 520 -6.23 14.07 -19.13
N TRP A 521 -6.31 12.76 -18.86
CA TRP A 521 -7.44 12.17 -18.17
C TRP A 521 -7.27 12.09 -16.65
N PHE A 522 -6.14 12.60 -16.12
CA PHE A 522 -5.82 12.42 -14.71
C PHE A 522 -6.96 12.86 -13.78
N GLY A 523 -7.71 13.91 -14.15
CA GLY A 523 -8.67 14.47 -13.21
C GLY A 523 -9.74 13.49 -12.76
N SER A 524 -10.14 12.60 -13.66
CA SER A 524 -11.14 11.59 -13.35
C SER A 524 -10.55 10.19 -13.28
N ARG A 525 -9.22 10.06 -13.24
CA ARG A 525 -8.56 8.77 -13.32
C ARG A 525 -7.47 8.69 -12.26
N PRO A 526 -7.82 8.29 -11.04
CA PRO A 526 -6.81 8.15 -9.98
C PRO A 526 -5.59 7.40 -10.47
N ARG A 527 -4.41 7.90 -10.07
CA ARG A 527 -3.11 7.33 -10.43
C ARG A 527 -2.81 7.42 -11.93
N THR A 528 -3.54 8.26 -12.68
CA THR A 528 -3.49 8.27 -14.14
C THR A 528 -3.63 6.83 -14.66
N MET A 529 -4.63 6.15 -14.11
CA MET A 529 -5.00 4.79 -14.46
C MET A 529 -6.50 4.75 -14.57
N ASN A 530 -7.02 3.87 -15.43
CA ASN A 530 -8.40 3.44 -15.33
C ASN A 530 -8.43 2.31 -14.32
N ASN A 531 -9.16 2.50 -13.23
CA ASN A 531 -9.06 1.63 -12.06
C ASN A 531 -10.19 0.61 -11.96
N LYS A 532 -10.85 0.32 -13.08
CA LYS A 532 -12.02 -0.54 -13.01
C LYS A 532 -11.68 -1.98 -13.23
N GLY A 533 -10.39 -2.32 -13.20
CA GLY A 533 -10.01 -3.72 -13.29
C GLY A 533 -10.60 -4.52 -12.14
N ILE A 534 -10.94 -5.77 -12.45
CA ILE A 534 -11.20 -6.77 -11.42
C ILE A 534 -9.88 -7.29 -10.84
N VAL A 535 -8.78 -7.20 -11.58
CA VAL A 535 -7.44 -7.35 -11.03
C VAL A 535 -6.73 -6.02 -11.25
N ASP A 536 -5.72 -5.72 -10.42
CA ASP A 536 -5.01 -4.46 -10.65
C ASP A 536 -3.99 -4.61 -11.79
N GLU A 537 -3.21 -3.55 -12.04
CA GLU A 537 -2.31 -3.62 -13.19
C GLU A 537 -1.27 -4.72 -13.02
N TYR A 538 -0.97 -5.13 -11.78
CA TYR A 538 -0.06 -6.22 -11.54
C TYR A 538 -0.77 -7.55 -11.43
N ARG A 539 -2.02 -7.62 -11.87
CA ARG A 539 -2.82 -8.85 -11.96
C ARG A 539 -3.16 -9.42 -10.57
N ARG A 540 -3.15 -8.56 -9.54
CA ARG A 540 -3.52 -8.95 -8.19
C ARG A 540 -5.04 -8.87 -8.03
N PRO A 541 -5.70 -9.91 -7.55
CA PRO A 541 -7.16 -9.90 -7.50
C PRO A 541 -7.69 -8.93 -6.44
N LYS A 542 -8.58 -8.03 -6.85
CA LYS A 542 -9.28 -7.16 -5.93
C LYS A 542 -10.38 -7.97 -5.22
N LEU A 543 -11.03 -7.37 -4.21
CA LEU A 543 -12.07 -8.13 -3.50
C LEU A 543 -13.18 -8.57 -4.45
N ALA A 544 -13.59 -7.68 -5.37
CA ALA A 544 -14.64 -8.01 -6.34
C ALA A 544 -14.31 -9.22 -7.20
N TYR A 545 -13.08 -9.71 -7.19
CA TYR A 545 -12.74 -10.87 -8.00
C TYR A 545 -13.60 -12.08 -7.60
N GLU A 546 -13.84 -12.25 -6.30
CA GLU A 546 -14.62 -13.39 -5.85
C GLU A 546 -16.10 -13.24 -6.17
N VAL A 547 -16.58 -12.00 -6.27
CA VAL A 547 -17.97 -11.74 -6.66
C VAL A 547 -18.21 -12.09 -8.12
N VAL A 548 -17.28 -11.71 -9.00
CA VAL A 548 -17.40 -12.04 -10.41
C VAL A 548 -17.29 -13.55 -10.62
N LYS A 549 -16.33 -14.17 -9.94
CA LYS A 549 -16.14 -15.61 -10.07
C LYS A 549 -17.39 -16.37 -9.64
N ASP A 550 -17.95 -16.01 -8.47
CA ASP A 550 -19.19 -16.65 -8.03
C ASP A 550 -20.29 -16.52 -9.08
N SER A 551 -20.42 -15.33 -9.68
CA SER A 551 -21.47 -15.13 -10.67
C SER A 551 -21.21 -15.94 -11.95
N TYR A 552 -20.01 -15.79 -12.53
CA TYR A 552 -19.75 -16.42 -13.83
C TYR A 552 -19.66 -17.94 -13.72
N ARG A 553 -19.15 -18.46 -12.61
CA ARG A 553 -19.08 -19.91 -12.43
C ARG A 553 -20.44 -20.55 -12.18
N SER A 554 -21.48 -19.77 -11.89
CA SER A 554 -22.80 -20.31 -11.67
C SER A 554 -23.63 -20.37 -12.95
N LEU A 555 -23.01 -20.11 -14.10
CA LEU A 555 -23.77 -20.03 -15.33
C LEU A 555 -22.99 -20.74 -16.41
N GLY A 556 -23.72 -21.34 -17.35
CA GLY A 556 -23.11 -22.05 -18.45
C GLY A 556 -22.95 -21.14 -19.67
N ASN A 557 -22.48 -21.74 -20.76
CA ASN A 557 -22.27 -21.00 -21.98
C ASN A 557 -23.53 -20.80 -22.82
N TYR A 558 -24.62 -21.50 -22.51
CA TYR A 558 -25.80 -21.43 -23.36
C TYR A 558 -27.04 -21.30 -22.50
N PHE A 559 -28.04 -20.63 -23.06
CA PHE A 559 -29.37 -20.58 -22.47
C PHE A 559 -30.03 -21.93 -22.75
N GLU A 560 -30.08 -22.81 -21.75
CA GLU A 560 -30.63 -24.16 -21.90
C GLU A 560 -32.09 -24.30 -21.48
N ASN A 561 -32.61 -23.41 -20.61
CA ASN A 561 -33.90 -23.60 -19.96
C ASN A 561 -34.86 -22.45 -20.26
N LEU A 562 -34.74 -21.85 -21.44
CA LEU A 562 -35.71 -20.84 -21.85
C LEU A 562 -37.08 -21.47 -22.09
N TYR A 563 -38.12 -20.63 -22.03
CA TYR A 563 -39.48 -21.05 -22.35
C TYR A 563 -39.56 -21.70 -23.74
N PHE A 564 -40.31 -22.80 -23.82
CA PHE A 564 -40.49 -23.52 -25.08
C PHE A 564 -41.74 -23.05 -25.83
N MET B 1 11.00 -19.43 -28.26
CA MET B 1 12.36 -18.88 -28.26
C MET B 1 13.26 -19.59 -27.24
N ILE B 2 14.41 -20.08 -27.70
CA ILE B 2 15.35 -20.84 -26.89
C ILE B 2 16.63 -20.06 -26.66
N ARG B 3 17.19 -19.50 -27.74
CA ARG B 3 18.37 -18.62 -27.74
C ARG B 3 18.04 -17.40 -28.57
N THR B 4 18.92 -16.40 -28.50
CA THR B 4 18.74 -15.19 -29.30
C THR B 4 19.28 -15.33 -30.71
N PHE B 5 19.79 -16.51 -31.09
CA PHE B 5 20.30 -16.79 -32.42
C PHE B 5 19.98 -18.24 -32.76
N GLU B 6 20.12 -18.59 -34.03
CA GLU B 6 19.83 -19.94 -34.50
C GLU B 6 21.03 -20.85 -34.29
N THR B 7 20.84 -21.94 -33.54
CA THR B 7 21.93 -22.85 -33.24
C THR B 7 22.06 -23.97 -34.26
N HIS B 8 21.19 -24.02 -35.26
CA HIS B 8 21.18 -25.05 -36.29
C HIS B 8 20.57 -24.50 -37.56
N LYS B 9 21.21 -24.76 -38.69
CA LYS B 9 20.61 -24.62 -40.01
C LYS B 9 20.43 -25.95 -40.71
N ILE B 10 21.37 -26.87 -40.54
CA ILE B 10 21.28 -28.16 -41.20
C ILE B 10 20.39 -29.11 -40.41
N ARG B 11 20.66 -29.27 -39.12
CA ARG B 11 19.85 -30.14 -38.29
C ARG B 11 18.39 -29.70 -38.29
N LYS B 12 17.48 -30.65 -38.52
CA LYS B 12 16.04 -30.39 -38.44
C LYS B 12 15.63 -30.33 -36.97
N THR B 13 15.16 -29.16 -36.53
CA THR B 13 14.72 -28.95 -35.15
C THR B 13 13.39 -28.20 -35.12
N ALA B 14 12.64 -28.40 -34.05
CA ALA B 14 11.40 -27.66 -33.85
C ALA B 14 11.17 -27.48 -32.36
N GLU B 15 10.82 -26.26 -31.93
CA GLU B 15 10.51 -26.03 -30.53
C GLU B 15 9.15 -26.61 -30.16
N LEU B 16 9.11 -27.45 -29.12
CA LEU B 16 7.87 -28.00 -28.59
C LEU B 16 7.27 -27.17 -27.45
N SER B 17 8.07 -26.31 -26.82
CA SER B 17 7.61 -25.34 -25.85
C SER B 17 7.10 -24.11 -26.62
N SER B 18 6.93 -22.99 -25.91
CA SER B 18 6.17 -21.86 -26.47
C SER B 18 4.82 -22.33 -26.98
N ALA B 19 4.11 -23.11 -26.16
CA ALA B 19 2.85 -23.71 -26.56
C ALA B 19 2.09 -24.13 -25.31
N LEU B 20 0.81 -24.44 -25.48
CA LEU B 20 0.00 -25.04 -24.43
C LEU B 20 0.14 -26.56 -24.45
N TRP B 21 0.39 -27.15 -23.29
CA TRP B 21 0.37 -28.59 -23.12
C TRP B 21 -0.80 -28.97 -22.22
N ASN B 22 -1.11 -30.26 -22.18
CA ASN B 22 -2.11 -30.75 -21.24
C ASN B 22 -1.48 -31.01 -19.89
N PHE B 23 -2.15 -30.58 -18.83
CA PHE B 23 -1.56 -30.58 -17.50
C PHE B 23 -2.56 -31.11 -16.48
N HIS B 24 -2.07 -31.96 -15.57
CA HIS B 24 -2.86 -32.35 -14.41
C HIS B 24 -1.91 -32.82 -13.33
N THR B 25 -2.28 -32.57 -12.07
CA THR B 25 -1.54 -33.11 -10.94
C THR B 25 -1.76 -34.62 -10.85
N ILE B 26 -0.84 -35.31 -10.17
CA ILE B 26 -1.00 -36.74 -9.96
C ILE B 26 -0.62 -37.08 -8.53
N GLY B 27 -1.08 -38.25 -8.09
CA GLY B 27 -0.70 -38.77 -6.79
C GLY B 27 -1.42 -38.16 -5.61
N THR B 28 -2.49 -37.41 -5.86
CA THR B 28 -3.27 -36.76 -4.80
C THR B 28 -4.58 -37.52 -4.58
N GLN B 29 -5.32 -37.10 -3.56
CA GLN B 29 -6.66 -37.62 -3.33
C GLN B 29 -7.73 -36.66 -3.85
N GLY B 30 -7.39 -35.81 -4.83
CA GLY B 30 -8.31 -34.84 -5.37
C GLY B 30 -8.84 -35.22 -6.74
N GLU B 31 -9.46 -34.23 -7.40
CA GLU B 31 -10.13 -34.50 -8.66
C GLU B 31 -9.13 -34.71 -9.81
N GLU B 32 -8.08 -33.89 -9.86
CA GLU B 32 -7.01 -34.02 -10.88
C GLU B 32 -7.52 -33.81 -12.31
N ALA B 33 -8.21 -32.68 -12.53
CA ALA B 33 -8.73 -32.33 -13.85
C ALA B 33 -7.63 -31.88 -14.81
N VAL B 34 -7.88 -32.06 -16.10
CA VAL B 34 -6.90 -31.74 -17.15
C VAL B 34 -7.19 -30.34 -17.68
N ILE B 35 -6.18 -29.46 -17.62
CA ILE B 35 -6.26 -28.10 -18.14
C ILE B 35 -5.18 -27.93 -19.19
N GLN B 36 -5.34 -26.90 -20.01
CA GLN B 36 -4.27 -26.48 -20.93
C GLN B 36 -3.38 -25.47 -20.22
N ALA B 37 -2.07 -25.67 -20.30
CA ALA B 37 -1.15 -24.91 -19.48
C ALA B 37 0.07 -24.49 -20.30
N PRO B 38 0.66 -23.33 -19.99
CA PRO B 38 1.78 -22.84 -20.80
C PRO B 38 3.08 -23.56 -20.48
N VAL B 39 3.86 -23.82 -21.54
CA VAL B 39 5.19 -24.38 -21.44
C VAL B 39 6.07 -23.47 -22.28
N PRO B 40 7.13 -22.85 -21.73
CA PRO B 40 7.60 -22.91 -20.34
C PRO B 40 6.58 -22.30 -19.39
N GLY B 41 6.64 -22.72 -18.13
CA GLY B 41 5.73 -22.22 -17.12
C GLY B 41 6.05 -22.87 -15.79
N CYS B 42 5.56 -22.25 -14.73
CA CYS B 42 5.63 -22.83 -13.39
C CYS B 42 4.21 -22.99 -12.90
N TRP B 43 3.88 -24.17 -12.36
CA TRP B 43 2.48 -24.38 -12.05
C TRP B 43 2.03 -23.58 -10.85
N GLU B 44 2.96 -23.03 -10.07
CA GLU B 44 2.60 -22.11 -9.00
C GLU B 44 1.94 -20.83 -9.51
N ASN B 45 2.01 -20.56 -10.80
CA ASN B 45 1.37 -19.40 -11.40
C ASN B 45 0.06 -19.76 -12.07
N TYR B 46 -0.32 -21.05 -12.09
CA TYR B 46 -1.64 -21.42 -12.58
C TYR B 46 -2.62 -21.34 -11.43
N PRO B 47 -3.79 -20.72 -11.61
CA PRO B 47 -4.68 -20.46 -10.46
C PRO B 47 -5.01 -21.66 -9.57
N ASP B 48 -5.19 -22.85 -10.12
CA ASP B 48 -5.57 -23.97 -9.28
C ASP B 48 -4.38 -24.66 -8.61
N THR B 49 -3.15 -24.23 -8.84
CA THR B 49 -2.03 -24.94 -8.24
C THR B 49 -1.03 -23.97 -7.61
N VAL B 50 -1.52 -22.79 -7.20
CA VAL B 50 -0.61 -21.77 -6.66
C VAL B 50 0.13 -22.30 -5.44
N SER B 51 -0.45 -23.26 -4.72
CA SER B 51 0.19 -23.82 -3.53
C SER B 51 0.59 -25.29 -3.67
N TYR B 52 0.65 -25.83 -4.89
CA TYR B 52 0.81 -27.27 -5.05
C TYR B 52 2.29 -27.67 -4.97
N ARG B 53 2.59 -28.66 -4.13
CA ARG B 53 3.89 -29.32 -4.13
C ARG B 53 3.65 -30.82 -4.32
N GLY B 54 4.32 -31.40 -5.28
CA GLY B 54 4.18 -32.81 -5.57
C GLY B 54 4.51 -33.05 -7.03
N GLN B 55 3.84 -34.06 -7.59
CA GLN B 55 4.04 -34.46 -8.96
C GLN B 55 2.89 -33.98 -9.83
N ALA B 56 3.19 -33.69 -11.09
CA ALA B 56 2.17 -33.34 -12.07
C ALA B 56 2.65 -33.77 -13.45
N SER B 57 1.71 -33.88 -14.37
CA SER B 57 1.97 -34.40 -15.71
C SER B 57 1.72 -33.31 -16.75
N TYR B 58 2.66 -33.17 -17.68
CA TYR B 58 2.51 -32.38 -18.90
C TYR B 58 2.61 -33.32 -20.10
N SER B 59 1.77 -33.10 -21.11
CA SER B 59 1.83 -33.96 -22.27
C SER B 59 1.38 -33.21 -23.51
N ARG B 60 1.92 -33.62 -24.65
CA ARG B 60 1.53 -33.11 -25.96
C ARG B 60 1.94 -34.16 -26.99
N GLU B 61 1.66 -33.88 -28.24
CA GLU B 61 2.07 -34.78 -29.32
C GLU B 61 3.13 -34.12 -30.20
N PHE B 62 3.83 -34.95 -30.96
CA PHE B 62 4.80 -34.49 -31.93
C PHE B 62 4.91 -35.52 -33.05
N GLU B 63 5.34 -35.07 -34.21
CA GLU B 63 5.50 -35.93 -35.37
C GLU B 63 6.96 -36.05 -35.73
N ALA B 64 7.44 -37.28 -35.83
CA ALA B 64 8.84 -37.53 -36.20
C ALA B 64 9.02 -39.00 -36.55
N LYS B 65 10.18 -39.31 -37.13
CA LYS B 65 10.58 -40.69 -37.41
C LYS B 65 12.08 -40.82 -37.23
N GLY B 66 12.53 -42.06 -37.06
CA GLY B 66 13.96 -42.34 -37.02
C GLY B 66 14.61 -41.89 -35.73
N ASN B 67 15.86 -41.45 -35.84
CA ASN B 67 16.63 -41.03 -34.66
C ASN B 67 16.22 -39.62 -34.26
N ILE B 68 15.83 -39.45 -33.00
CA ILE B 68 15.38 -38.16 -32.52
C ILE B 68 16.08 -37.81 -31.22
N ARG B 69 16.21 -36.50 -30.99
CA ARG B 69 16.72 -35.97 -29.75
C ARG B 69 15.70 -35.01 -29.16
N LEU B 70 15.37 -35.20 -27.89
CA LEU B 70 14.48 -34.30 -27.16
C LEU B 70 15.34 -33.53 -26.17
N GLU B 71 15.47 -32.22 -26.35
CA GLU B 71 16.24 -31.40 -25.44
C GLU B 71 15.32 -30.61 -24.51
N PHE B 72 15.57 -30.76 -23.19
CA PHE B 72 14.82 -30.07 -22.14
C PHE B 72 15.75 -29.05 -21.48
N LYS B 73 15.46 -27.76 -21.67
CA LYS B 73 16.32 -26.74 -21.08
C LYS B 73 16.16 -26.63 -19.57
N GLY B 74 15.01 -27.03 -19.02
CA GLY B 74 14.85 -27.01 -17.58
C GLY B 74 13.52 -27.58 -17.15
N VAL B 75 13.54 -28.59 -16.28
CA VAL B 75 12.31 -29.11 -15.66
C VAL B 75 12.50 -29.01 -14.15
N SER B 76 11.57 -28.32 -13.49
CA SER B 76 11.66 -28.05 -12.04
C SER B 76 10.92 -29.12 -11.24
N HIS B 77 11.63 -29.85 -10.38
CA HIS B 77 13.08 -29.92 -10.33
C HIS B 77 13.51 -31.36 -10.64
N THR B 78 12.54 -32.28 -10.73
CA THR B 78 12.79 -33.69 -11.02
C THR B 78 11.88 -34.12 -12.16
N ALA B 79 12.45 -34.62 -13.27
CA ALA B 79 11.67 -34.99 -14.44
C ALA B 79 11.74 -36.49 -14.68
N SER B 80 10.63 -37.03 -15.20
CA SER B 80 10.57 -38.35 -15.83
C SER B 80 9.94 -38.16 -17.19
N VAL B 81 10.65 -38.55 -18.23
CA VAL B 81 10.22 -38.33 -19.61
C VAL B 81 9.68 -39.65 -20.16
N LEU B 82 8.53 -39.59 -20.82
CA LEU B 82 7.93 -40.77 -21.43
C LEU B 82 7.54 -40.43 -22.87
N VAL B 83 7.79 -41.37 -23.77
CA VAL B 83 7.40 -41.27 -25.18
C VAL B 83 6.64 -42.53 -25.55
N ASP B 84 5.45 -42.36 -26.14
CA ASP B 84 4.55 -43.47 -26.45
C ASP B 84 4.36 -44.41 -25.25
N GLY B 85 4.23 -43.82 -24.06
CA GLY B 85 3.98 -44.56 -22.84
C GLY B 85 5.16 -45.26 -22.21
N LYS B 86 6.36 -45.14 -22.78
CA LYS B 86 7.54 -45.82 -22.25
C LYS B 86 8.49 -44.82 -21.59
N PRO B 87 8.98 -45.09 -20.38
CA PRO B 87 9.99 -44.22 -19.77
C PRO B 87 11.27 -44.23 -20.60
N VAL B 88 11.81 -43.03 -20.88
CA VAL B 88 12.95 -42.90 -21.78
C VAL B 88 14.05 -42.00 -21.22
N GLY B 89 13.83 -41.37 -20.09
CA GLY B 89 14.87 -40.55 -19.48
C GLY B 89 14.36 -39.96 -18.18
N SER B 90 15.29 -39.40 -17.43
CA SER B 90 14.93 -38.71 -16.21
C SER B 90 16.04 -37.75 -15.86
N HIS B 91 15.77 -36.87 -14.89
CA HIS B 91 16.73 -35.82 -14.60
C HIS B 91 16.41 -35.20 -13.24
N TYR B 92 17.46 -34.69 -12.60
CA TYR B 92 17.35 -33.93 -11.37
C TYR B 92 18.07 -32.61 -11.54
N ASN B 93 17.48 -31.54 -10.96
CA ASN B 93 17.98 -30.16 -10.87
C ASN B 93 17.21 -29.29 -11.84
N ALA B 94 16.57 -28.24 -11.32
CA ALA B 94 15.68 -27.42 -12.13
C ALA B 94 16.43 -26.59 -13.17
N TYR B 95 17.73 -26.37 -12.98
CA TYR B 95 18.43 -25.26 -13.63
C TYR B 95 19.42 -25.69 -14.71
N THR B 96 19.56 -26.98 -15.01
CA THR B 96 20.48 -27.36 -16.07
C THR B 96 19.77 -28.14 -17.18
N PRO B 97 20.23 -28.01 -18.43
CA PRO B 97 19.57 -28.74 -19.51
C PRO B 97 19.99 -30.21 -19.55
N PHE B 98 19.20 -30.98 -20.27
CA PHE B 98 19.45 -32.40 -20.45
C PHE B 98 18.67 -32.84 -21.67
N ASP B 99 18.99 -34.02 -22.20
CA ASP B 99 18.38 -34.45 -23.44
C ASP B 99 18.03 -35.93 -23.36
N VAL B 100 17.19 -36.36 -24.31
CA VAL B 100 16.83 -37.76 -24.49
C VAL B 100 17.04 -38.11 -25.96
N VAL B 101 17.77 -39.18 -26.22
CA VAL B 101 18.11 -39.61 -27.58
C VAL B 101 17.42 -40.94 -27.84
N LEU B 102 16.58 -40.99 -28.87
CA LEU B 102 15.83 -42.20 -29.21
C LEU B 102 16.20 -42.65 -30.62
N LYS B 103 16.51 -43.95 -30.77
CA LYS B 103 16.94 -44.52 -32.04
C LYS B 103 15.77 -45.11 -32.80
N ASP B 104 15.71 -44.79 -34.10
CA ASP B 104 14.79 -45.41 -35.05
C ASP B 104 13.39 -45.63 -34.50
N ILE B 105 12.65 -44.54 -34.32
CA ILE B 105 11.27 -44.63 -33.86
C ILE B 105 10.38 -44.78 -35.06
N ARG B 106 9.28 -45.52 -34.89
CA ARG B 106 8.30 -45.68 -35.96
C ARG B 106 7.78 -44.31 -36.38
N PRO B 107 7.46 -44.13 -37.65
CA PRO B 107 7.04 -42.80 -38.12
C PRO B 107 5.67 -42.41 -37.59
N GLY B 108 5.34 -41.13 -37.78
CA GLY B 108 4.03 -40.64 -37.43
C GLY B 108 3.92 -39.82 -36.15
N ILE B 109 2.79 -39.96 -35.46
CA ILE B 109 2.46 -39.16 -34.30
C ILE B 109 2.90 -39.92 -33.05
N HIS B 110 3.58 -39.22 -32.13
CA HIS B 110 3.97 -39.77 -30.85
C HIS B 110 3.44 -38.93 -29.70
N GLN B 111 3.29 -39.58 -28.54
CA GLN B 111 2.81 -38.93 -27.34
C GLN B 111 3.99 -38.66 -26.41
N LEU B 112 4.17 -37.40 -26.03
CA LEU B 112 5.22 -36.98 -25.12
C LEU B 112 4.59 -36.66 -23.78
N GLU B 113 5.13 -37.22 -22.71
CA GLU B 113 4.72 -36.88 -21.36
C GLU B 113 5.94 -36.62 -20.51
N VAL B 114 5.86 -35.56 -19.69
CA VAL B 114 6.88 -35.23 -18.71
C VAL B 114 6.18 -35.15 -17.36
N ILE B 115 6.62 -35.99 -16.44
CA ILE B 115 6.21 -35.88 -15.06
C ILE B 115 7.24 -35.03 -14.33
N ALA B 116 6.83 -33.86 -13.86
CA ALA B 116 7.69 -32.99 -13.08
C ALA B 116 7.31 -33.11 -11.61
N ASP B 117 8.31 -32.96 -10.75
CA ASP B 117 8.16 -33.12 -9.31
C ASP B 117 8.97 -32.03 -8.62
N ASN B 118 8.34 -31.26 -7.71
CA ASN B 118 9.08 -30.29 -6.90
C ASN B 118 9.04 -30.65 -5.41
N SER B 119 8.71 -31.89 -5.08
CA SER B 119 8.72 -32.35 -3.69
C SER B 119 10.06 -32.13 -3.03
N PHE B 120 10.02 -31.88 -1.74
CA PHE B 120 11.19 -31.96 -0.88
C PHE B 120 11.25 -33.35 -0.24
N GLY B 121 12.45 -33.81 0.05
CA GLY B 121 12.61 -35.12 0.63
C GLY B 121 14.02 -35.62 0.49
N PRO B 122 14.25 -36.85 0.97
CA PRO B 122 15.63 -37.37 1.04
C PRO B 122 16.25 -37.63 -0.31
N ASP B 123 15.46 -37.78 -1.38
CA ASP B 123 16.08 -37.96 -2.69
C ASP B 123 16.64 -36.67 -3.27
N SER B 124 16.29 -35.52 -2.69
CA SER B 124 16.65 -34.24 -3.27
C SER B 124 17.62 -33.55 -2.31
N ALA B 125 18.89 -33.43 -2.71
CA ALA B 125 19.90 -32.84 -1.81
C ALA B 125 20.20 -31.38 -2.12
N LEU B 126 19.89 -30.90 -3.31
CA LEU B 126 20.06 -29.50 -3.68
C LEU B 126 18.78 -28.69 -3.48
N HIS B 127 17.66 -29.17 -4.04
CA HIS B 127 16.37 -28.52 -3.82
C HIS B 127 15.82 -28.91 -2.44
N VAL B 128 15.85 -27.97 -1.49
CA VAL B 128 15.44 -28.18 -0.11
C VAL B 128 14.64 -26.97 0.36
N PRO B 129 13.95 -27.02 1.51
CA PRO B 129 13.35 -25.78 2.03
C PRO B 129 14.43 -24.73 2.20
N ASN B 130 14.22 -23.56 1.61
CA ASN B 130 15.33 -22.63 1.48
C ASN B 130 14.81 -21.20 1.32
N ASP B 131 15.75 -20.27 1.28
CA ASP B 131 15.53 -18.84 1.07
C ASP B 131 15.28 -18.49 -0.41
N TYR B 132 14.57 -19.36 -1.11
CA TYR B 132 14.09 -19.12 -2.46
C TYR B 132 13.17 -20.28 -2.78
N GLN B 133 12.35 -20.12 -3.80
CA GLN B 133 11.32 -21.11 -4.10
C GLN B 133 11.85 -22.17 -5.05
N SER B 134 11.41 -23.41 -4.82
CA SER B 134 11.59 -24.51 -5.78
C SER B 134 10.26 -24.71 -6.48
N TYR B 135 10.14 -24.16 -7.69
CA TYR B 135 8.90 -24.26 -8.43
C TYR B 135 8.73 -25.68 -8.98
N GLY B 136 7.57 -25.93 -9.56
CA GLY B 136 7.33 -27.14 -10.32
C GLY B 136 6.92 -26.78 -11.74
N GLY B 137 7.38 -27.59 -12.71
CA GLY B 137 6.88 -27.52 -14.07
C GLY B 137 8.00 -27.53 -15.08
N ILE B 138 7.63 -27.36 -16.34
CA ILE B 138 8.63 -27.26 -17.42
C ILE B 138 8.95 -25.77 -17.54
N SER B 139 9.97 -25.34 -16.81
CA SER B 139 10.22 -23.91 -16.64
C SER B 139 11.11 -23.30 -17.74
N ARG B 140 11.77 -24.10 -18.56
CA ARG B 140 12.48 -23.62 -19.74
C ARG B 140 12.07 -24.47 -20.94
N GLY B 141 12.65 -24.19 -22.10
CA GLY B 141 12.14 -24.70 -23.35
C GLY B 141 12.39 -26.18 -23.61
N VAL B 142 11.79 -26.66 -24.69
CA VAL B 142 11.84 -28.05 -25.11
C VAL B 142 12.00 -28.06 -26.62
N VAL B 143 12.98 -28.83 -27.13
CA VAL B 143 13.27 -28.88 -28.56
C VAL B 143 13.25 -30.33 -29.03
N LEU B 144 12.57 -30.57 -30.14
CA LEU B 144 12.62 -31.85 -30.86
C LEU B 144 13.61 -31.73 -32.01
N GLU B 145 14.59 -32.62 -32.05
CA GLU B 145 15.53 -32.66 -33.17
C GLU B 145 15.39 -34.02 -33.88
N GLU B 146 15.36 -33.98 -35.20
CA GLU B 146 15.39 -35.19 -36.02
C GLU B 146 16.80 -35.37 -36.56
N LEU B 147 17.43 -36.49 -36.21
CA LEU B 147 18.86 -36.71 -36.44
C LEU B 147 19.11 -37.70 -37.57
N GLY B 148 20.32 -37.63 -38.11
CA GLY B 148 20.80 -38.65 -39.03
C GLY B 148 21.46 -39.77 -38.28
N GLU B 149 22.57 -40.31 -38.82
CA GLU B 149 23.26 -41.40 -38.15
C GLU B 149 24.35 -40.90 -37.20
N ALA B 150 24.59 -39.59 -37.14
CA ALA B 150 25.58 -39.05 -36.22
C ALA B 150 25.24 -37.58 -35.97
N TYR B 151 25.66 -37.06 -34.82
CA TYR B 151 25.38 -35.65 -34.59
C TYR B 151 26.45 -35.03 -33.73
N LEU B 152 26.49 -33.71 -33.76
CA LEU B 152 27.44 -32.93 -32.98
C LEU B 152 26.83 -32.65 -31.61
N SER B 153 27.47 -33.13 -30.56
CA SER B 153 26.89 -33.02 -29.23
C SER B 153 27.19 -31.67 -28.62
N TRP B 154 28.41 -31.14 -28.83
CA TRP B 154 28.76 -29.83 -28.32
C TRP B 154 30.02 -29.35 -29.02
N ILE B 155 30.26 -28.04 -28.89
CA ILE B 155 31.49 -27.41 -29.37
C ILE B 155 31.93 -26.38 -28.32
N HIS B 156 33.20 -26.46 -27.91
CA HIS B 156 33.79 -25.55 -26.93
C HIS B 156 34.94 -24.79 -27.60
N PHE B 157 34.86 -23.47 -27.56
CA PHE B 157 35.88 -22.60 -28.15
C PHE B 157 36.57 -21.82 -27.02
N THR B 158 37.89 -21.82 -27.03
CA THR B 158 38.70 -21.09 -26.09
C THR B 158 39.56 -20.07 -26.83
N PRO B 159 39.45 -18.77 -26.53
CA PRO B 159 40.41 -17.82 -27.10
C PRO B 159 41.61 -17.66 -26.18
N PHE B 160 42.75 -17.35 -26.80
CA PHE B 160 43.97 -17.04 -26.08
C PHE B 160 44.55 -15.73 -26.59
N LEU B 161 45.07 -14.93 -25.67
CA LEU B 161 45.67 -13.65 -26.01
C LEU B 161 47.18 -13.80 -25.92
N ARG B 162 47.84 -13.80 -27.06
CA ARG B 162 49.28 -13.91 -27.11
C ARG B 162 49.90 -12.56 -27.46
N LYS B 163 51.23 -12.50 -27.42
CA LYS B 163 51.92 -11.26 -27.72
C LYS B 163 51.66 -10.78 -29.15
N ASP B 164 51.36 -11.71 -30.07
CA ASP B 164 51.11 -11.34 -31.46
C ASP B 164 49.62 -11.34 -31.82
N GLY B 165 48.75 -11.32 -30.81
CA GLY B 165 47.32 -11.18 -31.00
C GLY B 165 46.52 -12.40 -30.58
N TRP B 166 45.29 -12.46 -31.10
CA TRP B 166 44.33 -13.46 -30.68
C TRP B 166 44.59 -14.80 -31.36
N TYR B 167 44.57 -15.85 -30.55
CA TYR B 167 44.55 -17.24 -31.00
C TYR B 167 43.29 -17.91 -30.47
N GLY B 168 43.04 -19.12 -30.97
CA GLY B 168 41.83 -19.83 -30.58
C GLY B 168 42.00 -21.32 -30.75
N LYS B 169 41.35 -22.06 -29.86
CA LYS B 169 41.27 -23.51 -29.94
C LYS B 169 39.79 -23.91 -29.93
N ALA B 170 39.46 -24.96 -30.68
CA ALA B 170 38.09 -25.48 -30.73
C ALA B 170 38.11 -26.97 -30.44
N GLU B 171 37.21 -27.42 -29.56
CA GLU B 171 37.02 -28.83 -29.29
C GLU B 171 35.57 -29.21 -29.57
N ILE B 172 35.36 -30.29 -30.33
CA ILE B 172 34.02 -30.74 -30.70
C ILE B 172 33.84 -32.17 -30.21
N CYS B 173 32.64 -32.48 -29.73
CA CYS B 173 32.23 -33.83 -29.39
C CYS B 173 31.26 -34.35 -30.44
N VAL B 174 31.54 -35.54 -30.98
CA VAL B 174 30.73 -36.14 -32.04
C VAL B 174 30.20 -37.47 -31.55
N ARG B 175 28.93 -37.73 -31.81
CA ARG B 175 28.29 -38.94 -31.31
C ARG B 175 27.77 -39.76 -32.50
N ASN B 176 28.28 -40.96 -32.63
CA ASN B 176 27.87 -41.85 -33.70
C ASN B 176 26.71 -42.69 -33.20
N LEU B 177 25.58 -42.64 -33.89
CA LEU B 177 24.43 -43.45 -33.52
C LEU B 177 24.33 -44.75 -34.30
N SER B 178 25.22 -44.96 -35.27
CA SER B 178 25.22 -46.16 -36.08
C SER B 178 26.08 -47.23 -35.43
N SER B 179 25.66 -48.49 -35.60
CA SER B 179 26.51 -49.60 -35.21
C SER B 179 27.78 -49.67 -36.04
N GLY B 180 27.83 -49.00 -37.22
CA GLY B 180 29.01 -49.01 -38.05
C GLY B 180 29.96 -47.83 -37.83
N ARG B 181 31.21 -48.03 -38.23
CA ARG B 181 32.22 -46.99 -38.16
C ARG B 181 31.80 -45.78 -38.99
N LEU B 182 32.17 -44.59 -38.55
CA LEU B 182 31.89 -43.36 -39.27
C LEU B 182 33.20 -42.67 -39.62
N ASP B 183 33.39 -42.37 -40.91
CA ASP B 183 34.48 -41.52 -41.37
C ASP B 183 33.90 -40.22 -41.91
N GLY B 184 34.58 -39.11 -41.61
CA GLY B 184 34.12 -37.83 -42.08
C GLY B 184 35.03 -36.75 -41.57
N SER B 185 34.59 -35.50 -41.65
CA SER B 185 35.34 -34.42 -41.03
C SER B 185 34.38 -33.45 -40.37
N VAL B 186 34.95 -32.48 -39.65
CA VAL B 186 34.20 -31.37 -39.10
C VAL B 186 34.87 -30.09 -39.56
N GLU B 187 34.13 -29.24 -40.26
CA GLU B 187 34.63 -27.96 -40.73
C GLU B 187 34.13 -26.84 -39.83
N VAL B 188 35.06 -26.02 -39.34
CA VAL B 188 34.79 -25.00 -38.34
C VAL B 188 35.10 -23.63 -38.94
N GLU B 189 34.09 -22.78 -39.01
CA GLU B 189 34.21 -21.39 -39.41
C GLU B 189 33.79 -20.51 -38.22
N ILE B 190 34.51 -19.42 -38.00
CA ILE B 190 34.18 -18.45 -36.95
C ILE B 190 33.89 -17.12 -37.64
N GLY B 191 32.62 -16.74 -37.65
CA GLY B 191 32.22 -15.49 -38.28
C GLY B 191 32.62 -15.43 -39.74
N LYS B 192 32.48 -16.55 -40.46
CA LYS B 192 32.78 -16.68 -41.88
C LYS B 192 34.28 -16.64 -42.20
N ASN B 193 35.17 -16.55 -41.22
CA ASN B 193 36.58 -16.87 -41.44
C ASN B 193 36.82 -18.36 -41.27
N SER B 194 37.48 -18.97 -42.25
CA SER B 194 37.82 -20.39 -42.15
C SER B 194 38.78 -20.64 -40.99
N PHE B 195 38.48 -21.67 -40.19
CA PHE B 195 39.27 -21.91 -38.97
C PHE B 195 39.99 -23.25 -38.99
N ALA B 196 39.29 -24.37 -39.14
CA ALA B 196 39.94 -25.67 -39.02
C ALA B 196 39.08 -26.74 -39.66
N VAL B 197 39.71 -27.87 -39.95
CA VAL B 197 39.03 -29.07 -40.41
C VAL B 197 39.54 -30.21 -39.55
N LEU B 198 38.63 -30.91 -38.88
CA LEU B 198 39.00 -31.99 -37.98
C LEU B 198 38.63 -33.30 -38.63
N PRO B 199 39.59 -34.19 -38.90
CA PRO B 199 39.25 -35.50 -39.46
C PRO B 199 38.61 -36.37 -38.41
N ILE B 200 37.54 -37.06 -38.78
CA ILE B 200 36.67 -37.75 -37.83
C ILE B 200 36.70 -39.25 -38.14
N VAL B 201 37.06 -40.05 -37.14
CA VAL B 201 36.93 -41.50 -37.19
C VAL B 201 36.26 -41.94 -35.90
N LEU B 202 35.09 -42.56 -36.02
CA LEU B 202 34.32 -43.01 -34.88
C LEU B 202 34.01 -44.49 -35.05
N GLU B 203 34.22 -45.28 -34.01
CA GLU B 203 33.73 -46.64 -34.06
C GLU B 203 32.21 -46.65 -33.96
N GLY B 204 31.62 -47.83 -34.08
CA GLY B 204 30.19 -47.97 -33.89
C GLY B 204 29.75 -47.52 -32.51
N GLU B 205 28.69 -46.70 -32.46
CA GLU B 205 28.07 -46.21 -31.23
C GLU B 205 29.03 -45.41 -30.35
N GLU B 206 30.10 -44.86 -30.91
CA GLU B 206 31.09 -44.16 -30.10
C GLU B 206 30.76 -42.68 -30.01
N GLU B 207 31.02 -42.10 -28.85
CA GLU B 207 31.02 -40.66 -28.66
C GLU B 207 32.44 -40.25 -28.30
N LYS B 208 33.00 -39.32 -29.08
CA LYS B 208 34.40 -38.95 -28.88
C LYS B 208 34.56 -37.47 -29.13
N SER B 209 35.57 -36.88 -28.50
CA SER B 209 35.86 -35.46 -28.63
C SER B 209 37.12 -35.27 -29.47
N PHE B 210 37.15 -34.22 -30.28
CA PHE B 210 38.28 -33.94 -31.17
C PHE B 210 38.66 -32.48 -31.02
N SER B 211 39.96 -32.19 -30.88
CA SER B 211 40.45 -30.82 -30.70
C SER B 211 41.25 -30.33 -31.91
N THR B 212 41.26 -29.01 -32.09
CA THR B 212 42.21 -28.34 -32.95
C THR B 212 43.41 -27.90 -32.12
N GLU B 213 44.48 -27.50 -32.82
CA GLU B 213 45.57 -26.78 -32.19
C GLU B 213 45.13 -25.35 -31.89
N GLU B 214 46.01 -24.59 -31.23
CA GLU B 214 45.78 -23.15 -31.03
C GLU B 214 46.21 -22.42 -32.29
N LEU B 215 45.24 -21.91 -33.03
CA LEU B 215 45.42 -21.30 -34.32
C LEU B 215 45.32 -19.79 -34.22
N PRO B 216 45.99 -19.05 -35.11
CA PRO B 216 45.86 -17.60 -35.12
C PRO B 216 44.48 -17.15 -35.58
N CYS B 217 44.02 -16.05 -34.98
CA CYS B 217 42.79 -15.38 -35.42
C CYS B 217 43.08 -13.88 -35.53
N PRO B 218 43.85 -13.47 -36.55
CA PRO B 218 44.24 -12.06 -36.66
C PRO B 218 43.10 -11.14 -37.08
N TRP B 219 41.98 -11.70 -37.53
CA TRP B 219 40.78 -10.94 -37.84
C TRP B 219 39.91 -10.68 -36.61
N ALA B 220 40.31 -11.20 -35.44
CA ALA B 220 39.43 -11.17 -34.27
C ALA B 220 39.47 -9.80 -33.61
N GLU B 221 38.29 -9.26 -33.33
CA GLU B 221 38.12 -8.12 -32.45
C GLU B 221 37.70 -8.60 -31.07
N CYS B 222 38.04 -7.84 -30.05
CA CYS B 222 37.85 -8.36 -28.71
C CYS B 222 36.45 -8.05 -28.17
N TRP B 223 36.06 -8.84 -27.17
CA TRP B 223 34.80 -8.67 -26.44
C TRP B 223 35.10 -7.94 -25.14
N SER B 224 34.34 -6.90 -24.86
CA SER B 224 34.47 -6.19 -23.59
C SER B 224 33.13 -5.56 -23.25
N PRO B 225 32.96 -5.11 -21.99
CA PRO B 225 31.73 -4.36 -21.66
C PRO B 225 31.49 -3.17 -22.56
N GLU B 226 32.55 -2.45 -22.91
CA GLU B 226 32.43 -1.30 -23.79
C GLU B 226 32.13 -1.70 -25.22
N SER B 227 32.62 -2.86 -25.66
CA SER B 227 32.47 -3.30 -27.05
C SER B 227 32.21 -4.79 -27.08
N PRO B 228 30.97 -5.20 -26.93
CA PRO B 228 30.72 -6.66 -26.80
C PRO B 228 30.61 -7.39 -28.14
N VAL B 229 31.71 -7.42 -28.90
CA VAL B 229 31.71 -8.05 -30.22
C VAL B 229 31.59 -9.56 -30.09
N LEU B 230 30.68 -10.16 -30.88
CA LEU B 230 30.45 -11.60 -30.88
C LEU B 230 30.61 -12.17 -32.29
N TYR B 231 30.97 -13.46 -32.35
CA TYR B 231 31.06 -14.19 -33.60
C TYR B 231 30.26 -15.48 -33.51
N LEU B 232 29.54 -15.82 -34.56
CA LEU B 232 28.97 -17.15 -34.67
C LEU B 232 30.06 -18.14 -35.05
N ILE B 233 30.17 -19.25 -34.31
CA ILE B 233 31.08 -20.33 -34.65
C ILE B 233 30.22 -21.48 -35.16
N THR B 234 30.53 -21.96 -36.37
CA THR B 234 29.75 -23.00 -37.02
C THR B 234 30.63 -24.22 -37.23
N ALA B 235 30.15 -25.39 -36.82
CA ALA B 235 30.82 -26.64 -37.10
C ALA B 235 29.87 -27.48 -37.94
N VAL B 236 30.39 -28.04 -39.04
CA VAL B 236 29.60 -28.86 -39.95
C VAL B 236 30.25 -30.24 -40.03
N LEU B 237 29.44 -31.27 -39.80
CA LEU B 237 29.89 -32.66 -39.92
C LEU B 237 29.60 -33.15 -41.34
N ARG B 238 30.67 -33.46 -42.08
CA ARG B 238 30.55 -33.89 -43.47
C ARG B 238 30.88 -35.37 -43.54
N THR B 239 29.96 -36.15 -44.09
CA THR B 239 30.07 -37.58 -44.32
C THR B 239 29.83 -37.88 -45.81
N ALA B 240 29.81 -39.17 -46.16
CA ALA B 240 29.50 -39.56 -47.53
C ALA B 240 28.15 -39.04 -47.99
N ASP B 241 27.29 -38.58 -47.09
CA ASP B 241 25.99 -38.05 -47.46
C ASP B 241 26.02 -36.55 -47.78
N GLY B 242 27.13 -35.88 -47.55
CA GLY B 242 27.22 -34.44 -47.63
C GLY B 242 27.33 -33.82 -46.25
N ALA B 243 26.93 -32.55 -46.18
CA ALA B 243 26.86 -31.84 -44.90
C ALA B 243 25.72 -32.42 -44.08
N ALA B 244 26.03 -33.40 -43.23
CA ALA B 244 25.00 -34.16 -42.54
C ALA B 244 24.48 -33.47 -41.29
N ASP B 245 25.25 -32.59 -40.65
CA ASP B 245 24.82 -31.99 -39.39
C ASP B 245 25.63 -30.73 -39.14
N ASP B 246 25.15 -29.92 -38.20
CA ASP B 246 25.84 -28.69 -37.82
C ASP B 246 25.56 -28.38 -36.36
N ILE B 247 26.39 -27.50 -35.80
CA ILE B 247 26.09 -26.88 -34.52
C ILE B 247 26.66 -25.48 -34.56
N ILE B 248 25.85 -24.50 -34.16
CA ILE B 248 26.19 -23.08 -34.24
C ILE B 248 26.15 -22.51 -32.82
N ASP B 249 27.19 -21.76 -32.45
CA ASP B 249 27.24 -21.08 -31.16
C ASP B 249 27.85 -19.70 -31.36
N ARG B 250 27.96 -18.92 -30.28
CA ARG B 250 28.60 -17.62 -30.34
C ARG B 250 29.75 -17.55 -29.35
N VAL B 251 30.79 -16.81 -29.72
CA VAL B 251 31.99 -16.68 -28.92
C VAL B 251 32.37 -15.21 -28.85
N GLY B 252 33.19 -14.88 -27.87
CA GLY B 252 33.74 -13.55 -27.76
C GLY B 252 35.21 -13.63 -27.38
N PHE B 253 36.05 -12.82 -28.02
CA PHE B 253 37.49 -12.86 -27.77
C PHE B 253 37.80 -11.98 -26.57
N ARG B 254 37.90 -12.59 -25.41
CA ARG B 254 38.29 -11.88 -24.21
C ARG B 254 39.12 -12.83 -23.37
N GLU B 255 40.05 -12.26 -22.62
CA GLU B 255 40.85 -13.00 -21.65
C GLU B 255 40.46 -12.56 -20.24
N ILE B 256 40.21 -13.53 -19.37
CA ILE B 256 40.03 -13.29 -17.95
C ILE B 256 41.10 -14.06 -17.21
N ARG B 257 41.88 -13.36 -16.39
CA ARG B 257 42.82 -14.05 -15.54
C ARG B 257 43.01 -13.24 -14.27
N THR B 258 43.53 -13.92 -13.24
CA THR B 258 43.92 -13.25 -12.02
C THR B 258 45.43 -13.10 -12.00
N GLU B 259 45.89 -11.98 -11.46
CA GLU B 259 47.31 -11.72 -11.30
C GLU B 259 47.44 -10.92 -10.01
N GLY B 260 47.96 -11.56 -8.97
CA GLY B 260 48.01 -10.91 -7.67
C GLY B 260 46.60 -10.68 -7.16
N LYS B 261 46.34 -9.46 -6.70
CA LYS B 261 45.04 -9.07 -6.18
C LYS B 261 44.13 -8.53 -7.26
N ASP B 262 44.50 -8.65 -8.53
CA ASP B 262 43.74 -8.08 -9.64
C ASP B 262 42.97 -9.16 -10.36
N ILE B 263 41.77 -8.81 -10.80
CA ILE B 263 41.05 -9.56 -11.81
C ILE B 263 41.24 -8.80 -13.11
N LEU B 264 41.83 -9.45 -14.11
CA LEU B 264 42.21 -8.77 -15.34
C LEU B 264 41.31 -9.19 -16.48
N LEU B 265 40.72 -8.22 -17.16
CA LEU B 265 39.88 -8.44 -18.32
C LEU B 265 40.57 -7.75 -19.49
N ASN B 266 41.17 -8.53 -20.39
CA ASN B 266 41.96 -8.00 -21.49
C ASN B 266 43.05 -7.06 -20.97
N GLY B 267 43.71 -7.48 -19.88
CA GLY B 267 44.79 -6.73 -19.29
C GLY B 267 44.41 -5.58 -18.39
N ARG B 268 43.14 -5.20 -18.32
CA ARG B 268 42.69 -4.09 -17.50
C ARG B 268 42.21 -4.61 -16.16
N LYS B 269 42.44 -3.85 -15.08
CA LYS B 269 42.03 -4.30 -13.76
C LYS B 269 40.56 -3.99 -13.57
N LEU B 270 39.78 -5.04 -13.36
CA LEU B 270 38.33 -4.94 -13.36
C LEU B 270 37.80 -4.46 -12.01
N ARG B 271 36.79 -3.60 -12.05
CA ARG B 271 35.95 -3.30 -10.89
C ARG B 271 34.55 -3.88 -11.15
N ILE B 272 34.10 -4.75 -10.23
CA ILE B 272 32.79 -5.37 -10.32
C ILE B 272 31.76 -4.45 -9.66
N LYS B 273 30.75 -4.03 -10.42
CA LYS B 273 29.58 -3.28 -9.94
C LYS B 273 28.35 -4.16 -10.21
N GLY B 274 27.97 -5.03 -9.26
CA GLY B 274 27.13 -6.16 -9.56
C GLY B 274 25.81 -6.23 -8.80
N PHE B 275 24.96 -7.14 -9.27
CA PHE B 275 23.70 -7.49 -8.60
C PHE B 275 23.58 -9.00 -8.50
N CYS B 276 23.26 -9.48 -7.32
CA CYS B 276 22.73 -10.83 -7.21
C CYS B 276 21.32 -10.82 -7.79
N ARG B 277 21.01 -11.78 -8.66
CA ARG B 277 19.67 -11.82 -9.25
C ARG B 277 19.21 -13.26 -9.33
N HIS B 278 18.12 -13.57 -8.62
CA HIS B 278 17.40 -14.82 -8.72
C HIS B 278 16.56 -14.82 -9.99
N GLU B 279 16.23 -16.03 -10.46
CA GLU B 279 15.22 -16.22 -11.50
C GLU B 279 13.86 -16.29 -10.81
N ASP B 280 13.25 -15.14 -10.57
CA ASP B 280 12.00 -15.12 -9.81
C ASP B 280 11.15 -13.92 -10.22
N HIS B 281 9.84 -14.14 -10.35
CA HIS B 281 8.93 -13.09 -10.81
C HIS B 281 7.56 -13.47 -10.30
N PRO B 282 6.75 -12.51 -9.86
CA PRO B 282 5.44 -12.87 -9.26
C PRO B 282 4.44 -13.44 -10.26
N GLN B 283 4.58 -13.17 -11.55
CA GLN B 283 3.71 -13.80 -12.53
C GLN B 283 4.32 -15.05 -13.16
N PHE B 284 5.65 -15.14 -13.27
CA PHE B 284 6.28 -16.16 -14.10
C PHE B 284 7.06 -17.19 -13.32
N GLY B 285 7.13 -17.08 -11.99
CA GLY B 285 7.88 -18.05 -11.21
C GLY B 285 9.35 -17.95 -11.57
N CYS B 286 9.96 -19.06 -11.98
CA CYS B 286 11.32 -19.01 -12.51
C CYS B 286 11.33 -19.18 -14.03
N ALA B 287 10.18 -19.13 -14.67
CA ALA B 287 10.05 -19.24 -16.14
C ALA B 287 9.80 -17.87 -16.77
N LEU B 288 10.79 -16.99 -16.63
CA LEU B 288 10.64 -15.61 -17.13
C LEU B 288 10.80 -15.56 -18.65
N PRO B 289 9.88 -14.90 -19.36
CA PRO B 289 10.04 -14.72 -20.80
C PRO B 289 11.15 -13.73 -21.14
N PHE B 290 11.57 -13.79 -22.41
CA PHE B 290 12.57 -12.87 -22.94
C PHE B 290 12.26 -11.42 -22.54
N SER B 291 11.01 -10.98 -22.73
CA SER B 291 10.65 -9.60 -22.39
C SER B 291 10.91 -9.30 -20.92
N ALA B 292 10.67 -10.27 -20.04
CA ALA B 292 10.87 -10.00 -18.61
C ALA B 292 12.35 -9.96 -18.25
N MET B 293 13.15 -10.82 -18.89
CA MET B 293 14.61 -10.79 -18.75
C MET B 293 15.19 -9.43 -19.14
N GLN B 294 14.87 -8.98 -20.35
CA GLN B 294 15.42 -7.72 -20.84
C GLN B 294 14.94 -6.54 -19.99
N HIS B 295 13.70 -6.59 -19.52
CA HIS B 295 13.21 -5.56 -18.61
C HIS B 295 14.10 -5.47 -17.37
N ASP B 296 14.38 -6.62 -16.73
CA ASP B 296 15.30 -6.64 -15.60
C ASP B 296 16.68 -6.07 -15.99
N LEU B 297 17.20 -6.48 -17.15
CA LEU B 297 18.54 -6.05 -17.56
C LEU B 297 18.61 -4.55 -17.79
N MET B 298 17.53 -3.96 -18.34
CA MET B 298 17.51 -2.50 -18.53
C MET B 298 17.49 -1.77 -17.19
N LEU B 299 16.76 -2.28 -16.20
CA LEU B 299 16.84 -1.69 -14.87
C LEU B 299 18.24 -1.84 -14.30
N ILE B 300 18.82 -3.05 -14.43
CA ILE B 300 20.15 -3.29 -13.89
C ILE B 300 21.18 -2.41 -14.59
N LYS B 301 21.03 -2.21 -15.91
CA LYS B 301 21.93 -1.25 -16.56
C LYS B 301 21.65 0.18 -16.09
N ASP B 302 20.38 0.54 -15.90
CA ASP B 302 20.06 1.89 -15.41
C ASP B 302 20.67 2.14 -14.04
N LEU B 303 20.78 1.09 -13.21
CA LEU B 303 21.40 1.23 -11.92
C LEU B 303 22.91 1.43 -12.00
N GLY B 304 23.50 1.37 -13.19
CA GLY B 304 24.93 1.55 -13.33
C GLY B 304 25.76 0.31 -13.12
N ALA B 305 25.13 -0.86 -13.01
CA ALA B 305 25.82 -2.11 -12.82
C ALA B 305 26.48 -2.60 -14.10
N ASN B 306 27.58 -3.34 -13.94
CA ASN B 306 28.20 -4.01 -15.07
C ASN B 306 28.22 -5.53 -14.94
N SER B 307 27.58 -6.09 -13.91
CA SER B 307 27.74 -7.51 -13.67
C SER B 307 26.54 -8.09 -12.90
N ILE B 308 26.22 -9.35 -13.20
CA ILE B 308 25.16 -10.12 -12.53
C ILE B 308 25.79 -11.37 -11.92
N ARG B 309 25.34 -11.73 -10.72
CA ARG B 309 25.66 -13.01 -10.10
C ARG B 309 24.41 -13.89 -10.03
N THR B 310 24.46 -15.08 -10.63
CA THR B 310 23.30 -15.99 -10.74
C THR B 310 23.07 -16.73 -9.42
N VAL B 311 22.55 -16.01 -8.41
CA VAL B 311 22.20 -16.70 -7.17
C VAL B 311 20.94 -17.52 -7.39
N HIS B 312 20.96 -18.81 -7.00
CA HIS B 312 22.13 -19.61 -6.60
C HIS B 312 22.14 -20.87 -7.45
N TYR B 313 22.25 -20.72 -8.76
CA TYR B 313 22.07 -21.86 -9.67
C TYR B 313 22.34 -21.38 -11.08
N PRO B 314 22.60 -22.29 -12.01
CA PRO B 314 22.80 -21.89 -13.42
C PRO B 314 21.55 -21.25 -14.01
N ASN B 315 21.76 -20.32 -14.95
CA ASN B 315 20.67 -19.54 -15.52
C ASN B 315 20.28 -20.02 -16.91
N ASP B 316 19.07 -19.62 -17.31
CA ASP B 316 18.60 -19.79 -18.67
C ASP B 316 19.63 -19.28 -19.67
N GLU B 317 19.92 -20.09 -20.70
CA GLU B 317 20.92 -19.68 -21.69
C GLU B 317 20.45 -18.46 -22.47
N LEU B 318 19.13 -18.30 -22.63
CA LEU B 318 18.58 -17.08 -23.24
C LEU B 318 19.03 -15.84 -22.46
N PHE B 319 19.13 -15.97 -21.13
CA PHE B 319 19.53 -14.83 -20.33
C PHE B 319 21.01 -14.56 -20.47
N LEU B 320 21.82 -15.62 -20.52
CA LEU B 320 23.26 -15.45 -20.75
C LEU B 320 23.55 -14.92 -22.14
N ASP B 321 22.73 -15.27 -23.12
CA ASP B 321 22.85 -14.68 -24.45
C ASP B 321 22.67 -13.17 -24.39
N LEU B 322 21.71 -12.70 -23.57
CA LEU B 322 21.44 -11.27 -23.50
C LEU B 322 22.57 -10.56 -22.76
N CYS B 323 23.22 -11.28 -21.84
CA CYS B 323 24.40 -10.73 -21.16
C CYS B 323 25.60 -10.64 -22.11
N ASP B 324 25.84 -11.69 -22.91
CA ASP B 324 26.86 -11.64 -23.96
C ASP B 324 26.66 -10.44 -24.86
N GLU B 325 25.44 -10.25 -25.36
CA GLU B 325 25.17 -9.20 -26.34
C GLU B 325 25.30 -7.81 -25.77
N GLN B 326 25.17 -7.65 -24.46
CA GLN B 326 25.15 -6.32 -23.87
C GLN B 326 26.40 -6.02 -23.05
N GLY B 327 27.34 -6.95 -22.97
CA GLY B 327 28.57 -6.68 -22.25
C GLY B 327 28.46 -6.77 -20.75
N ILE B 328 27.54 -7.57 -20.24
CA ILE B 328 27.35 -7.73 -18.80
C ILE B 328 28.18 -8.91 -18.34
N LEU B 329 29.02 -8.69 -17.33
CA LEU B 329 29.82 -9.79 -16.79
C LEU B 329 28.98 -10.67 -15.85
N VAL B 330 29.16 -11.99 -15.96
CA VAL B 330 28.35 -12.96 -15.23
C VAL B 330 29.27 -13.82 -14.35
N TRP B 331 28.97 -13.86 -13.06
CA TRP B 331 29.38 -14.94 -12.16
C TRP B 331 28.26 -15.98 -12.17
N GLU B 332 28.55 -17.19 -12.65
CA GLU B 332 27.58 -18.28 -12.61
C GLU B 332 28.05 -19.37 -11.67
N GLU B 333 27.13 -19.87 -10.85
CA GLU B 333 27.48 -20.87 -9.86
C GLU B 333 26.57 -22.09 -9.98
N ASN B 334 27.03 -23.20 -9.41
CA ASN B 334 26.22 -24.42 -9.38
C ASN B 334 25.11 -24.26 -8.34
N HIS B 335 24.13 -25.14 -8.40
CA HIS B 335 22.93 -25.00 -7.56
C HIS B 335 23.21 -25.50 -6.15
N ALA B 336 23.34 -24.57 -5.21
CA ALA B 336 23.51 -24.89 -3.80
C ALA B 336 23.43 -23.60 -3.00
N ARG B 337 22.78 -23.64 -1.83
CA ARG B 337 22.73 -22.45 -0.99
C ARG B 337 22.52 -22.84 0.47
N GLY B 338 23.51 -22.56 1.31
CA GLY B 338 23.35 -22.62 2.74
C GLY B 338 23.28 -24.02 3.31
N LEU B 339 23.84 -24.99 2.60
CA LEU B 339 23.74 -26.39 3.00
C LEU B 339 24.72 -26.69 4.12
N SER B 340 24.18 -27.22 5.22
CA SER B 340 24.97 -27.58 6.39
C SER B 340 25.84 -28.80 6.07
N GLU B 341 26.79 -29.07 6.96
CA GLU B 341 27.58 -30.31 6.84
C GLU B 341 26.64 -31.52 6.73
N GLU B 342 25.66 -31.62 7.62
CA GLU B 342 24.68 -32.71 7.54
C GLU B 342 23.96 -32.75 6.18
N ASN B 343 23.54 -31.59 5.67
CA ASN B 343 22.90 -31.56 4.36
C ASN B 343 23.86 -32.07 3.29
N MET B 344 25.13 -31.72 3.42
CA MET B 344 26.11 -32.13 2.41
C MET B 344 26.41 -33.61 2.49
N ARG B 345 26.11 -34.26 3.61
CA ARG B 345 26.31 -35.70 3.77
C ARG B 345 25.13 -36.50 3.24
N ASN B 346 24.09 -35.84 2.76
CA ASN B 346 23.02 -36.54 2.08
C ASN B 346 23.64 -37.43 0.99
N PRO B 347 23.23 -38.71 0.89
CA PRO B 347 23.96 -39.63 0.00
C PRO B 347 23.93 -39.25 -1.47
N HIS B 348 23.00 -38.39 -1.90
CA HIS B 348 22.95 -37.94 -3.28
C HIS B 348 23.68 -36.63 -3.51
N PHE B 349 24.22 -35.99 -2.46
CA PHE B 349 24.73 -34.63 -2.58
C PHE B 349 25.85 -34.51 -3.61
N LYS B 350 26.91 -35.33 -3.48
CA LYS B 350 28.11 -35.14 -4.33
C LYS B 350 27.79 -35.45 -5.79
N GLN B 351 26.98 -36.48 -6.01
CA GLN B 351 26.55 -36.81 -7.37
C GLN B 351 25.69 -35.69 -7.96
N GLN B 352 24.76 -35.14 -7.18
CA GLN B 352 23.90 -34.09 -7.72
C GLN B 352 24.69 -32.81 -7.97
N CYS B 353 25.63 -32.48 -7.08
CA CYS B 353 26.54 -31.36 -7.36
C CYS B 353 27.39 -31.61 -8.60
N GLY B 354 27.91 -32.83 -8.74
CA GLY B 354 28.75 -33.13 -9.89
C GLY B 354 27.98 -33.10 -11.20
N ASP B 355 26.76 -33.65 -11.21
CA ASP B 355 25.92 -33.55 -12.41
C ASP B 355 25.64 -32.10 -12.76
N CYS B 356 25.33 -31.28 -11.75
CA CYS B 356 25.03 -29.88 -12.01
C CYS B 356 26.23 -29.18 -12.64
N ILE B 357 27.42 -29.36 -12.06
CA ILE B 357 28.62 -28.73 -12.60
C ILE B 357 28.91 -29.21 -14.02
N ARG B 358 28.87 -30.53 -14.24
CA ARG B 358 29.12 -31.05 -15.59
C ARG B 358 28.15 -30.46 -16.61
N GLU B 359 26.86 -30.48 -16.30
CA GLU B 359 25.89 -29.98 -17.27
C GLU B 359 26.02 -28.47 -17.46
N MET B 360 26.37 -27.75 -16.38
CA MET B 360 26.54 -26.30 -16.46
C MET B 360 27.70 -25.91 -17.35
N ILE B 361 28.89 -26.43 -17.07
CA ILE B 361 30.05 -26.00 -17.83
C ILE B 361 29.99 -26.55 -19.26
N THR B 362 29.57 -27.81 -19.43
CA THR B 362 29.47 -28.34 -20.79
C THR B 362 28.53 -27.49 -21.66
N ALA B 363 27.45 -26.97 -21.07
CA ALA B 363 26.49 -26.23 -21.87
C ALA B 363 26.89 -24.78 -22.08
N HIS B 364 27.50 -24.14 -21.07
CA HIS B 364 27.71 -22.70 -21.03
C HIS B 364 29.13 -22.29 -21.37
N TYR B 365 30.01 -23.26 -21.67
CA TYR B 365 31.44 -22.98 -21.85
C TYR B 365 31.72 -21.76 -22.73
N ASN B 366 30.92 -21.54 -23.77
CA ASN B 366 31.29 -20.51 -24.74
C ASN B 366 30.87 -19.11 -24.36
N HIS B 367 30.08 -18.90 -23.32
CA HIS B 367 29.56 -17.55 -23.05
C HIS B 367 30.68 -16.62 -22.62
N PRO B 368 31.01 -15.59 -23.39
CA PRO B 368 32.07 -14.66 -22.97
C PRO B 368 31.70 -13.89 -21.72
N SER B 369 30.40 -13.62 -21.50
CA SER B 369 30.03 -12.93 -20.27
C SER B 369 30.45 -13.71 -19.02
N ILE B 370 30.41 -15.04 -19.05
CA ILE B 370 30.79 -15.80 -17.86
C ILE B 370 32.30 -15.63 -17.67
N TYR B 371 32.68 -14.95 -16.59
CA TYR B 371 34.07 -14.73 -16.29
C TYR B 371 34.57 -15.55 -15.10
N ILE B 372 33.68 -16.21 -14.36
CA ILE B 372 34.09 -16.88 -13.14
C ILE B 372 33.03 -17.93 -12.79
N TRP B 373 33.49 -19.12 -12.38
CA TRP B 373 32.58 -20.16 -11.89
C TRP B 373 32.53 -20.14 -10.37
N GLY B 374 31.33 -20.14 -9.81
CA GLY B 374 31.14 -20.22 -8.37
C GLY B 374 30.65 -21.60 -7.94
N ILE B 375 30.95 -21.99 -6.70
CA ILE B 375 30.40 -23.22 -6.14
C ILE B 375 29.94 -22.98 -4.70
N LEU B 376 28.89 -23.70 -4.32
CA LEU B 376 28.57 -23.97 -2.90
C LEU B 376 28.42 -22.69 -2.07
N ASN B 377 27.55 -21.80 -2.54
CA ASN B 377 27.27 -20.56 -1.81
C ASN B 377 26.88 -20.85 -0.35
N GLU B 378 27.63 -20.24 0.57
CA GLU B 378 27.41 -20.33 2.02
C GLU B 378 27.28 -21.78 2.51
N CYS B 379 27.99 -22.71 1.89
CA CYS B 379 27.99 -24.09 2.39
C CYS B 379 29.03 -24.23 3.50
N ALA B 380 29.24 -25.45 4.02
CA ALA B 380 30.00 -25.64 5.27
C ALA B 380 31.51 -25.66 5.02
N SER B 381 32.02 -24.52 4.59
CA SER B 381 33.43 -24.40 4.27
C SER B 381 34.32 -24.32 5.50
N ASP B 382 33.75 -24.38 6.71
CA ASP B 382 34.53 -24.40 7.95
C ASP B 382 34.75 -25.81 8.51
N THR B 383 34.24 -26.85 7.85
CA THR B 383 34.35 -28.21 8.34
C THR B 383 35.22 -29.05 7.39
N GLU B 384 35.74 -30.17 7.89
CA GLU B 384 36.62 -31.00 7.07
C GLU B 384 35.85 -31.70 5.96
N TYR B 385 34.66 -32.21 6.26
CA TYR B 385 33.86 -32.84 5.21
C TYR B 385 33.48 -31.82 4.15
N GLY B 386 33.15 -30.59 4.58
CA GLY B 386 32.89 -29.54 3.61
C GLY B 386 34.08 -29.30 2.70
N ARG B 387 35.26 -29.11 3.30
CA ARG B 387 36.47 -28.94 2.50
C ARG B 387 36.64 -30.07 1.48
N GLU B 388 36.35 -31.31 1.87
CA GLU B 388 36.44 -32.44 0.95
C GLU B 388 35.59 -32.21 -0.29
N CYS B 389 34.35 -31.75 -0.08
CA CYS B 389 33.45 -31.44 -1.20
C CYS B 389 33.96 -30.26 -2.03
N TYR B 390 34.36 -29.16 -1.37
CA TYR B 390 34.87 -28.00 -2.11
C TYR B 390 36.03 -28.42 -3.01
N SER B 391 36.98 -29.17 -2.44
CA SER B 391 38.15 -29.63 -3.18
C SER B 391 37.75 -30.36 -4.46
N GLU B 392 36.91 -31.38 -4.32
CA GLU B 392 36.58 -32.18 -5.52
C GLU B 392 35.71 -31.42 -6.49
N GLN B 393 34.88 -30.48 -6.01
CA GLN B 393 34.08 -29.70 -6.94
C GLN B 393 34.94 -28.66 -7.67
N TYR B 394 35.90 -28.05 -6.97
CA TYR B 394 36.85 -27.17 -7.64
C TYR B 394 37.68 -27.92 -8.68
N GLU B 395 38.12 -29.14 -8.35
CA GLU B 395 38.93 -29.91 -9.29
C GLU B 395 38.11 -30.35 -10.48
N LEU B 396 36.84 -30.71 -10.25
CA LEU B 396 35.96 -31.05 -11.37
C LEU B 396 35.83 -29.88 -12.35
N ILE B 397 35.72 -28.67 -11.83
CA ILE B 397 35.62 -27.49 -12.70
C ILE B 397 36.89 -27.32 -13.52
N LYS B 398 38.06 -27.42 -12.88
CA LYS B 398 39.32 -27.25 -13.60
C LYS B 398 39.50 -28.29 -14.70
N SER B 399 38.95 -29.50 -14.50
CA SER B 399 39.04 -30.51 -15.55
C SER B 399 38.08 -30.22 -16.72
N LEU B 400 37.07 -29.37 -16.52
CA LEU B 400 36.18 -29.03 -17.62
C LEU B 400 36.52 -27.69 -18.25
N ASP B 401 37.17 -26.83 -17.50
CA ASP B 401 37.48 -25.47 -17.94
C ASP B 401 38.72 -25.07 -17.20
N PRO B 402 39.90 -25.37 -17.77
CA PRO B 402 41.15 -25.05 -17.05
C PRO B 402 41.49 -23.56 -17.04
N TYR B 403 40.63 -22.69 -17.57
CA TYR B 403 41.05 -21.32 -17.82
C TYR B 403 40.34 -20.28 -16.97
N ARG B 404 39.02 -20.37 -16.81
CA ARG B 404 38.31 -19.39 -16.01
C ARG B 404 38.67 -19.49 -14.54
N PRO B 405 38.73 -18.37 -13.83
CA PRO B 405 38.86 -18.40 -12.36
C PRO B 405 37.66 -19.05 -11.69
N ARG B 406 37.88 -19.46 -10.44
CA ARG B 406 36.91 -20.18 -9.63
C ARG B 406 36.77 -19.47 -8.28
N SER B 407 35.59 -19.55 -7.68
CA SER B 407 35.41 -18.95 -6.36
C SER B 407 34.16 -19.53 -5.70
N SER B 408 33.84 -18.99 -4.53
CA SER B 408 32.70 -19.44 -3.73
C SER B 408 32.32 -18.28 -2.82
N ALA B 409 31.02 -18.00 -2.72
CA ALA B 409 30.55 -16.98 -1.80
C ALA B 409 30.51 -17.60 -0.40
N SER B 410 31.44 -17.20 0.47
CA SER B 410 31.48 -17.69 1.84
C SER B 410 30.74 -16.76 2.80
N CYS B 411 30.17 -17.35 3.84
CA CYS B 411 29.73 -16.64 5.03
C CYS B 411 30.43 -17.14 6.29
N ARG B 412 31.50 -17.92 6.13
CA ARG B 412 32.23 -18.48 7.28
C ARG B 412 33.27 -17.45 7.72
N PHE B 413 32.86 -16.57 8.64
CA PHE B 413 33.58 -15.33 8.96
C PHE B 413 34.81 -15.67 9.79
N LYS B 414 35.99 -15.56 9.17
CA LYS B 414 37.28 -15.88 9.81
C LYS B 414 37.39 -17.35 10.22
N THR B 415 36.57 -18.22 9.65
CA THR B 415 36.60 -19.64 9.99
C THR B 415 36.63 -20.54 8.76
N ASP B 416 36.65 -19.95 7.57
CA ASP B 416 36.73 -20.72 6.34
C ASP B 416 38.08 -21.42 6.27
N ILE B 417 38.07 -22.73 5.99
CA ILE B 417 39.31 -23.48 5.80
C ILE B 417 39.53 -23.84 4.34
N CYS B 418 38.76 -23.25 3.42
CA CYS B 418 38.84 -23.59 2.00
C CYS B 418 39.35 -22.45 1.12
N LEU B 419 39.93 -21.40 1.70
CA LEU B 419 40.31 -20.27 0.84
C LEU B 419 41.62 -20.48 0.09
N GLY B 420 42.32 -21.59 0.32
CA GLY B 420 43.47 -21.89 -0.51
C GLY B 420 43.11 -22.31 -1.91
N TYR B 421 41.91 -22.85 -2.12
CA TYR B 421 41.53 -23.48 -3.39
C TYR B 421 41.14 -22.51 -4.51
N PRO B 422 40.27 -21.52 -4.30
CA PRO B 422 39.80 -20.71 -5.43
C PRO B 422 40.83 -19.69 -5.88
N GLU B 423 40.66 -19.21 -7.12
CA GLU B 423 41.46 -18.08 -7.58
C GLU B 423 41.02 -16.76 -6.94
N VAL B 424 39.74 -16.62 -6.61
CA VAL B 424 39.20 -15.39 -6.02
C VAL B 424 38.56 -15.73 -4.68
N VAL B 425 38.83 -14.92 -3.66
CA VAL B 425 38.21 -15.05 -2.34
C VAL B 425 36.96 -14.18 -2.28
N SER B 426 35.83 -14.75 -1.83
CA SER B 426 34.56 -14.03 -1.88
C SER B 426 33.79 -14.17 -0.57
N TYR B 427 33.18 -13.07 -0.11
CA TYR B 427 32.45 -13.10 1.14
C TYR B 427 31.09 -12.42 1.06
N ASN B 428 30.12 -12.99 1.76
CA ASN B 428 28.81 -12.39 1.97
C ASN B 428 28.78 -11.79 3.37
N ILE B 429 28.54 -10.47 3.45
CA ILE B 429 28.54 -9.79 4.74
C ILE B 429 27.33 -8.87 4.83
N TYR B 430 26.75 -8.77 6.01
CA TYR B 430 25.57 -7.95 6.20
C TYR B 430 25.71 -6.97 7.38
N PRO B 431 26.83 -6.27 7.50
CA PRO B 431 26.90 -5.25 8.57
C PRO B 431 25.87 -4.18 8.29
N LYS B 432 25.24 -3.71 9.36
CA LYS B 432 24.20 -2.70 9.38
C LYS B 432 22.85 -3.30 8.99
N TRP B 433 22.78 -4.59 8.69
CA TRP B 433 21.49 -5.28 8.63
C TRP B 433 21.43 -6.34 9.73
N TYR B 434 22.16 -7.44 9.60
CA TYR B 434 22.11 -8.48 10.62
C TYR B 434 23.06 -8.24 11.78
N HIS B 435 24.14 -7.48 11.57
CA HIS B 435 25.11 -7.14 12.62
C HIS B 435 25.25 -5.63 12.66
N ASP B 436 25.17 -5.06 13.86
CA ASP B 436 25.21 -3.61 14.02
C ASP B 436 26.64 -3.19 14.35
N VAL B 437 27.42 -3.02 13.31
CA VAL B 437 28.85 -2.73 13.32
C VAL B 437 29.09 -1.79 12.14
N PRO B 438 29.91 -0.76 12.26
CA PRO B 438 30.19 0.09 11.09
C PRO B 438 30.73 -0.77 9.97
N VAL B 439 30.26 -0.53 8.74
CA VAL B 439 30.63 -1.44 7.66
C VAL B 439 32.15 -1.48 7.48
N GLU B 440 32.81 -0.32 7.65
CA GLU B 440 34.26 -0.25 7.42
C GLU B 440 35.03 -1.05 8.45
N ASP B 441 34.61 -1.03 9.70
CA ASP B 441 35.28 -1.83 10.71
C ASP B 441 35.10 -3.32 10.44
N TYR B 442 33.89 -3.74 10.09
CA TYR B 442 33.61 -5.15 9.81
C TYR B 442 34.41 -5.64 8.60
N LEU B 443 34.36 -4.88 7.51
CA LEU B 443 35.08 -5.25 6.29
C LEU B 443 36.59 -5.31 6.52
N ASP B 444 37.14 -4.31 7.23
CA ASP B 444 38.57 -4.31 7.53
C ASP B 444 38.99 -5.54 8.32
N GLU B 445 38.26 -5.85 9.39
CA GLU B 445 38.58 -7.03 10.20
C GLU B 445 38.58 -8.30 9.36
N LEU B 446 37.52 -8.50 8.56
CA LEU B 446 37.49 -9.65 7.68
C LEU B 446 38.68 -9.63 6.71
N TYR B 447 38.95 -8.47 6.11
CA TYR B 447 39.98 -8.44 5.08
C TYR B 447 41.37 -8.66 5.68
N GLN B 448 41.66 -8.09 6.86
CA GLN B 448 42.96 -8.32 7.48
C GLN B 448 43.14 -9.80 7.82
N TRP B 449 42.13 -10.42 8.40
CA TRP B 449 42.21 -11.84 8.71
C TRP B 449 42.51 -12.67 7.46
N ILE B 450 41.88 -12.33 6.32
CA ILE B 450 42.16 -13.07 5.09
C ILE B 450 43.62 -12.92 4.69
N GLN B 451 44.18 -11.72 4.85
CA GLN B 451 45.54 -11.49 4.38
C GLN B 451 46.59 -12.07 5.33
N ASN B 452 46.31 -12.08 6.63
CA ASN B 452 47.28 -12.43 7.66
C ASN B 452 47.13 -13.85 8.19
N GLU B 453 45.93 -14.42 8.15
CA GLU B 453 45.64 -15.66 8.86
C GLU B 453 45.02 -16.73 7.97
N SER B 454 45.08 -16.60 6.66
CA SER B 454 44.40 -17.57 5.80
C SER B 454 45.17 -17.76 4.51
N GLU B 455 44.97 -18.92 3.90
CA GLU B 455 45.56 -19.21 2.60
C GLU B 455 44.89 -18.46 1.46
N GLY B 456 43.90 -17.63 1.74
CA GLY B 456 43.37 -16.75 0.71
C GLY B 456 44.17 -15.48 0.55
N THR B 457 45.31 -15.36 1.22
CA THR B 457 46.07 -14.13 1.23
C THR B 457 46.63 -13.84 -0.15
N GLY B 458 46.61 -12.56 -0.54
CA GLY B 458 47.20 -12.12 -1.80
C GLY B 458 46.36 -12.33 -3.03
N LYS B 459 45.22 -13.00 -2.93
CA LYS B 459 44.37 -13.26 -4.08
C LYS B 459 43.37 -12.12 -4.26
N PRO B 460 42.72 -12.03 -5.43
CA PRO B 460 41.63 -11.05 -5.58
C PRO B 460 40.48 -11.35 -4.62
N PHE B 461 39.78 -10.29 -4.20
CA PHE B 461 38.76 -10.36 -3.15
C PHE B 461 37.48 -9.70 -3.63
N LEU B 462 36.34 -10.36 -3.42
CA LEU B 462 35.04 -9.79 -3.79
C LEU B 462 34.08 -9.89 -2.62
N ILE B 463 33.18 -8.91 -2.53
CA ILE B 463 32.01 -9.00 -1.66
C ILE B 463 30.86 -9.46 -2.55
N THR B 464 30.46 -10.71 -2.39
CA THR B 464 29.48 -11.30 -3.29
C THR B 464 28.05 -11.13 -2.80
N GLU B 465 27.86 -10.56 -1.59
CA GLU B 465 26.56 -10.15 -1.08
C GLU B 465 26.76 -9.08 -0.01
N ILE B 466 26.04 -7.97 -0.15
CA ILE B 466 25.88 -6.98 0.91
C ILE B 466 24.58 -6.25 0.60
N GLY B 467 23.80 -5.93 1.64
CA GLY B 467 22.52 -5.29 1.39
C GLY B 467 21.67 -5.23 2.63
N ALA B 468 20.38 -4.91 2.41
CA ALA B 468 19.49 -4.60 3.52
C ALA B 468 18.04 -4.80 3.10
N GLY B 469 17.19 -5.19 4.06
CA GLY B 469 15.78 -5.41 3.76
C GLY B 469 15.02 -4.10 3.66
N ALA B 470 13.93 -4.12 2.90
CA ALA B 470 12.98 -3.02 2.91
C ALA B 470 11.66 -3.51 2.33
N ILE B 471 10.57 -3.27 3.04
CA ILE B 471 9.25 -3.61 2.54
C ILE B 471 8.76 -2.42 1.74
N TYR B 472 8.56 -2.63 0.43
CA TYR B 472 8.11 -1.56 -0.44
C TYR B 472 6.89 -0.89 0.12
N GLY B 473 6.98 0.42 0.31
CA GLY B 473 5.86 1.22 0.76
C GLY B 473 5.81 1.47 2.26
N TYR B 474 6.65 0.78 3.04
CA TYR B 474 6.76 1.06 4.47
C TYR B 474 7.83 2.11 4.66
N ARG B 475 7.40 3.32 5.02
CA ARG B 475 8.26 4.47 5.20
C ARG B 475 7.89 5.13 6.53
N THR B 476 8.89 5.54 7.29
CA THR B 476 8.57 6.16 8.56
C THR B 476 9.69 7.10 8.98
N PRO B 477 9.36 8.24 9.57
CA PRO B 477 10.39 9.18 10.04
C PRO B 477 11.36 8.57 11.05
N ALA B 478 10.98 7.50 11.74
CA ALA B 478 11.90 6.87 12.68
C ALA B 478 13.00 6.06 12.00
N HIS B 479 12.90 5.82 10.68
CA HIS B 479 13.92 5.08 9.93
C HIS B 479 14.21 3.71 10.55
N VAL B 480 13.16 3.04 11.07
CA VAL B 480 13.35 1.69 11.63
C VAL B 480 13.73 0.70 10.53
N LYS B 481 14.30 -0.42 10.95
CA LYS B 481 14.62 -1.46 10.00
C LYS B 481 13.35 -2.00 9.36
N TRP B 482 13.46 -2.31 8.07
CA TRP B 482 12.41 -2.68 7.11
C TRP B 482 11.78 -1.46 6.45
N SER B 483 12.02 -0.25 6.97
CA SER B 483 11.57 0.94 6.26
C SER B 483 12.48 1.19 5.06
N GLU B 484 11.93 1.81 4.03
CA GLU B 484 12.73 2.13 2.85
C GLU B 484 13.83 3.13 3.19
N GLU B 485 13.56 4.06 4.12
CA GLU B 485 14.59 5.02 4.53
C GLU B 485 15.77 4.33 5.17
N TYR B 486 15.52 3.33 6.02
CA TYR B 486 16.67 2.65 6.61
C TYR B 486 17.50 1.98 5.52
N GLN B 487 16.84 1.34 4.54
CA GLN B 487 17.58 0.68 3.49
C GLN B 487 18.46 1.66 2.73
N VAL B 488 17.97 2.89 2.53
CA VAL B 488 18.76 3.93 1.86
C VAL B 488 20.07 4.17 2.63
N GLN B 489 19.98 4.42 3.93
CA GLN B 489 21.21 4.73 4.66
C GLN B 489 22.11 3.51 4.79
N ALA B 490 21.53 2.30 4.90
CA ALA B 490 22.37 1.10 4.94
C ALA B 490 23.17 0.96 3.65
N LEU B 491 22.51 1.01 2.49
CA LEU B 491 23.21 0.77 1.23
C LEU B 491 24.26 1.84 0.98
N LYS B 492 23.95 3.09 1.30
CA LYS B 492 24.91 4.16 1.14
C LYS B 492 26.20 3.84 1.89
N GLU B 493 26.08 3.48 3.17
CA GLU B 493 27.26 3.14 3.96
C GLU B 493 27.97 1.91 3.41
N GLN B 494 27.22 0.89 3.00
CA GLN B 494 27.83 -0.35 2.54
C GLN B 494 28.63 -0.14 1.27
N LEU B 495 28.04 0.58 0.30
CA LEU B 495 28.74 0.78 -0.96
C LEU B 495 29.98 1.65 -0.76
N GLN B 496 29.86 2.71 0.04
CA GLN B 496 31.02 3.55 0.33
C GLN B 496 32.17 2.71 0.87
N ALA B 497 31.86 1.74 1.73
CA ALA B 497 32.89 0.95 2.38
C ALA B 497 33.55 -0.03 1.39
N VAL B 498 32.76 -0.75 0.60
CA VAL B 498 33.37 -1.72 -0.32
C VAL B 498 34.19 -1.04 -1.41
N PHE B 499 33.77 0.14 -1.87
CA PHE B 499 34.53 0.76 -2.94
C PHE B 499 35.75 1.52 -2.44
N SER B 500 35.93 1.66 -1.13
CA SER B 500 37.15 2.26 -0.59
C SER B 500 38.01 1.24 0.15
N ARG B 501 37.66 -0.04 0.08
CA ARG B 501 38.44 -1.09 0.73
C ARG B 501 39.57 -1.50 -0.21
N GLU B 502 40.79 -1.10 0.14
CA GLU B 502 41.94 -1.43 -0.70
C GLU B 502 42.08 -2.94 -0.79
N GLY B 503 42.22 -3.44 -2.01
CA GLY B 503 42.31 -4.87 -2.27
C GLY B 503 41.00 -5.54 -2.68
N CYS B 504 39.88 -4.83 -2.64
CA CYS B 504 38.59 -5.41 -3.00
C CYS B 504 38.26 -5.00 -4.43
N SER B 505 37.92 -5.99 -5.26
CA SER B 505 37.65 -5.72 -6.66
C SER B 505 36.23 -5.26 -6.96
N GLY B 506 35.35 -5.14 -5.97
CA GLY B 506 33.97 -4.77 -6.23
C GLY B 506 32.99 -5.65 -5.44
N VAL B 507 31.74 -5.63 -5.87
CA VAL B 507 30.62 -6.05 -5.04
C VAL B 507 29.45 -6.53 -5.88
N TYR B 508 28.74 -7.53 -5.38
CA TYR B 508 27.41 -7.90 -5.84
C TYR B 508 26.43 -7.50 -4.75
N ILE B 509 25.54 -6.56 -5.07
CA ILE B 509 24.51 -6.19 -4.10
C ILE B 509 23.53 -7.35 -3.96
N TRP B 510 23.19 -7.69 -2.73
CA TRP B 510 22.09 -8.60 -2.47
C TRP B 510 20.87 -7.73 -2.14
N GLN B 511 19.86 -7.67 -3.02
CA GLN B 511 19.80 -8.32 -4.33
C GLN B 511 18.97 -7.43 -5.27
N PHE B 512 18.81 -7.86 -6.53
CA PHE B 512 18.15 -7.02 -7.51
C PHE B 512 16.68 -6.80 -7.17
N CYS B 513 15.93 -7.88 -6.88
CA CYS B 513 14.48 -7.76 -6.63
C CYS B 513 14.07 -8.63 -5.46
N ASP B 514 12.91 -8.33 -4.89
CA ASP B 514 12.36 -9.21 -3.86
C ASP B 514 12.01 -10.55 -4.49
N VAL B 515 12.16 -11.62 -3.69
CA VAL B 515 12.05 -13.00 -4.16
C VAL B 515 11.16 -13.81 -3.21
N ARG B 516 10.23 -14.58 -3.78
CA ARG B 516 9.46 -15.56 -3.02
C ARG B 516 10.37 -16.61 -2.41
N VAL B 517 10.09 -16.99 -1.17
CA VAL B 517 10.88 -18.02 -0.50
C VAL B 517 9.93 -19.12 0.01
N CYS B 518 10.51 -20.17 0.59
CA CYS B 518 9.71 -21.27 1.13
C CYS B 518 9.04 -20.87 2.45
N ASP B 519 7.92 -21.57 2.73
CA ASP B 519 7.12 -21.24 3.92
C ASP B 519 7.90 -21.39 5.22
N SER B 520 8.81 -22.35 5.31
CA SER B 520 9.53 -22.55 6.55
C SER B 520 10.44 -21.39 6.93
N TRP B 521 10.68 -20.44 6.02
CA TRP B 521 11.48 -19.25 6.29
C TRP B 521 10.63 -18.06 6.73
N PHE B 522 9.31 -18.23 6.83
CA PHE B 522 8.43 -17.10 7.10
C PHE B 522 8.87 -16.27 8.31
N GLY B 523 9.44 -16.91 9.33
CA GLY B 523 9.69 -16.23 10.59
C GLY B 523 10.61 -15.03 10.45
N SER B 524 11.57 -15.11 9.53
CA SER B 524 12.55 -14.06 9.31
C SER B 524 12.39 -13.41 7.95
N ARG B 525 11.27 -13.65 7.28
CA ARG B 525 11.04 -13.22 5.90
C ARG B 525 9.66 -12.61 5.81
N PRO B 526 9.54 -11.31 6.07
CA PRO B 526 8.24 -10.64 5.91
C PRO B 526 7.62 -11.02 4.57
N ARG B 527 6.30 -11.24 4.58
CA ARG B 527 5.53 -11.56 3.38
C ARG B 527 5.93 -12.90 2.75
N THR B 528 6.63 -13.77 3.50
CA THR B 528 7.28 -14.96 2.95
C THR B 528 8.04 -14.58 1.67
N MET B 529 8.75 -13.45 1.76
CA MET B 529 9.59 -12.95 0.68
C MET B 529 10.95 -12.65 1.27
N ASN B 530 11.98 -12.73 0.45
CA ASN B 530 13.26 -12.11 0.78
C ASN B 530 13.17 -10.66 0.30
N ASN B 531 13.21 -9.71 1.23
CA ASN B 531 12.86 -8.32 0.94
C ASN B 531 14.07 -7.41 0.75
N LYS B 532 15.22 -7.94 0.37
CA LYS B 532 16.39 -7.09 0.21
C LYS B 532 16.56 -6.59 -1.21
N GLY B 533 15.54 -6.75 -2.06
CA GLY B 533 15.62 -6.18 -3.40
C GLY B 533 15.78 -4.67 -3.37
N ILE B 534 16.47 -4.16 -4.39
CA ILE B 534 16.49 -2.73 -4.62
C ILE B 534 15.27 -2.29 -5.42
N VAL B 535 14.68 -3.18 -6.23
CA VAL B 535 13.31 -3.05 -6.71
C VAL B 535 12.49 -4.12 -5.98
N ASP B 536 11.18 -3.92 -5.89
CA ASP B 536 10.38 -4.97 -5.27
C ASP B 536 10.09 -6.09 -6.29
N GLU B 537 9.25 -7.06 -5.90
CA GLU B 537 9.00 -8.20 -6.78
C GLU B 537 8.31 -7.78 -8.06
N TYR B 538 7.61 -6.64 -8.06
CA TYR B 538 7.00 -6.09 -9.28
C TYR B 538 7.92 -5.12 -9.98
N ARG B 539 9.21 -5.07 -9.62
CA ARG B 539 10.19 -4.26 -10.31
C ARG B 539 9.96 -2.77 -10.10
N ARG B 540 9.23 -2.41 -9.05
CA ARG B 540 9.05 -1.01 -8.66
C ARG B 540 10.27 -0.54 -7.86
N PRO B 541 10.86 0.62 -8.16
CA PRO B 541 12.06 1.06 -7.44
C PRO B 541 11.76 1.49 -6.01
N LYS B 542 12.53 0.93 -5.08
CA LYS B 542 12.53 1.39 -3.69
C LYS B 542 13.36 2.67 -3.59
N LEU B 543 13.24 3.38 -2.45
CA LEU B 543 14.01 4.62 -2.30
C LEU B 543 15.50 4.38 -2.52
N ALA B 544 16.04 3.27 -2.00
CA ALA B 544 17.48 2.99 -2.15
C ALA B 544 17.93 2.77 -3.59
N TYR B 545 17.00 2.64 -4.54
CA TYR B 545 17.36 2.61 -5.95
C TYR B 545 18.24 3.80 -6.33
N GLU B 546 17.94 4.99 -5.79
CA GLU B 546 18.68 6.17 -6.21
C GLU B 546 20.08 6.19 -5.59
N VAL B 547 20.19 5.69 -4.36
CA VAL B 547 21.49 5.55 -3.69
C VAL B 547 22.41 4.63 -4.48
N VAL B 548 21.89 3.50 -4.93
CA VAL B 548 22.70 2.54 -5.66
C VAL B 548 23.12 3.14 -6.99
N LYS B 549 22.18 3.81 -7.66
CA LYS B 549 22.46 4.39 -8.95
C LYS B 549 23.53 5.47 -8.86
N ASP B 550 23.46 6.31 -7.82
CA ASP B 550 24.47 7.35 -7.64
C ASP B 550 25.84 6.75 -7.41
N SER B 551 25.92 5.69 -6.61
CA SER B 551 27.19 5.03 -6.36
C SER B 551 27.75 4.40 -7.63
N TYR B 552 26.99 3.49 -8.26
CA TYR B 552 27.53 2.70 -9.35
C TYR B 552 27.91 3.59 -10.55
N ARG B 553 27.11 4.62 -10.81
CA ARG B 553 27.37 5.50 -11.93
C ARG B 553 28.57 6.43 -11.70
N SER B 554 29.05 6.57 -10.46
CA SER B 554 30.21 7.40 -10.20
C SER B 554 31.52 6.66 -10.44
N LEU B 555 31.49 5.41 -10.84
CA LEU B 555 32.68 4.58 -10.92
C LEU B 555 32.70 3.87 -12.26
N GLY B 556 33.90 3.71 -12.83
CA GLY B 556 34.04 3.03 -14.10
C GLY B 556 34.22 1.53 -13.93
N ASN B 557 34.28 0.85 -15.07
CA ASN B 557 34.46 -0.59 -15.08
C ASN B 557 35.86 -1.03 -14.70
N TYR B 558 36.84 -0.12 -14.78
CA TYR B 558 38.24 -0.48 -14.55
C TYR B 558 38.86 0.46 -13.55
N PHE B 559 39.75 -0.08 -12.71
CA PHE B 559 40.53 0.76 -11.83
C PHE B 559 41.48 1.62 -12.65
N GLU B 560 41.44 2.93 -12.41
CA GLU B 560 42.36 3.86 -13.04
C GLU B 560 43.56 4.14 -12.16
N MET C 1 -8.17 16.09 31.53
CA MET C 1 -8.97 15.00 32.09
C MET C 1 -8.07 13.85 32.59
N ILE C 2 -8.30 13.44 33.83
CA ILE C 2 -7.54 12.40 34.49
C ILE C 2 -8.38 11.14 34.68
N ARG C 3 -9.68 11.32 34.98
CA ARG C 3 -10.67 10.28 35.21
C ARG C 3 -11.96 10.72 34.56
N THR C 4 -12.90 9.81 34.39
CA THR C 4 -14.20 10.18 33.84
C THR C 4 -15.15 10.78 34.87
N PHE C 5 -14.74 10.88 36.14
CA PHE C 5 -15.53 11.55 37.18
C PHE C 5 -14.60 12.40 38.02
N GLU C 6 -15.19 13.29 38.84
CA GLU C 6 -14.39 14.13 39.75
C GLU C 6 -14.07 13.33 41.00
N THR C 7 -12.78 13.17 41.29
CA THR C 7 -12.38 12.45 42.49
C THR C 7 -12.30 13.33 43.72
N HIS C 8 -12.57 14.64 43.60
CA HIS C 8 -12.48 15.57 44.72
C HIS C 8 -13.45 16.72 44.52
N LYS C 9 -14.10 17.12 45.60
CA LYS C 9 -14.86 18.36 45.66
C LYS C 9 -14.38 19.28 46.77
N ILE C 10 -13.97 18.72 47.91
CA ILE C 10 -13.42 19.56 48.98
C ILE C 10 -11.95 19.85 48.72
N ARG C 11 -11.16 18.82 48.42
CA ARG C 11 -9.74 19.05 48.16
C ARG C 11 -9.57 19.95 46.95
N LYS C 12 -8.66 20.92 47.07
CA LYS C 12 -8.32 21.82 45.98
C LYS C 12 -7.31 21.14 45.08
N THR C 13 -7.67 20.93 43.83
CA THR C 13 -6.81 20.28 42.85
C THR C 13 -6.87 21.06 41.55
N ALA C 14 -5.88 20.81 40.70
CA ALA C 14 -5.80 21.44 39.40
C ALA C 14 -4.86 20.60 38.55
N GLU C 15 -5.32 20.20 37.36
CA GLU C 15 -4.47 19.45 36.45
C GLU C 15 -3.38 20.34 35.88
N LEU C 16 -2.13 19.86 35.92
CA LEU C 16 -0.99 20.52 35.29
C LEU C 16 -0.64 19.97 33.91
N SER C 17 -1.15 18.80 33.57
CA SER C 17 -1.05 18.25 32.23
C SER C 17 -2.21 18.80 31.40
N SER C 18 -2.52 18.17 30.26
CA SER C 18 -3.41 18.78 29.28
C SER C 18 -2.96 20.20 28.94
N ALA C 19 -1.67 20.34 28.67
CA ALA C 19 -1.03 21.64 28.48
C ALA C 19 0.30 21.42 27.79
N LEU C 20 0.86 22.50 27.25
CA LEU C 20 2.23 22.49 26.74
C LEU C 20 3.20 22.80 27.88
N TRP C 21 4.28 22.03 27.95
CA TRP C 21 5.40 22.30 28.83
C TRP C 21 6.64 22.56 27.98
N ASN C 22 7.67 23.09 28.63
CA ASN C 22 8.96 23.27 27.95
C ASN C 22 9.74 21.97 28.01
N PHE C 23 10.38 21.62 26.89
CA PHE C 23 10.99 20.31 26.71
C PHE C 23 12.34 20.45 26.02
N HIS C 24 13.36 19.80 26.56
CA HIS C 24 14.63 19.68 25.84
C HIS C 24 15.32 18.39 26.27
N THR C 25 16.00 17.75 25.33
CA THR C 25 16.87 16.63 25.70
C THR C 25 18.03 17.13 26.56
N ILE C 26 18.62 16.21 27.33
CA ILE C 26 19.81 16.50 28.11
C ILE C 26 20.81 15.36 27.95
N GLY C 27 22.07 15.65 28.29
CA GLY C 27 23.11 14.63 28.35
C GLY C 27 23.70 14.20 27.01
N THR C 28 23.48 14.98 25.95
CA THR C 28 23.96 14.64 24.61
C THR C 28 25.09 15.59 24.21
N GLN C 29 25.74 15.28 23.08
CA GLN C 29 26.72 16.16 22.50
C GLN C 29 26.15 16.97 21.34
N GLY C 30 24.83 17.04 21.24
CA GLY C 30 24.17 17.83 20.22
C GLY C 30 23.62 19.13 20.77
N GLU C 31 22.86 19.81 19.93
CA GLU C 31 22.11 20.97 20.37
C GLU C 31 20.86 20.49 21.11
N GLU C 32 20.56 21.15 22.22
CA GLU C 32 19.46 20.78 23.09
C GLU C 32 18.53 21.98 23.19
N ALA C 33 17.97 22.35 22.04
CA ALA C 33 17.02 23.44 21.93
C ALA C 33 15.74 23.14 22.71
N VAL C 34 15.11 24.19 23.20
CA VAL C 34 13.88 24.07 23.98
C VAL C 34 12.68 24.26 23.06
N ILE C 35 11.74 23.33 23.13
CA ILE C 35 10.50 23.43 22.37
C ILE C 35 9.35 23.35 23.35
N GLN C 36 8.15 23.67 22.86
CA GLN C 36 6.92 23.50 23.62
C GLN C 36 6.31 22.14 23.26
N ALA C 37 6.11 21.29 24.26
CA ALA C 37 5.69 19.92 23.96
C ALA C 37 4.46 19.56 24.77
N PRO C 38 3.60 18.67 24.24
CA PRO C 38 2.38 18.28 24.97
C PRO C 38 2.66 17.34 26.13
N VAL C 39 1.90 17.54 27.21
CA VAL C 39 1.90 16.67 28.37
C VAL C 39 0.42 16.43 28.64
N PRO C 40 -0.07 15.17 28.60
CA PRO C 40 0.70 13.96 28.33
C PRO C 40 1.20 13.83 26.89
N GLY C 41 2.28 13.08 26.73
CA GLY C 41 2.87 12.88 25.43
C GLY C 41 4.07 11.97 25.55
N CYS C 42 4.47 11.43 24.41
CA CYS C 42 5.71 10.67 24.29
C CYS C 42 6.59 11.40 23.32
N TRP C 43 7.86 11.53 23.66
CA TRP C 43 8.68 12.35 22.79
C TRP C 43 9.03 11.65 21.47
N GLU C 44 8.83 10.32 21.38
CA GLU C 44 8.97 9.64 20.10
C GLU C 44 7.98 10.15 19.05
N ASN C 45 6.95 10.88 19.47
CA ASN C 45 5.96 11.47 18.58
C ASN C 45 6.25 12.92 18.25
N TYR C 46 7.27 13.55 18.88
CA TYR C 46 7.73 14.89 18.51
C TYR C 46 8.74 14.75 17.38
N PRO C 47 8.66 15.55 16.31
CA PRO C 47 9.49 15.27 15.13
C PRO C 47 10.99 15.17 15.39
N ASP C 48 11.56 16.02 16.25
CA ASP C 48 13.01 15.99 16.46
C ASP C 48 13.48 14.84 17.36
N THR C 49 12.57 14.12 18.01
CA THR C 49 13.01 13.08 18.95
C THR C 49 12.32 11.75 18.65
N VAL C 50 11.95 11.56 17.38
N VAL C 50 11.93 11.55 17.39
CA VAL C 50 11.26 10.35 16.96
CA VAL C 50 11.23 10.32 17.04
C VAL C 50 12.09 9.11 17.26
C VAL C 50 12.09 9.09 17.32
N SER C 51 13.42 9.24 17.28
CA SER C 51 14.32 8.11 17.55
C SER C 51 15.14 8.28 18.83
N TYR C 52 14.71 9.12 19.77
CA TYR C 52 15.58 9.52 20.89
C TYR C 52 15.42 8.59 22.07
N ARG C 53 16.54 8.03 22.53
CA ARG C 53 16.58 7.25 23.76
C ARG C 53 17.57 7.89 24.72
N GLY C 54 17.11 8.19 25.92
CA GLY C 54 17.95 8.81 26.92
C GLY C 54 17.12 9.69 27.82
N GLN C 55 17.73 10.78 28.25
CA GLN C 55 17.13 11.69 29.22
C GLN C 55 16.60 12.94 28.54
N ALA C 56 15.53 13.49 29.13
CA ALA C 56 15.00 14.76 28.66
C ALA C 56 14.31 15.47 29.80
N SER C 57 14.16 16.79 29.68
CA SER C 57 13.62 17.63 30.73
C SER C 57 12.27 18.22 30.31
N TYR C 58 11.28 18.11 31.19
CA TYR C 58 10.00 18.81 31.06
C TYR C 58 9.85 19.82 32.20
N SER C 59 9.39 21.02 31.87
CA SER C 59 9.22 21.99 32.95
C SER C 59 8.07 22.93 32.65
N ARG C 60 7.45 23.38 33.74
CA ARG C 60 6.44 24.45 33.72
C ARG C 60 6.44 25.11 35.09
N GLU C 61 5.58 26.11 35.25
CA GLU C 61 5.42 26.75 36.54
C GLU C 61 4.05 26.42 37.12
N PHE C 62 3.95 26.57 38.44
CA PHE C 62 2.67 26.48 39.12
C PHE C 62 2.68 27.43 40.32
N GLU C 63 1.49 27.76 40.79
CA GLU C 63 1.31 28.67 41.91
C GLU C 63 0.64 27.91 43.04
N ALA C 64 1.22 28.03 44.25
CA ALA C 64 0.76 27.22 45.38
C ALA C 64 1.43 27.74 46.66
N LYS C 65 0.89 27.29 47.80
CA LYS C 65 1.35 27.66 49.14
C LYS C 65 1.09 26.50 50.10
N GLY C 66 1.96 26.35 51.10
CA GLY C 66 1.69 25.41 52.17
C GLY C 66 1.93 23.96 51.77
N ASN C 67 1.11 23.06 52.32
CA ASN C 67 1.24 21.63 52.03
C ASN C 67 0.65 21.32 50.66
N ILE C 68 1.45 20.70 49.80
CA ILE C 68 1.00 20.35 48.47
C ILE C 68 1.32 18.90 48.17
N ARG C 69 0.55 18.33 47.26
CA ARG C 69 0.78 17.00 46.72
C ARG C 69 0.82 17.13 45.20
N LEU C 70 1.86 16.56 44.59
CA LEU C 70 1.96 16.47 43.14
C LEU C 70 1.79 15.02 42.76
N GLU C 71 0.73 14.71 42.02
CA GLU C 71 0.48 13.34 41.57
C GLU C 71 0.84 13.18 40.09
N PHE C 72 1.66 12.16 39.81
CA PHE C 72 2.09 11.83 38.45
C PHE C 72 1.48 10.48 38.09
N LYS C 73 0.56 10.47 37.13
CA LYS C 73 -0.09 9.23 36.76
C LYS C 73 0.79 8.31 35.92
N GLY C 74 1.83 8.84 35.28
CA GLY C 74 2.68 8.01 34.46
C GLY C 74 3.83 8.81 33.88
N VAL C 75 5.07 8.45 34.19
CA VAL C 75 6.25 9.01 33.55
C VAL C 75 7.05 7.85 32.96
N SER C 76 7.37 7.93 31.67
CA SER C 76 8.00 6.85 30.91
C SER C 76 9.50 7.08 30.84
N HIS C 77 10.31 6.21 31.46
CA HIS C 77 9.87 5.18 32.43
C HIS C 77 10.56 5.41 33.78
N THR C 78 11.52 6.32 33.82
CA THR C 78 12.26 6.67 35.04
C THR C 78 12.18 8.18 35.22
N ALA C 79 11.72 8.63 36.39
CA ALA C 79 11.44 10.04 36.65
C ALA C 79 12.30 10.56 37.80
N SER C 80 12.76 11.81 37.66
CA SER C 80 13.27 12.61 38.77
C SER C 80 12.49 13.93 38.82
N VAL C 81 11.95 14.25 39.99
CA VAL C 81 11.09 15.42 40.14
C VAL C 81 11.83 16.49 40.93
N LEU C 82 11.80 17.71 40.41
CA LEU C 82 12.46 18.84 41.05
C LEU C 82 11.45 19.96 41.19
N VAL C 83 11.44 20.61 42.35
CA VAL C 83 10.60 21.78 42.58
C VAL C 83 11.51 22.89 43.08
N ASP C 84 11.44 24.04 42.41
CA ASP C 84 12.30 25.17 42.72
C ASP C 84 13.78 24.77 42.72
N GLY C 85 14.14 23.93 41.76
CA GLY C 85 15.51 23.50 41.59
C GLY C 85 16.01 22.43 42.55
N LYS C 86 15.14 21.89 43.40
CA LYS C 86 15.57 20.95 44.41
C LYS C 86 14.92 19.59 44.17
N PRO C 87 15.68 18.49 44.16
CA PRO C 87 15.08 17.18 43.90
C PRO C 87 14.15 16.80 45.05
N VAL C 88 12.95 16.35 44.71
CA VAL C 88 11.92 16.06 45.71
C VAL C 88 11.32 14.68 45.56
N GLY C 89 11.75 13.89 44.57
CA GLY C 89 11.18 12.57 44.41
C GLY C 89 11.65 11.92 43.13
N SER C 90 11.42 10.60 43.07
CA SER C 90 11.84 9.85 41.90
C SER C 90 10.98 8.61 41.79
N HIS C 91 11.03 7.96 40.62
CA HIS C 91 10.16 6.82 40.38
C HIS C 91 10.70 5.99 39.23
N TYR C 92 10.40 4.68 39.28
CA TYR C 92 10.67 3.78 38.18
C TYR C 92 9.38 3.05 37.82
N ASN C 93 9.19 2.83 36.51
CA ASN C 93 8.11 2.07 35.86
C ASN C 93 7.16 3.04 35.17
N ALA C 94 6.99 2.87 33.85
CA ALA C 94 6.19 3.81 33.08
C ALA C 94 4.72 3.83 33.47
N TYR C 95 4.21 2.74 34.05
CA TYR C 95 2.78 2.46 33.96
C TYR C 95 2.02 2.54 35.28
N THR C 96 2.68 2.96 36.38
CA THR C 96 1.99 3.10 37.67
C THR C 96 2.10 4.53 38.19
N PRO C 97 1.08 5.01 38.88
CA PRO C 97 1.14 6.39 39.39
C PRO C 97 2.02 6.50 40.63
N PHE C 98 2.42 7.72 40.92
CA PHE C 98 3.18 8.01 42.12
C PHE C 98 2.96 9.47 42.47
N ASP C 99 3.34 9.85 43.69
CA ASP C 99 3.13 11.22 44.11
C ASP C 99 4.34 11.76 44.85
N VAL C 100 4.40 13.08 44.95
CA VAL C 100 5.37 13.81 45.76
C VAL C 100 4.61 14.73 46.70
N VAL C 101 4.94 14.68 47.98
CA VAL C 101 4.27 15.47 49.02
C VAL C 101 5.28 16.46 49.61
N LEU C 102 4.90 17.74 49.63
CA LEU C 102 5.78 18.81 50.08
C LEU C 102 5.09 19.62 51.18
N LYS C 103 5.79 19.80 52.30
CA LYS C 103 5.26 20.49 53.48
C LYS C 103 5.66 21.95 53.47
N ASP C 104 4.68 22.82 53.67
CA ASP C 104 4.89 24.23 53.97
C ASP C 104 5.89 24.88 53.00
N ILE C 105 5.46 25.03 51.75
CA ILE C 105 6.29 25.68 50.75
C ILE C 105 5.97 27.17 50.77
N ARG C 106 6.92 27.99 50.34
CA ARG C 106 6.69 29.42 50.25
C ARG C 106 5.55 29.70 49.27
N PRO C 107 4.77 30.76 49.49
CA PRO C 107 3.67 31.09 48.57
C PRO C 107 4.20 31.58 47.22
N GLY C 108 3.30 31.63 46.24
CA GLY C 108 3.63 32.19 44.94
C GLY C 108 4.01 31.21 43.84
N ILE C 109 4.89 31.65 42.95
CA ILE C 109 5.25 30.89 41.75
C ILE C 109 6.32 29.87 42.08
N HIS C 110 6.14 28.65 41.59
CA HIS C 110 7.15 27.60 41.73
C HIS C 110 7.51 27.03 40.37
N GLN C 111 8.74 26.55 40.25
CA GLN C 111 9.25 25.93 39.03
C GLN C 111 9.20 24.41 39.21
N LEU C 112 8.50 23.73 38.31
CA LEU C 112 8.41 22.27 38.31
C LEU C 112 9.23 21.73 37.15
N GLU C 113 10.09 20.77 37.45
CA GLU C 113 10.87 20.10 36.41
C GLU C 113 10.83 18.59 36.62
N VAL C 114 10.65 17.86 35.52
CA VAL C 114 10.61 16.41 35.53
C VAL C 114 11.65 15.95 34.53
N ILE C 115 12.67 15.24 35.01
CA ILE C 115 13.63 14.56 34.16
C ILE C 115 13.08 13.17 33.91
N ALA C 116 12.68 12.89 32.67
CA ALA C 116 12.26 11.54 32.27
C ALA C 116 13.36 10.88 31.47
N ASP C 117 13.47 9.56 31.62
CA ASP C 117 14.53 8.73 31.07
C ASP C 117 13.93 7.43 30.57
N ASN C 118 14.15 7.07 29.30
CA ASN C 118 13.71 5.77 28.79
C ASN C 118 14.89 4.84 28.42
N SER C 119 16.10 5.16 28.89
CA SER C 119 17.28 4.35 28.60
C SER C 119 17.10 2.91 29.08
N PHE C 120 17.77 2.00 28.37
CA PHE C 120 17.91 0.63 28.83
C PHE C 120 19.26 0.47 29.52
N GLY C 121 19.33 -0.47 30.45
CA GLY C 121 20.57 -0.76 31.13
C GLY C 121 20.35 -1.42 32.48
N PRO C 122 21.43 -1.54 33.24
CA PRO C 122 21.40 -2.34 34.48
C PRO C 122 20.47 -1.82 35.55
N ASP C 123 20.11 -0.54 35.54
CA ASP C 123 19.20 -0.06 36.59
C ASP C 123 17.75 -0.43 36.31
N SER C 124 17.44 -0.87 35.10
CA SER C 124 16.06 -1.06 34.66
C SER C 124 15.87 -2.56 34.42
N ALA C 125 15.14 -3.23 35.31
CA ALA C 125 14.91 -4.67 35.15
C ALA C 125 13.60 -5.01 34.47
N LEU C 126 12.66 -4.07 34.36
CA LEU C 126 11.37 -4.30 33.74
C LEU C 126 11.32 -3.74 32.33
N HIS C 127 11.73 -2.48 32.16
CA HIS C 127 11.90 -1.88 30.84
C HIS C 127 13.22 -2.34 30.23
N VAL C 128 13.13 -3.24 29.24
CA VAL C 128 14.28 -3.84 28.58
C VAL C 128 14.00 -3.85 27.07
N PRO C 129 15.01 -4.08 26.18
CA PRO C 129 14.69 -4.32 24.77
C PRO C 129 13.67 -5.45 24.68
N ASN C 130 12.52 -5.21 24.06
CA ASN C 130 11.43 -6.15 24.23
C ASN C 130 10.48 -6.04 23.04
N ASP C 131 9.48 -6.92 23.02
CA ASP C 131 8.45 -6.96 21.98
C ASP C 131 7.36 -5.90 22.17
N TYR C 132 7.74 -4.72 22.63
CA TYR C 132 6.91 -3.52 22.72
C TYR C 132 7.86 -2.38 23.07
N GLN C 133 7.39 -1.16 22.85
CA GLN C 133 8.25 0.01 22.97
C GLN C 133 8.24 0.56 24.39
N SER C 134 9.40 0.97 24.85
CA SER C 134 9.52 1.76 26.08
C SER C 134 9.65 3.21 25.66
N TYR C 135 8.54 3.95 25.70
CA TYR C 135 8.55 5.34 25.27
C TYR C 135 9.25 6.21 26.31
N GLY C 136 9.45 7.47 25.98
CA GLY C 136 9.95 8.46 26.93
C GLY C 136 8.98 9.62 27.04
N GLY C 137 8.76 10.08 28.27
CA GLY C 137 8.06 11.34 28.47
C GLY C 137 7.03 11.31 29.59
N ILE C 138 6.32 12.41 29.80
CA ILE C 138 5.24 12.40 30.77
C ILE C 138 4.02 11.85 30.05
N SER C 139 3.81 10.53 30.13
CA SER C 139 2.86 9.89 29.22
C SER C 139 1.45 9.80 29.76
N ARG C 140 1.24 10.05 31.06
CA ARG C 140 -0.09 10.21 31.64
C ARG C 140 -0.12 11.52 32.41
N GLY C 141 -1.24 11.80 33.11
CA GLY C 141 -1.50 13.14 33.60
C GLY C 141 -0.75 13.54 34.86
N VAL C 142 -0.84 14.83 35.19
CA VAL C 142 -0.15 15.42 36.35
C VAL C 142 -1.14 16.33 37.08
N VAL C 143 -1.23 16.18 38.41
CA VAL C 143 -2.23 16.90 39.19
C VAL C 143 -1.55 17.59 40.37
N LEU C 144 -1.85 18.86 40.57
CA LEU C 144 -1.40 19.62 41.73
C LEU C 144 -2.54 19.70 42.74
N GLU C 145 -2.25 19.33 43.99
CA GLU C 145 -3.24 19.40 45.06
C GLU C 145 -2.69 20.28 46.17
N GLU C 146 -3.54 21.19 46.68
CA GLU C 146 -3.19 22.00 47.85
C GLU C 146 -3.89 21.39 49.05
N LEU C 147 -3.10 20.90 50.01
CA LEU C 147 -3.57 20.12 51.14
C LEU C 147 -3.64 20.96 52.40
N GLY C 148 -4.44 20.47 53.36
CA GLY C 148 -4.43 21.00 54.71
C GLY C 148 -3.43 20.27 55.56
N GLU C 149 -3.78 19.97 56.82
CA GLU C 149 -2.87 19.31 57.74
C GLU C 149 -2.98 17.79 57.71
N ALA C 150 -3.98 17.26 57.03
CA ALA C 150 -4.09 15.81 56.83
C ALA C 150 -4.89 15.57 55.56
N TYR C 151 -4.77 14.37 55.00
CA TYR C 151 -5.51 14.09 53.77
C TYR C 151 -5.78 12.61 53.65
N LEU C 152 -6.79 12.30 52.83
CA LEU C 152 -7.20 10.93 52.56
C LEU C 152 -6.31 10.35 51.47
N SER C 153 -5.54 9.32 51.82
CA SER C 153 -4.56 8.78 50.90
C SER C 153 -5.18 7.79 49.92
N TRP C 154 -6.08 6.93 50.39
CA TRP C 154 -6.85 6.08 49.49
C TRP C 154 -8.08 5.56 50.22
N ILE C 155 -9.02 5.01 49.44
CA ILE C 155 -10.17 4.29 49.99
C ILE C 155 -10.36 3.02 49.17
N HIS C 156 -10.47 1.88 49.85
CA HIS C 156 -10.69 0.58 49.23
C HIS C 156 -12.04 0.05 49.68
N PHE C 157 -12.94 -0.17 48.73
CA PHE C 157 -14.25 -0.75 49.00
C PHE C 157 -14.34 -2.17 48.43
N THR C 158 -14.87 -3.09 49.22
CA THR C 158 -14.97 -4.50 48.86
C THR C 158 -16.43 -4.93 49.04
N PRO C 159 -17.13 -5.34 47.98
CA PRO C 159 -18.46 -5.89 48.14
C PRO C 159 -18.42 -7.38 48.39
N PHE C 160 -19.41 -7.88 49.15
CA PHE C 160 -19.60 -9.30 49.41
C PHE C 160 -21.04 -9.68 49.10
N LEU C 161 -21.20 -10.81 48.40
CA LEU C 161 -22.52 -11.33 48.06
C LEU C 161 -22.88 -12.41 49.08
N ARG C 162 -23.82 -12.10 49.95
CA ARG C 162 -24.28 -13.01 50.99
C ARG C 162 -25.61 -13.65 50.61
N LYS C 163 -26.05 -14.58 51.45
CA LYS C 163 -27.32 -15.25 51.20
C LYS C 163 -28.49 -14.27 51.25
N ASP C 164 -28.36 -13.18 52.00
CA ASP C 164 -29.44 -12.22 52.12
C ASP C 164 -29.20 -10.93 51.35
N GLY C 165 -28.11 -10.83 50.60
CA GLY C 165 -27.92 -9.72 49.69
C GLY C 165 -26.50 -9.19 49.73
N TRP C 166 -26.35 -7.97 49.22
CA TRP C 166 -25.05 -7.33 49.10
C TRP C 166 -24.60 -6.74 50.44
N TYR C 167 -23.36 -7.04 50.80
CA TYR C 167 -22.68 -6.42 51.93
C TYR C 167 -21.46 -5.67 51.44
N GLY C 168 -20.92 -4.81 52.29
CA GLY C 168 -19.76 -4.01 51.89
C GLY C 168 -18.87 -3.69 53.06
N LYS C 169 -17.57 -3.59 52.77
CA LYS C 169 -16.57 -3.14 53.71
C LYS C 169 -15.74 -2.05 53.06
N ALA C 170 -15.36 -1.03 53.84
CA ALA C 170 -14.55 0.08 53.34
C ALA C 170 -13.35 0.27 54.26
N GLU C 171 -12.18 0.42 53.66
CA GLU C 171 -10.96 0.73 54.38
C GLU C 171 -10.35 2.00 53.81
N ILE C 172 -10.04 2.96 54.70
CA ILE C 172 -9.49 4.26 54.32
C ILE C 172 -8.13 4.42 54.99
N CYS C 173 -7.19 4.99 54.25
CA CYS C 173 -5.86 5.33 54.75
C CYS C 173 -5.78 6.85 54.87
N VAL C 174 -5.44 7.33 56.07
CA VAL C 174 -5.38 8.75 56.37
C VAL C 174 -3.94 9.10 56.73
N ARG C 175 -3.46 10.22 56.22
CA ARG C 175 -2.08 10.62 56.47
C ARG C 175 -2.06 11.98 57.14
N ASN C 176 -1.53 12.02 58.37
CA ASN C 176 -1.40 13.25 59.12
C ASN C 176 -0.08 13.90 58.77
N LEU C 177 -0.13 15.15 58.31
CA LEU C 177 1.06 15.91 57.97
C LEU C 177 1.48 16.85 59.10
N SER C 178 0.67 16.99 60.13
CA SER C 178 1.04 17.84 61.26
C SER C 178 1.92 17.06 62.23
N SER C 179 2.81 17.77 62.93
CA SER C 179 3.56 17.13 64.00
C SER C 179 2.68 16.84 65.21
N GLY C 180 1.53 17.49 65.32
CA GLY C 180 0.62 17.23 66.41
C GLY C 180 -0.38 16.11 66.11
N ARG C 181 -0.91 15.55 67.20
CA ARG C 181 -1.91 14.50 67.11
C ARG C 181 -3.18 15.02 66.43
N LEU C 182 -3.90 14.13 65.75
CA LEU C 182 -5.09 14.51 65.01
C LEU C 182 -6.28 13.65 65.42
N ASP C 183 -7.37 14.31 65.81
CA ASP C 183 -8.64 13.66 66.16
C ASP C 183 -9.69 14.06 65.13
N GLY C 184 -10.50 13.10 64.71
CA GLY C 184 -11.55 13.42 63.77
C GLY C 184 -12.32 12.18 63.40
N SER C 185 -13.08 12.28 62.32
CA SER C 185 -13.77 11.13 61.78
C SER C 185 -13.76 11.20 60.26
N VAL C 186 -14.02 10.04 59.64
CA VAL C 186 -14.22 9.91 58.20
C VAL C 186 -15.64 9.40 58.00
N GLU C 187 -16.46 10.17 57.27
CA GLU C 187 -17.84 9.78 56.96
C GLU C 187 -17.91 9.32 55.51
N VAL C 188 -18.40 8.09 55.30
CA VAL C 188 -18.42 7.44 54.00
C VAL C 188 -19.87 7.23 53.58
N GLU C 189 -20.21 7.74 52.40
CA GLU C 189 -21.49 7.50 51.76
C GLU C 189 -21.23 6.89 50.38
N ILE C 190 -22.16 6.04 49.94
CA ILE C 190 -22.07 5.37 48.66
C ILE C 190 -23.35 5.68 47.89
N GLY C 191 -23.22 6.50 46.85
CA GLY C 191 -24.39 6.88 46.07
C GLY C 191 -25.44 7.59 46.89
N LYS C 192 -25.02 8.44 47.82
CA LYS C 192 -25.89 9.21 48.71
C LYS C 192 -26.64 8.35 49.73
N ASN C 193 -26.35 7.05 49.81
CA ASN C 193 -26.76 6.23 50.94
C ASN C 193 -25.69 6.29 52.03
N SER C 194 -26.11 6.53 53.26
CA SER C 194 -25.20 6.50 54.40
C SER C 194 -24.56 5.13 54.56
N PHE C 195 -23.27 5.11 54.85
CA PHE C 195 -22.56 3.85 55.00
C PHE C 195 -21.94 3.69 56.38
N ALA C 196 -20.98 4.54 56.77
CA ALA C 196 -20.25 4.31 58.00
C ALA C 196 -19.57 5.60 58.43
N VAL C 197 -19.18 5.63 59.70
CA VAL C 197 -18.38 6.70 60.28
C VAL C 197 -17.22 6.04 61.00
N LEU C 198 -16.00 6.42 60.64
CA LEU C 198 -14.81 5.83 61.23
C LEU C 198 -14.15 6.87 62.11
N PRO C 199 -14.11 6.66 63.43
CA PRO C 199 -13.39 7.58 64.31
C PRO C 199 -11.90 7.48 64.05
N ILE C 200 -11.22 8.62 64.09
CA ILE C 200 -9.83 8.73 63.66
C ILE C 200 -8.99 9.29 64.80
N VAL C 201 -7.93 8.58 65.16
CA VAL C 201 -6.87 9.12 66.00
C VAL C 201 -5.54 8.86 65.31
N LEU C 202 -4.78 9.93 65.07
CA LEU C 202 -3.52 9.87 64.37
C LEU C 202 -2.47 10.59 65.19
N GLU C 203 -1.36 9.92 65.47
CA GLU C 203 -0.24 10.62 66.08
C GLU C 203 0.38 11.56 65.06
N GLY C 204 1.24 12.44 65.56
CA GLY C 204 2.00 13.32 64.69
C GLY C 204 2.66 12.58 63.54
N GLU C 205 2.47 13.09 62.33
CA GLU C 205 3.14 12.58 61.13
C GLU C 205 2.85 11.11 60.85
N GLU C 206 1.70 10.61 61.30
CA GLU C 206 1.36 9.21 61.13
C GLU C 206 0.51 9.02 59.87
N GLU C 207 0.71 7.89 59.21
CA GLU C 207 -0.19 7.41 58.18
C GLU C 207 -0.76 6.09 58.63
N LYS C 208 -2.09 5.97 58.63
CA LYS C 208 -2.71 4.78 59.21
C LYS C 208 -3.98 4.45 58.44
N SER C 209 -4.29 3.17 58.39
CA SER C 209 -5.48 2.65 57.73
C SER C 209 -6.57 2.34 58.75
N PHE C 210 -7.84 2.56 58.36
CA PHE C 210 -9.01 2.28 59.21
C PHE C 210 -10.05 1.54 58.39
N SER C 211 -10.60 0.45 58.94
CA SER C 211 -11.63 -0.33 58.26
C SER C 211 -12.97 -0.23 58.96
N THR C 212 -14.03 -0.37 58.19
CA THR C 212 -15.36 -0.63 58.74
C THR C 212 -15.59 -2.13 58.80
N GLU C 213 -16.64 -2.51 59.52
CA GLU C 213 -17.14 -3.86 59.45
C GLU C 213 -17.76 -4.13 58.08
N GLU C 214 -18.14 -5.38 57.85
CA GLU C 214 -18.98 -5.74 56.72
C GLU C 214 -20.42 -5.36 57.04
N LEU C 215 -20.90 -4.32 56.37
CA LEU C 215 -22.18 -3.67 56.58
C LEU C 215 -23.15 -4.04 55.45
N PRO C 216 -24.46 -4.01 55.72
CA PRO C 216 -25.43 -4.36 54.68
C PRO C 216 -25.62 -3.22 53.69
N CYS C 217 -25.81 -3.59 52.42
CA CYS C 217 -26.12 -2.63 51.36
C CYS C 217 -27.38 -3.10 50.64
N PRO C 218 -28.54 -2.98 51.29
CA PRO C 218 -29.78 -3.51 50.69
C PRO C 218 -30.22 -2.75 49.46
N TRP C 219 -29.82 -1.48 49.33
CA TRP C 219 -30.16 -0.61 48.22
C TRP C 219 -29.35 -0.89 46.96
N ALA C 220 -28.37 -1.79 47.00
CA ALA C 220 -27.36 -1.87 45.96
C ALA C 220 -27.81 -2.78 44.83
N GLU C 221 -27.69 -2.28 43.59
CA GLU C 221 -27.85 -3.08 42.40
C GLU C 221 -26.47 -3.49 41.89
N CYS C 222 -26.45 -4.57 41.13
CA CYS C 222 -25.19 -5.23 40.88
C CYS C 222 -24.56 -4.73 39.56
N TRP C 223 -23.26 -4.96 39.44
CA TRP C 223 -22.52 -4.60 38.25
C TRP C 223 -22.30 -5.86 37.42
N SER C 224 -22.50 -5.73 36.11
CA SER C 224 -22.24 -6.84 35.19
C SER C 224 -22.06 -6.24 33.80
N PRO C 225 -21.54 -7.03 32.85
CA PRO C 225 -21.51 -6.53 31.46
C PRO C 225 -22.86 -6.06 30.96
N GLU C 226 -23.93 -6.81 31.27
CA GLU C 226 -25.26 -6.44 30.81
C GLU C 226 -25.78 -5.18 31.50
N SER C 227 -25.39 -4.96 32.74
CA SER C 227 -25.85 -3.80 33.51
C SER C 227 -24.72 -3.28 34.37
N PRO C 228 -23.84 -2.45 33.81
CA PRO C 228 -22.67 -1.99 34.59
C PRO C 228 -23.00 -0.82 35.51
N VAL C 229 -23.87 -1.06 36.49
CA VAL C 229 -24.26 -0.01 37.44
C VAL C 229 -23.06 0.34 38.32
N LEU C 230 -22.78 1.64 38.45
CA LEU C 230 -21.67 2.09 39.27
C LEU C 230 -22.20 3.05 40.33
N TYR C 231 -21.54 3.09 41.48
CA TYR C 231 -21.83 4.07 42.52
C TYR C 231 -20.57 4.86 42.83
N LEU C 232 -20.76 6.14 43.15
CA LEU C 232 -19.70 6.98 43.67
C LEU C 232 -19.61 6.79 45.18
N ILE C 233 -18.44 6.42 45.67
CA ILE C 233 -18.19 6.31 47.10
C ILE C 233 -17.39 7.53 47.50
N THR C 234 -17.89 8.25 48.51
CA THR C 234 -17.33 9.52 48.98
C THR C 234 -16.91 9.36 50.43
N ALA C 235 -15.68 9.75 50.74
CA ALA C 235 -15.20 9.77 52.11
C ALA C 235 -14.78 11.19 52.44
N VAL C 236 -15.27 11.70 53.57
CA VAL C 236 -15.01 13.07 54.01
C VAL C 236 -14.31 12.99 55.36
N LEU C 237 -13.14 13.59 55.45
CA LEU C 237 -12.40 13.71 56.70
C LEU C 237 -12.89 14.96 57.44
N ARG C 238 -13.48 14.77 58.62
CA ARG C 238 -13.99 15.87 59.43
C ARG C 238 -13.09 16.07 60.64
N THR C 239 -12.56 17.26 60.79
CA THR C 239 -11.72 17.65 61.93
C THR C 239 -12.33 18.89 62.58
N ALA C 240 -11.56 19.50 63.49
CA ALA C 240 -12.00 20.72 64.16
C ALA C 240 -12.32 21.84 63.17
N ASP C 241 -11.77 21.77 61.97
CA ASP C 241 -11.97 22.81 60.96
C ASP C 241 -13.24 22.60 60.13
N GLY C 242 -13.89 21.45 60.25
CA GLY C 242 -15.02 21.10 59.41
C GLY C 242 -14.67 19.96 58.47
N ALA C 243 -15.35 19.90 57.33
CA ALA C 243 -14.98 18.96 56.28
C ALA C 243 -13.66 19.42 55.70
N ALA C 244 -12.57 18.82 56.18
CA ALA C 244 -11.25 19.30 55.81
C ALA C 244 -10.72 18.69 54.51
N ASP C 245 -11.20 17.51 54.13
CA ASP C 245 -10.68 16.83 52.93
C ASP C 245 -11.69 15.77 52.48
N ASP C 246 -11.51 15.28 51.25
CA ASP C 246 -12.37 14.22 50.74
C ASP C 246 -11.58 13.34 49.77
N ILE C 247 -12.19 12.20 49.46
CA ILE C 247 -11.75 11.37 48.34
C ILE C 247 -13.01 10.71 47.81
N ILE C 248 -13.14 10.72 46.49
CA ILE C 248 -14.28 10.16 45.80
C ILE C 248 -13.77 9.11 44.83
N ASP C 249 -14.42 7.95 44.78
CA ASP C 249 -14.08 6.92 43.81
C ASP C 249 -15.39 6.30 43.31
N ARG C 250 -15.29 5.25 42.49
CA ARG C 250 -16.47 4.55 41.97
C ARG C 250 -16.31 3.06 42.20
N VAL C 251 -17.42 2.40 42.51
CA VAL C 251 -17.44 0.99 42.84
C VAL C 251 -18.58 0.34 42.08
N GLY C 252 -18.49 -0.98 41.92
CA GLY C 252 -19.62 -1.72 41.41
C GLY C 252 -19.81 -2.97 42.25
N PHE C 253 -21.06 -3.38 42.47
CA PHE C 253 -21.33 -4.53 43.33
C PHE C 253 -21.30 -5.76 42.45
N ARG C 254 -20.19 -6.47 42.48
CA ARG C 254 -20.09 -7.70 41.72
C ARG C 254 -19.18 -8.64 42.48
N GLU C 255 -19.47 -9.92 42.35
CA GLU C 255 -18.67 -10.98 42.95
C GLU C 255 -17.95 -11.75 41.84
N ILE C 256 -16.64 -11.90 41.97
CA ILE C 256 -15.84 -12.76 41.09
C ILE C 256 -15.23 -13.85 41.94
N ARG C 257 -15.44 -15.09 41.55
CA ARG C 257 -15.02 -16.22 42.36
C ARG C 257 -14.71 -17.38 41.42
N THR C 258 -13.67 -18.15 41.74
CA THR C 258 -13.50 -19.43 41.08
C THR C 258 -14.10 -20.54 41.94
N GLU C 259 -14.63 -21.55 41.26
CA GLU C 259 -15.24 -22.71 41.90
C GLU C 259 -15.06 -23.87 40.93
N GLY C 260 -14.11 -24.75 41.23
CA GLY C 260 -13.83 -25.82 40.31
C GLY C 260 -13.14 -25.27 39.07
N LYS C 261 -13.64 -25.67 37.90
CA LYS C 261 -13.12 -25.20 36.62
C LYS C 261 -13.83 -23.93 36.14
N ASP C 262 -14.65 -23.33 36.98
CA ASP C 262 -15.51 -22.21 36.61
C ASP C 262 -14.95 -20.90 37.14
N ILE C 263 -15.04 -19.87 36.31
CA ILE C 263 -14.90 -18.49 36.76
C ILE C 263 -16.31 -17.95 36.86
N LEU C 264 -16.72 -17.57 38.08
CA LEU C 264 -18.10 -17.18 38.36
C LEU C 264 -18.18 -15.67 38.55
N LEU C 265 -19.12 -15.05 37.83
CA LEU C 265 -19.40 -13.62 37.96
C LEU C 265 -20.85 -13.49 38.39
N ASN C 266 -21.07 -13.12 39.65
CA ASN C 266 -22.41 -13.04 40.21
C ASN C 266 -23.12 -14.39 40.05
N GLY C 267 -22.39 -15.47 40.35
CA GLY C 267 -22.92 -16.80 40.29
C GLY C 267 -22.87 -17.47 38.94
N ARG C 268 -22.85 -16.70 37.85
CA ARG C 268 -22.93 -17.26 36.51
C ARG C 268 -21.55 -17.67 36.00
N LYS C 269 -21.52 -18.72 35.17
CA LYS C 269 -20.28 -19.22 34.61
C LYS C 269 -19.87 -18.33 33.45
N LEU C 270 -18.75 -17.62 33.63
CA LEU C 270 -18.28 -16.62 32.68
C LEU C 270 -17.60 -17.24 31.45
N ARG C 271 -17.83 -16.66 30.28
CA ARG C 271 -17.02 -16.97 29.10
C ARG C 271 -16.27 -15.70 28.68
N ILE C 272 -14.94 -15.81 28.63
CA ILE C 272 -14.09 -14.70 28.20
C ILE C 272 -13.98 -14.70 26.69
N LYS C 273 -14.41 -13.61 26.06
CA LYS C 273 -14.22 -13.31 24.64
C LYS C 273 -13.36 -12.03 24.59
N GLY C 274 -12.04 -12.18 24.52
CA GLY C 274 -11.15 -11.11 24.91
C GLY C 274 -10.15 -10.69 23.84
N PHE C 275 -9.48 -9.58 24.13
CA PHE C 275 -8.38 -9.07 23.31
C PHE C 275 -7.21 -8.68 24.21
N CYS C 276 -6.01 -9.09 23.84
CA CYS C 276 -4.84 -8.44 24.38
C CYS C 276 -4.71 -7.07 23.71
N ARG C 277 -4.48 -6.02 24.51
CA ARG C 277 -4.35 -4.68 23.95
C ARG C 277 -3.21 -3.94 24.65
N HIS C 278 -2.20 -3.55 23.87
CA HIS C 278 -1.14 -2.64 24.31
C HIS C 278 -1.64 -1.21 24.27
N GLU C 279 -1.05 -0.36 25.12
CA GLU C 279 -1.23 1.09 25.01
C GLU C 279 -0.22 1.56 23.98
N ASP C 280 -0.63 1.51 22.71
CA ASP C 280 0.28 1.86 21.63
C ASP C 280 -0.55 2.42 20.49
N HIS C 281 -0.06 3.49 19.87
CA HIS C 281 -0.76 4.18 18.80
C HIS C 281 0.32 4.91 18.02
N PRO C 282 0.22 4.98 16.69
CA PRO C 282 1.33 5.58 15.91
C PRO C 282 1.47 7.09 16.08
N GLN C 283 0.43 7.81 16.47
CA GLN C 283 0.61 9.24 16.76
C GLN C 283 0.82 9.53 18.23
N PHE C 284 0.35 8.67 19.12
CA PHE C 284 0.28 9.02 20.52
C PHE C 284 1.20 8.19 21.39
N GLY C 285 1.95 7.25 20.81
CA GLY C 285 2.85 6.44 21.61
C GLY C 285 2.03 5.64 22.59
N CYS C 286 2.37 5.73 23.89
CA CYS C 286 1.53 5.14 24.91
C CYS C 286 0.67 6.19 25.62
N ALA C 287 0.67 7.42 25.11
CA ALA C 287 -0.08 8.52 25.70
C ALA C 287 -1.41 8.75 24.96
N LEU C 288 -2.26 7.73 24.93
CA LEU C 288 -3.47 7.83 24.12
C LEU C 288 -4.50 8.71 24.81
N PRO C 289 -5.10 9.67 24.12
CA PRO C 289 -6.17 10.48 24.72
C PRO C 289 -7.46 9.71 24.84
N PHE C 290 -8.35 10.27 25.66
CA PHE C 290 -9.71 9.77 25.81
C PHE C 290 -10.36 9.37 24.50
N SER C 291 -10.33 10.25 23.48
CA SER C 291 -11.00 9.93 22.22
C SER C 291 -10.40 8.68 21.57
N ALA C 292 -9.09 8.48 21.70
CA ALA C 292 -8.45 7.32 21.08
C ALA C 292 -8.76 6.03 21.86
N MET C 293 -8.81 6.12 23.19
CA MET C 293 -9.23 4.99 24.01
C MET C 293 -10.62 4.51 23.62
N GLN C 294 -11.58 5.43 23.60
CA GLN C 294 -12.96 5.04 23.31
C GLN C 294 -13.12 4.57 21.87
N HIS C 295 -12.31 5.09 20.93
CA HIS C 295 -12.35 4.55 19.58
C HIS C 295 -11.95 3.09 19.58
N ASP C 296 -10.83 2.76 20.24
CA ASP C 296 -10.43 1.36 20.42
C ASP C 296 -11.55 0.52 21.05
N LEU C 297 -12.15 1.02 22.14
CA LEU C 297 -13.19 0.25 22.84
C LEU C 297 -14.39 -0.01 21.94
N MET C 298 -14.79 0.99 21.14
CA MET C 298 -15.91 0.80 20.23
C MET C 298 -15.61 -0.27 19.17
N LEU C 299 -14.36 -0.30 18.67
CA LEU C 299 -13.97 -1.40 17.77
C LEU C 299 -13.99 -2.73 18.49
N ILE C 300 -13.49 -2.76 19.72
CA ILE C 300 -13.42 -4.01 20.46
C ILE C 300 -14.84 -4.52 20.75
N LYS C 301 -15.75 -3.61 21.09
CA LYS C 301 -17.15 -4.02 21.26
C LYS C 301 -17.77 -4.46 19.93
N ASP C 302 -17.46 -3.77 18.84
CA ASP C 302 -17.98 -4.18 17.55
C ASP C 302 -17.56 -5.60 17.19
N LEU C 303 -16.38 -5.98 17.62
CA LEU C 303 -15.85 -7.31 17.36
C LEU C 303 -16.51 -8.39 18.20
N GLY C 304 -17.40 -8.01 19.11
CA GLY C 304 -18.07 -8.98 19.96
C GLY C 304 -17.34 -9.35 21.21
N ALA C 305 -16.23 -8.68 21.54
CA ALA C 305 -15.48 -9.01 22.74
C ALA C 305 -16.19 -8.53 23.99
N ASN C 306 -15.95 -9.22 25.10
CA ASN C 306 -16.42 -8.73 26.39
C ASN C 306 -15.28 -8.43 27.37
N SER C 307 -14.02 -8.52 26.95
CA SER C 307 -12.95 -8.45 27.91
C SER C 307 -11.62 -8.01 27.26
N ILE C 308 -10.77 -7.37 28.05
CA ILE C 308 -9.47 -6.91 27.61
C ILE C 308 -8.39 -7.36 28.59
N ARG C 309 -7.22 -7.70 28.07
CA ARG C 309 -6.06 -8.05 28.87
C ARG C 309 -4.98 -7.01 28.62
N THR C 310 -4.51 -6.38 29.69
CA THR C 310 -3.58 -5.25 29.62
C THR C 310 -2.14 -5.75 29.43
N VAL C 311 -1.87 -6.25 28.23
CA VAL C 311 -0.50 -6.66 27.94
C VAL C 311 0.39 -5.42 27.85
N HIS C 312 1.53 -5.42 28.56
CA HIS C 312 1.88 -6.32 29.65
C HIS C 312 2.25 -5.44 30.84
N TYR C 313 1.31 -4.62 31.31
CA TYR C 313 1.58 -3.63 32.34
C TYR C 313 0.26 -3.00 32.76
N PRO C 314 0.22 -2.33 33.90
CA PRO C 314 -1.02 -1.64 34.32
C PRO C 314 -1.36 -0.50 33.38
N ASN C 315 -2.66 -0.28 33.21
CA ASN C 315 -3.21 0.71 32.29
C ASN C 315 -3.62 2.00 32.97
N ASP C 316 -3.68 3.06 32.17
CA ASP C 316 -4.26 4.34 32.55
C ASP C 316 -5.61 4.14 33.24
N GLU C 317 -5.80 4.85 34.37
CA GLU C 317 -7.05 4.76 35.11
C GLU C 317 -8.23 5.29 34.28
N LEU C 318 -7.97 6.19 33.35
CA LEU C 318 -9.01 6.67 32.45
C LEU C 318 -9.57 5.53 31.60
N PHE C 319 -8.69 4.66 31.11
CA PHE C 319 -9.14 3.50 30.35
C PHE C 319 -9.95 2.54 31.21
N LEU C 320 -9.47 2.27 32.42
CA LEU C 320 -10.21 1.39 33.31
C LEU C 320 -11.56 2.00 33.70
N ASP C 321 -11.60 3.32 33.85
CA ASP C 321 -12.90 3.99 34.06
C ASP C 321 -13.84 3.68 32.92
N LEU C 322 -13.34 3.75 31.69
CA LEU C 322 -14.18 3.51 30.52
C LEU C 322 -14.64 2.06 30.45
N CYS C 323 -13.82 1.12 30.93
CA CYS C 323 -14.24 -0.27 30.99
C CYS C 323 -15.30 -0.50 32.06
N ASP C 324 -15.16 0.17 33.22
CA ASP C 324 -16.18 0.15 34.27
C ASP C 324 -17.54 0.57 33.72
N GLU C 325 -17.60 1.73 33.06
CA GLU C 325 -18.88 2.27 32.60
C GLU C 325 -19.51 1.44 31.50
N GLN C 326 -18.71 0.67 30.74
CA GLN C 326 -19.22 -0.08 29.59
C GLN C 326 -19.29 -1.58 29.87
N GLY C 327 -19.00 -1.99 31.10
CA GLY C 327 -19.12 -3.40 31.46
C GLY C 327 -18.12 -4.32 30.79
N ILE C 328 -16.90 -3.86 30.56
CA ILE C 328 -15.86 -4.65 29.92
C ILE C 328 -14.99 -5.27 31.02
N LEU C 329 -14.83 -6.58 31.00
CA LEU C 329 -14.01 -7.24 32.01
C LEU C 329 -12.52 -7.07 31.70
N VAL C 330 -11.73 -6.82 32.74
CA VAL C 330 -10.31 -6.51 32.60
C VAL C 330 -9.47 -7.52 33.36
N TRP C 331 -8.53 -8.14 32.66
CA TRP C 331 -7.37 -8.78 33.28
C TRP C 331 -6.25 -7.75 33.28
N GLU C 332 -5.76 -7.38 34.46
CA GLU C 332 -4.66 -6.42 34.57
C GLU C 332 -3.47 -7.07 35.26
N GLU C 333 -2.28 -6.85 34.73
CA GLU C 333 -1.09 -7.52 35.21
C GLU C 333 0.00 -6.50 35.47
N ASN C 334 1.01 -6.92 36.23
CA ASN C 334 2.16 -6.07 36.49
C ASN C 334 3.08 -6.03 35.26
N HIS C 335 4.01 -5.09 35.28
CA HIS C 335 4.85 -4.83 34.13
C HIS C 335 5.95 -5.87 34.04
N ALA C 336 5.83 -6.79 33.10
CA ALA C 336 6.86 -7.81 32.87
C ALA C 336 6.47 -8.61 31.64
N ARG C 337 7.44 -8.90 30.78
CA ARG C 337 7.18 -9.73 29.62
C ARG C 337 8.43 -10.48 29.22
N GLY C 338 8.38 -11.81 29.27
CA GLY C 338 9.39 -12.65 28.65
C GLY C 338 10.77 -12.59 29.29
N LEU C 339 10.84 -12.27 30.58
CA LEU C 339 12.12 -12.11 31.24
C LEU C 339 12.71 -13.48 31.60
N SER C 340 13.94 -13.71 31.14
CA SER C 340 14.68 -14.93 31.43
C SER C 340 15.00 -15.03 32.93
N GLU C 341 15.39 -16.25 33.35
CA GLU C 341 15.87 -16.45 34.71
C GLU C 341 16.99 -15.46 35.05
N GLU C 342 17.93 -15.26 34.13
CA GLU C 342 19.01 -14.31 34.36
C GLU C 342 18.47 -12.89 34.45
N ASN C 343 17.53 -12.50 33.56
CA ASN C 343 16.91 -11.18 33.67
C ASN C 343 16.27 -10.99 35.04
N MET C 344 15.67 -12.05 35.58
CA MET C 344 14.97 -11.95 36.86
C MET C 344 15.91 -11.83 38.05
N ARG C 345 17.21 -12.12 37.91
CA ARG C 345 18.12 -11.90 39.02
C ARG C 345 18.92 -10.61 38.88
N ASN C 346 18.56 -9.76 37.93
CA ASN C 346 18.95 -8.36 38.04
C ASN C 346 18.67 -7.89 39.47
N PRO C 347 19.64 -7.26 40.14
CA PRO C 347 19.46 -6.93 41.56
C PRO C 347 18.24 -6.06 41.85
N HIS C 348 17.65 -5.43 40.83
CA HIS C 348 16.50 -4.55 41.03
C HIS C 348 15.17 -5.22 40.72
N PHE C 349 15.20 -6.45 40.18
CA PHE C 349 13.98 -7.08 39.67
C PHE C 349 12.89 -7.20 40.73
N LYS C 350 13.22 -7.80 41.90
CA LYS C 350 12.19 -8.05 42.91
C LYS C 350 11.64 -6.75 43.48
N GLN C 351 12.52 -5.79 43.78
CA GLN C 351 12.05 -4.48 44.23
C GLN C 351 11.12 -3.85 43.19
N GLN C 352 11.51 -3.89 41.92
CA GLN C 352 10.72 -3.19 40.90
C GLN C 352 9.40 -3.90 40.63
N CYS C 353 9.38 -5.24 40.65
CA CYS C 353 8.11 -5.95 40.58
C CYS C 353 7.24 -5.65 41.78
N GLY C 354 7.82 -5.72 42.99
CA GLY C 354 7.05 -5.41 44.18
C GLY C 354 6.48 -4.01 44.18
N ASP C 355 7.29 -3.01 43.78
CA ASP C 355 6.80 -1.64 43.71
C ASP C 355 5.65 -1.51 42.72
N CYS C 356 5.80 -2.11 41.53
CA CYS C 356 4.73 -2.09 40.53
C CYS C 356 3.44 -2.70 41.08
N ILE C 357 3.55 -3.86 41.74
CA ILE C 357 2.34 -4.53 42.23
C ILE C 357 1.66 -3.69 43.31
N ARG C 358 2.43 -3.16 44.26
CA ARG C 358 1.87 -2.31 45.30
C ARG C 358 1.13 -1.11 44.71
N GLU C 359 1.76 -0.42 43.74
CA GLU C 359 1.15 0.80 43.20
C GLU C 359 -0.08 0.47 42.37
N MET C 360 0.00 -0.61 41.58
CA MET C 360 -1.13 -1.07 40.78
C MET C 360 -2.36 -1.35 41.66
N ILE C 361 -2.23 -2.24 42.64
CA ILE C 361 -3.42 -2.66 43.37
C ILE C 361 -3.91 -1.57 44.32
N THR C 362 -2.98 -0.83 44.94
CA THR C 362 -3.43 0.27 45.80
C THR C 362 -4.23 1.29 44.98
N ALA C 363 -3.80 1.59 43.75
CA ALA C 363 -4.54 2.61 43.01
C ALA C 363 -5.80 2.04 42.35
N HIS C 364 -5.77 0.80 41.90
CA HIS C 364 -6.81 0.25 41.04
C HIS C 364 -7.80 -0.64 41.78
N TYR C 365 -7.71 -0.72 43.11
CA TYR C 365 -8.50 -1.69 43.88
C TYR C 365 -10.01 -1.65 43.57
N ASN C 366 -10.58 -0.46 43.38
CA ASN C 366 -12.03 -0.34 43.33
C ASN C 366 -12.62 -0.60 41.96
N HIS C 367 -11.83 -0.82 40.92
CA HIS C 367 -12.43 -0.94 39.59
C HIS C 367 -13.20 -2.25 39.47
N PRO C 368 -14.53 -2.22 39.31
CA PRO C 368 -15.26 -3.48 39.16
C PRO C 368 -14.89 -4.25 37.91
N SER C 369 -14.43 -3.56 36.86
CA SER C 369 -14.05 -4.26 35.63
C SER C 369 -12.89 -5.24 35.88
N ILE C 370 -11.93 -4.85 36.72
CA ILE C 370 -10.79 -5.74 36.95
C ILE C 370 -11.29 -6.98 37.68
N TYR C 371 -11.24 -8.13 37.02
CA TYR C 371 -11.70 -9.37 37.65
C TYR C 371 -10.56 -10.30 38.05
N ILE C 372 -9.33 -10.02 37.65
CA ILE C 372 -8.23 -10.95 37.90
C ILE C 372 -6.92 -10.16 37.83
N TRP C 373 -5.95 -10.54 38.66
CA TRP C 373 -4.61 -9.96 38.65
C TRP C 373 -3.64 -10.95 38.01
N GLY C 374 -2.89 -10.51 37.01
CA GLY C 374 -1.86 -11.32 36.39
C GLY C 374 -0.49 -10.86 36.84
N ILE C 375 0.48 -11.78 36.85
CA ILE C 375 1.88 -11.43 37.07
C ILE C 375 2.73 -12.05 35.99
N LEU C 376 3.86 -11.40 35.71
CA LEU C 376 5.04 -12.04 35.14
C LEU C 376 4.73 -12.82 33.84
N ASN C 377 4.09 -12.14 32.89
CA ASN C 377 3.81 -12.77 31.60
C ASN C 377 5.05 -13.42 30.98
N GLU C 378 4.92 -14.70 30.63
CA GLU C 378 5.97 -15.48 29.96
C GLU C 378 7.33 -15.36 30.64
N CYS C 379 7.37 -15.26 31.97
CA CYS C 379 8.66 -15.25 32.65
C CYS C 379 9.10 -16.69 32.96
N ALA C 380 10.19 -16.86 33.71
CA ALA C 380 10.91 -18.14 33.78
C ALA C 380 10.25 -19.10 34.78
N SER C 381 9.00 -19.45 34.49
CA SER C 381 8.18 -20.26 35.38
C SER C 381 8.61 -21.72 35.43
N ASP C 382 9.62 -22.12 34.66
CA ASP C 382 10.10 -23.49 34.67
C ASP C 382 11.33 -23.68 35.55
N THR C 383 11.88 -22.61 36.13
CA THR C 383 13.11 -22.66 36.90
C THR C 383 12.80 -22.49 38.39
N GLU C 384 13.74 -22.96 39.22
CA GLU C 384 13.58 -22.81 40.66
C GLU C 384 13.59 -21.34 41.08
N TYR C 385 14.53 -20.56 40.54
CA TYR C 385 14.60 -19.17 40.93
C TYR C 385 13.36 -18.40 40.46
N GLY C 386 12.87 -18.73 39.26
CA GLY C 386 11.60 -18.16 38.81
C GLY C 386 10.45 -18.48 39.75
N ARG C 387 10.31 -19.75 40.14
CA ARG C 387 9.29 -20.16 41.12
C ARG C 387 9.33 -19.31 42.37
N GLU C 388 10.54 -19.06 42.91
CA GLU C 388 10.69 -18.22 44.08
C GLU C 388 10.05 -16.86 43.84
N CYS C 389 10.30 -16.27 42.68
CA CYS C 389 9.73 -14.96 42.36
C CYS C 389 8.22 -15.02 42.22
N TYR C 390 7.70 -16.03 41.50
CA TYR C 390 6.26 -16.18 41.37
C TYR C 390 5.59 -16.28 42.73
N SER C 391 6.15 -17.10 43.63
CA SER C 391 5.56 -17.29 44.95
C SER C 391 5.52 -15.97 45.72
N GLU C 392 6.64 -15.24 45.73
CA GLU C 392 6.70 -13.93 46.37
C GLU C 392 5.59 -13.02 45.88
N GLN C 393 5.46 -12.92 44.54
CA GLN C 393 4.59 -11.91 43.98
C GLN C 393 3.11 -12.29 44.12
N TYR C 394 2.78 -13.58 43.91
CA TYR C 394 1.43 -14.03 44.20
C TYR C 394 1.06 -13.77 45.66
N GLU C 395 1.99 -14.04 46.58
CA GLU C 395 1.73 -13.79 48.00
C GLU C 395 1.56 -12.29 48.27
N LEU C 396 2.33 -11.46 47.57
CA LEU C 396 2.19 -10.02 47.74
C LEU C 396 0.79 -9.55 47.33
N ILE C 397 0.28 -10.08 46.21
CA ILE C 397 -1.06 -9.73 45.74
C ILE C 397 -2.12 -10.12 46.77
N LYS C 398 -2.02 -11.33 47.30
CA LYS C 398 -3.04 -11.77 48.26
C LYS C 398 -3.05 -10.89 49.51
N SER C 399 -1.88 -10.37 49.91
CA SER C 399 -1.86 -9.47 51.06
C SER C 399 -2.46 -8.10 50.74
N LEU C 400 -2.48 -7.70 49.49
CA LEU C 400 -3.13 -6.44 49.12
C LEU C 400 -4.59 -6.62 48.70
N ASP C 401 -4.93 -7.80 48.19
CA ASP C 401 -6.26 -8.05 47.62
C ASP C 401 -6.55 -9.51 47.83
N PRO C 402 -7.15 -9.88 48.97
CA PRO C 402 -7.35 -11.30 49.24
C PRO C 402 -8.53 -11.92 48.51
N TYR C 403 -9.21 -11.19 47.63
CA TYR C 403 -10.48 -11.66 47.09
C TYR C 403 -10.43 -11.97 45.60
N ARG C 404 -9.77 -11.14 44.80
CA ARG C 404 -9.71 -11.40 43.36
C ARG C 404 -8.84 -12.63 43.06
N PRO C 405 -9.22 -13.43 42.09
CA PRO C 405 -8.32 -14.50 41.61
C PRO C 405 -7.07 -13.94 40.97
N ARG C 406 -6.06 -14.80 40.88
CA ARG C 406 -4.73 -14.46 40.38
C ARG C 406 -4.33 -15.45 39.29
N SER C 407 -3.39 -15.04 38.43
CA SER C 407 -2.95 -15.91 37.35
C SER C 407 -1.67 -15.35 36.73
N SER C 408 -1.23 -16.01 35.68
CA SER C 408 -0.04 -15.61 34.93
C SER C 408 -0.07 -16.31 33.60
N ALA C 409 0.15 -15.55 32.52
CA ALA C 409 0.15 -16.09 31.15
C ALA C 409 1.46 -16.85 30.93
N SER C 410 1.38 -18.19 30.92
CA SER C 410 2.55 -19.04 30.75
C SER C 410 2.81 -19.41 29.29
N CYS C 411 4.09 -19.49 28.93
CA CYS C 411 4.50 -20.16 27.71
C CYS C 411 5.39 -21.36 27.99
N ARG C 412 5.44 -21.83 29.24
CA ARG C 412 6.32 -22.94 29.61
C ARG C 412 5.53 -24.23 29.41
N PHE C 413 5.45 -24.62 28.13
CA PHE C 413 4.61 -25.71 27.64
C PHE C 413 4.98 -27.06 28.27
N LYS C 414 4.19 -27.51 29.25
CA LYS C 414 4.39 -28.78 29.96
C LYS C 414 5.64 -28.78 30.84
N THR C 415 6.19 -27.61 31.13
CA THR C 415 7.36 -27.48 31.99
C THR C 415 7.17 -26.43 33.08
N ASP C 416 5.99 -25.84 33.18
CA ASP C 416 5.73 -24.87 34.23
C ASP C 416 5.66 -25.59 35.58
N ILE C 417 6.43 -25.11 36.55
CA ILE C 417 6.37 -25.66 37.92
C ILE C 417 5.63 -24.71 38.86
N CYS C 418 4.89 -23.73 38.33
CA CYS C 418 4.20 -22.75 39.18
C CYS C 418 2.69 -22.81 39.05
N LEU C 419 2.11 -23.87 38.49
CA LEU C 419 0.66 -23.88 38.33
C LEU C 419 -0.10 -24.19 39.62
N GLY C 420 0.59 -24.58 40.70
CA GLY C 420 -0.10 -24.76 41.97
C GLY C 420 -0.50 -23.43 42.60
N TYR C 421 0.25 -22.36 42.31
CA TYR C 421 0.03 -21.10 43.02
C TYR C 421 -1.25 -20.36 42.59
N PRO C 422 -1.51 -20.13 41.30
CA PRO C 422 -2.63 -19.26 40.93
C PRO C 422 -3.99 -19.93 41.06
N GLU C 423 -5.04 -19.09 41.07
CA GLU C 423 -6.41 -19.59 41.03
C GLU C 423 -6.83 -19.99 39.62
N VAL C 424 -6.26 -19.38 38.59
CA VAL C 424 -6.60 -19.69 37.20
C VAL C 424 -5.32 -20.04 36.47
N VAL C 425 -5.36 -21.09 35.67
CA VAL C 425 -4.22 -21.49 34.84
C VAL C 425 -4.38 -20.86 33.46
N SER C 426 -3.32 -20.22 32.96
CA SER C 426 -3.36 -19.47 31.71
C SER C 426 -2.15 -19.79 30.85
N TYR C 427 -2.38 -19.92 29.54
CA TYR C 427 -1.31 -20.26 28.61
C TYR C 427 -1.43 -19.46 27.32
N ASN C 428 -0.28 -19.03 26.80
CA ASN C 428 -0.15 -18.44 25.48
C ASN C 428 0.30 -19.53 24.51
N ILE C 429 -0.44 -19.72 23.42
CA ILE C 429 -0.08 -20.72 22.42
C ILE C 429 -0.29 -20.15 21.04
N TYR C 430 0.57 -20.56 20.11
CA TYR C 430 0.50 -20.09 18.72
C TYR C 430 0.53 -21.25 17.70
N PRO C 431 -0.32 -22.26 17.86
CA PRO C 431 -0.40 -23.29 16.81
C PRO C 431 -0.97 -22.66 15.56
N LYS C 432 -0.41 -23.04 14.41
CA LYS C 432 -0.75 -22.55 13.08
C LYS C 432 -0.10 -21.19 12.81
N TRP C 433 0.64 -20.62 13.78
CA TRP C 433 1.55 -19.54 13.48
C TRP C 433 2.99 -19.98 13.73
N TYR C 434 3.43 -20.14 14.98
CA TYR C 434 4.81 -20.51 15.25
C TYR C 434 5.05 -22.01 15.18
N HIS C 435 4.01 -22.84 15.35
CA HIS C 435 4.09 -24.30 15.24
C HIS C 435 3.00 -24.75 14.28
N ASP C 436 3.38 -25.56 13.29
CA ASP C 436 2.39 -26.06 12.34
C ASP C 436 1.91 -27.42 12.82
N VAL C 437 0.87 -27.36 13.64
CA VAL C 437 0.25 -28.47 14.35
C VAL C 437 -1.21 -28.06 14.44
N PRO C 438 -2.17 -28.96 14.17
CA PRO C 438 -3.58 -28.55 14.26
C PRO C 438 -3.90 -28.01 15.65
N VAL C 439 -4.69 -26.94 15.70
CA VAL C 439 -4.89 -26.25 16.98
C VAL C 439 -5.50 -27.19 18.00
N GLU C 440 -6.48 -28.00 17.59
CA GLU C 440 -7.19 -28.85 18.55
C GLU C 440 -6.26 -29.88 19.17
N ASP C 441 -5.34 -30.44 18.38
CA ASP C 441 -4.39 -31.40 18.93
C ASP C 441 -3.48 -30.73 19.96
N TYR C 442 -2.92 -29.57 19.59
CA TYR C 442 -1.97 -28.88 20.48
C TYR C 442 -2.64 -28.47 21.78
N LEU C 443 -3.83 -27.91 21.69
CA LEU C 443 -4.57 -27.49 22.88
C LEU C 443 -4.98 -28.70 23.73
N ASP C 444 -5.36 -29.82 23.09
CA ASP C 444 -5.67 -31.03 23.86
C ASP C 444 -4.45 -31.54 24.60
N GLU C 445 -3.30 -31.62 23.91
CA GLU C 445 -2.10 -32.15 24.53
C GLU C 445 -1.68 -31.32 25.74
N LEU C 446 -1.79 -29.99 25.62
CA LEU C 446 -1.50 -29.09 26.73
C LEU C 446 -2.50 -29.28 27.86
N TYR C 447 -3.79 -29.27 27.52
CA TYR C 447 -4.82 -29.31 28.55
C TYR C 447 -4.81 -30.63 29.32
N GLN C 448 -4.54 -31.75 28.64
CA GLN C 448 -4.45 -33.03 29.35
C GLN C 448 -3.24 -33.05 30.28
N TRP C 449 -2.09 -32.55 29.82
CA TRP C 449 -0.94 -32.45 30.70
C TRP C 449 -1.25 -31.63 31.95
N ILE C 450 -2.06 -30.57 31.83
CA ILE C 450 -2.38 -29.76 32.99
C ILE C 450 -3.29 -30.53 33.96
N GLN C 451 -4.27 -31.27 33.43
CA GLN C 451 -5.19 -31.99 34.30
C GLN C 451 -4.56 -33.22 34.94
N ASN C 452 -3.61 -33.86 34.24
CA ASN C 452 -3.07 -35.15 34.64
C ASN C 452 -1.67 -35.09 35.26
N GLU C 453 -0.91 -34.00 35.05
CA GLU C 453 0.49 -34.03 35.45
C GLU C 453 0.96 -32.74 36.10
N SER C 454 0.06 -31.89 36.56
CA SER C 454 0.48 -30.62 37.16
C SER C 454 -0.47 -30.28 38.29
N GLU C 455 0.02 -29.44 39.20
CA GLU C 455 -0.85 -28.92 40.25
C GLU C 455 -1.79 -27.84 39.74
N GLY C 456 -1.77 -27.53 38.44
CA GLY C 456 -2.84 -26.74 37.91
C GLY C 456 -4.14 -27.50 37.73
N THR C 457 -4.16 -28.79 38.03
CA THR C 457 -5.32 -29.63 37.70
C THR C 457 -6.59 -29.12 38.39
N GLY C 458 -7.71 -29.25 37.69
CA GLY C 458 -9.02 -28.90 38.23
C GLY C 458 -9.32 -27.42 38.37
N LYS C 459 -8.40 -26.53 38.08
CA LYS C 459 -8.63 -25.10 38.19
C LYS C 459 -9.22 -24.56 36.89
N PRO C 460 -9.79 -23.35 36.89
CA PRO C 460 -10.23 -22.75 35.62
C PRO C 460 -9.03 -22.44 34.73
N PHE C 461 -9.28 -22.42 33.43
CA PHE C 461 -8.21 -22.40 32.43
C PHE C 461 -8.57 -21.39 31.35
N LEU C 462 -7.61 -20.54 30.99
CA LEU C 462 -7.79 -19.56 29.94
C LEU C 462 -6.65 -19.68 28.94
N ILE C 463 -6.96 -19.39 27.67
CA ILE C 463 -5.92 -19.12 26.67
C ILE C 463 -5.72 -17.60 26.67
N THR C 464 -4.60 -17.14 27.23
CA THR C 464 -4.38 -15.72 27.37
C THR C 464 -3.74 -15.08 26.15
N GLU C 465 -3.25 -15.87 25.20
CA GLU C 465 -2.83 -15.40 23.88
C GLU C 465 -3.03 -16.49 22.84
N ILE C 466 -3.64 -16.12 21.72
CA ILE C 466 -3.59 -16.92 20.51
C ILE C 466 -3.83 -15.98 19.33
N GLY C 467 -3.17 -16.24 18.21
CA GLY C 467 -3.29 -15.32 17.09
C GLY C 467 -2.27 -15.64 16.01
N ALA C 468 -2.19 -14.72 15.04
CA ALA C 468 -1.34 -14.88 13.88
C ALA C 468 -1.01 -13.51 13.30
N GLY C 469 0.13 -13.44 12.61
CA GLY C 469 0.52 -12.19 11.98
C GLY C 469 -0.16 -11.96 10.64
N ALA C 470 -0.19 -10.69 10.24
CA ALA C 470 -0.62 -10.28 8.92
C ALA C 470 -0.19 -8.83 8.72
N ILE C 471 0.50 -8.58 7.63
CA ILE C 471 0.86 -7.22 7.26
C ILE C 471 -0.32 -6.68 6.46
N TYR C 472 -0.92 -5.60 6.96
CA TYR C 472 -2.09 -5.03 6.31
C TYR C 472 -1.78 -4.70 4.86
N GLY C 473 -2.66 -5.14 3.97
CA GLY C 473 -2.50 -4.88 2.56
C GLY C 473 -1.76 -5.95 1.77
N TYR C 474 -1.00 -6.83 2.43
CA TYR C 474 -0.36 -7.92 1.72
C TYR C 474 -1.34 -9.08 1.59
N ARG C 475 -1.84 -9.29 0.38
CA ARG C 475 -2.82 -10.33 0.09
C ARG C 475 -2.33 -11.13 -1.09
N THR C 476 -2.45 -12.45 -1.02
CA THR C 476 -2.00 -13.21 -2.18
C THR C 476 -2.83 -14.48 -2.31
N PRO C 477 -3.12 -14.90 -3.54
CA PRO C 477 -3.84 -16.18 -3.73
C PRO C 477 -3.12 -17.37 -3.11
N ALA C 478 -1.80 -17.30 -2.93
CA ALA C 478 -1.11 -18.42 -2.32
C ALA C 478 -1.38 -18.55 -0.82
N HIS C 479 -1.99 -17.55 -0.20
CA HIS C 479 -2.27 -17.57 1.24
C HIS C 479 -1.02 -17.84 2.07
N VAL C 480 0.13 -17.27 1.66
CA VAL C 480 1.34 -17.46 2.46
C VAL C 480 1.18 -16.78 3.82
N LYS C 481 1.97 -17.25 4.78
CA LYS C 481 2.07 -16.58 6.06
C LYS C 481 2.50 -15.13 5.86
N TRP C 482 1.93 -14.25 6.69
CA TRP C 482 1.95 -12.79 6.68
C TRP C 482 0.89 -12.20 5.76
N SER C 483 0.28 -13.00 4.88
CA SER C 483 -0.85 -12.52 4.10
C SER C 483 -2.08 -12.40 4.99
N GLU C 484 -2.98 -11.49 4.60
CA GLU C 484 -4.22 -11.35 5.36
C GLU C 484 -5.10 -12.57 5.21
N GLU C 485 -5.04 -13.27 4.07
CA GLU C 485 -5.81 -14.49 3.91
C GLU C 485 -5.34 -15.58 4.86
N TYR C 486 -4.02 -15.76 4.99
CA TYR C 486 -3.58 -16.77 5.94
C TYR C 486 -4.08 -16.45 7.35
N GLN C 487 -4.07 -15.17 7.76
CA GLN C 487 -4.49 -14.82 9.10
C GLN C 487 -5.95 -15.17 9.33
N VAL C 488 -6.79 -14.97 8.32
CA VAL C 488 -8.20 -15.40 8.36
C VAL C 488 -8.29 -16.88 8.69
N GLN C 489 -7.53 -17.72 7.97
CA GLN C 489 -7.56 -19.16 8.19
C GLN C 489 -7.12 -19.52 9.60
N ALA C 490 -5.99 -18.95 10.05
CA ALA C 490 -5.47 -19.28 11.37
C ALA C 490 -6.47 -18.92 12.46
N LEU C 491 -7.06 -17.72 12.40
CA LEU C 491 -7.92 -17.29 13.48
C LEU C 491 -9.21 -18.11 13.53
N LYS C 492 -9.73 -18.48 12.36
CA LYS C 492 -10.91 -19.34 12.30
C LYS C 492 -10.66 -20.66 13.02
N GLU C 493 -9.61 -21.38 12.61
CA GLU C 493 -9.25 -22.63 13.29
C GLU C 493 -8.96 -22.40 14.78
N GLN C 494 -8.26 -21.31 15.11
CA GLN C 494 -7.87 -21.06 16.49
C GLN C 494 -9.08 -20.84 17.38
N LEU C 495 -10.02 -20.01 16.94
CA LEU C 495 -11.16 -19.71 17.79
C LEU C 495 -12.10 -20.90 17.88
N GLN C 496 -12.24 -21.65 16.78
CA GLN C 496 -13.05 -22.87 16.83
C GLN C 496 -12.53 -23.81 17.91
N ALA C 497 -11.21 -24.00 17.97
CA ALA C 497 -10.64 -24.90 18.96
C ALA C 497 -10.86 -24.42 20.40
N VAL C 498 -10.46 -23.17 20.73
CA VAL C 498 -10.54 -22.74 22.13
C VAL C 498 -11.98 -22.82 22.63
N PHE C 499 -12.95 -22.36 21.83
CA PHE C 499 -14.33 -22.37 22.29
C PHE C 499 -14.93 -23.78 22.28
N SER C 500 -14.20 -24.75 21.72
CA SER C 500 -14.58 -26.16 21.69
C SER C 500 -13.94 -26.97 22.81
N ARG C 501 -13.02 -26.38 23.57
CA ARG C 501 -12.18 -27.11 24.51
C ARG C 501 -12.91 -27.19 25.83
N GLU C 502 -13.36 -28.40 26.18
CA GLU C 502 -14.00 -28.61 27.47
C GLU C 502 -13.04 -28.24 28.59
N GLY C 503 -13.50 -27.39 29.51
CA GLY C 503 -12.69 -26.89 30.59
C GLY C 503 -12.02 -25.53 30.35
N CYS C 504 -12.19 -24.94 29.17
CA CYS C 504 -11.58 -23.65 28.84
C CYS C 504 -12.61 -22.55 29.05
N SER C 505 -12.29 -21.57 29.89
CA SER C 505 -13.22 -20.48 30.12
C SER C 505 -13.19 -19.41 29.03
N GLY C 506 -12.27 -19.47 28.07
CA GLY C 506 -12.28 -18.49 27.01
C GLY C 506 -10.86 -18.13 26.59
N VAL C 507 -10.74 -16.94 25.98
CA VAL C 507 -9.56 -16.62 25.19
C VAL C 507 -9.35 -15.12 25.17
N TYR C 508 -8.07 -14.71 25.16
CA TYR C 508 -7.65 -13.38 24.74
C TYR C 508 -6.90 -13.51 23.42
N ILE C 509 -7.44 -12.93 22.36
CA ILE C 509 -6.73 -12.90 21.08
C ILE C 509 -5.50 -12.01 21.20
N TRP C 510 -4.35 -12.54 20.78
CA TRP C 510 -3.19 -11.70 20.55
C TRP C 510 -3.15 -11.31 19.07
N GLN C 511 -3.38 -10.03 18.76
CA GLN C 511 -3.75 -8.97 19.71
C GLN C 511 -4.70 -7.99 19.01
N PHE C 512 -5.12 -6.94 19.73
CA PHE C 512 -6.06 -5.98 19.16
C PHE C 512 -5.48 -5.29 17.94
N CYS C 513 -4.32 -4.65 18.08
CA CYS C 513 -3.78 -3.80 17.03
C CYS C 513 -2.30 -4.06 16.89
N ASP C 514 -1.75 -3.76 15.71
CA ASP C 514 -0.30 -3.80 15.50
C ASP C 514 0.38 -2.79 16.41
N VAL C 515 1.58 -3.15 16.87
CA VAL C 515 2.25 -2.40 17.92
C VAL C 515 3.72 -2.20 17.57
N ARG C 516 4.23 -0.98 17.77
CA ARG C 516 5.66 -0.71 17.63
C ARG C 516 6.47 -1.48 18.67
N VAL C 517 7.60 -2.06 18.23
CA VAL C 517 8.50 -2.82 19.10
C VAL C 517 9.94 -2.26 19.01
N CYS C 518 10.82 -2.80 19.86
CA CYS C 518 12.21 -2.34 19.89
C CYS C 518 12.97 -2.82 18.66
N ASP C 519 14.00 -2.05 18.28
CA ASP C 519 14.79 -2.35 17.08
C ASP C 519 15.46 -3.73 17.15
N SER C 520 15.82 -4.19 18.35
CA SER C 520 16.51 -5.47 18.47
C SER C 520 15.65 -6.67 18.07
N TRP C 521 14.35 -6.47 17.92
CA TRP C 521 13.41 -7.52 17.53
C TRP C 521 13.12 -7.53 16.04
N PHE C 522 13.78 -6.67 15.26
CA PHE C 522 13.42 -6.50 13.85
C PHE C 522 13.47 -7.81 13.05
N GLY C 523 14.39 -8.73 13.40
CA GLY C 523 14.56 -9.94 12.61
C GLY C 523 13.30 -10.78 12.47
N SER C 524 12.43 -10.76 13.48
CA SER C 524 11.20 -11.54 13.47
C SER C 524 9.97 -10.65 13.51
N ARG C 525 10.13 -9.36 13.28
CA ARG C 525 9.06 -8.37 13.45
C ARG C 525 9.04 -7.47 12.23
N PRO C 526 8.38 -7.89 11.16
CA PRO C 526 8.27 -7.04 9.97
C PRO C 526 7.88 -5.62 10.34
N ARG C 527 8.50 -4.65 9.66
CA ARG C 527 8.27 -3.23 9.88
C ARG C 527 8.69 -2.76 11.28
N THR C 528 9.46 -3.57 12.02
CA THR C 528 9.72 -3.34 13.45
C THR C 528 8.39 -3.10 14.18
N MET C 529 7.41 -3.91 13.85
CA MET C 529 6.10 -3.93 14.47
C MET C 529 5.79 -5.37 14.82
N ASN C 530 5.00 -5.58 15.88
CA ASN C 530 4.33 -6.86 16.08
C ASN C 530 3.04 -6.79 15.28
N ASN C 531 2.90 -7.68 14.29
CA ASN C 531 1.88 -7.54 13.25
C ASN C 531 0.69 -8.47 13.45
N LYS C 532 0.45 -8.91 14.69
CA LYS C 532 -0.62 -9.84 14.96
C LYS C 532 -1.92 -9.14 15.30
N GLY C 533 -2.02 -7.83 15.06
CA GLY C 533 -3.25 -7.13 15.36
C GLY C 533 -4.36 -7.59 14.44
N ILE C 534 -5.59 -7.50 14.93
CA ILE C 534 -6.74 -7.75 14.06
C ILE C 534 -7.11 -6.47 13.33
N VAL C 535 -6.76 -5.32 13.88
CA VAL C 535 -6.67 -4.07 13.14
C VAL C 535 -5.17 -3.74 13.08
N ASP C 536 -4.80 -2.89 12.13
CA ASP C 536 -3.41 -2.45 12.04
C ASP C 536 -3.17 -1.27 13.01
N GLU C 537 -1.95 -0.70 12.98
CA GLU C 537 -1.62 0.33 13.96
C GLU C 537 -2.53 1.55 13.80
N TYR C 538 -3.06 1.78 12.60
CA TYR C 538 -3.99 2.87 12.32
C TYR C 538 -5.44 2.45 12.50
N ARG C 539 -5.67 1.28 13.09
CA ARG C 539 -7.02 0.81 13.46
C ARG C 539 -7.87 0.49 12.25
N ARG C 540 -7.24 0.16 11.13
CA ARG C 540 -7.93 -0.32 9.94
C ARG C 540 -8.16 -1.83 10.04
N PRO C 541 -9.37 -2.31 9.78
CA PRO C 541 -9.63 -3.76 9.93
C PRO C 541 -8.92 -4.59 8.88
N LYS C 542 -8.21 -5.62 9.35
CA LYS C 542 -7.68 -6.64 8.47
C LYS C 542 -8.83 -7.59 8.07
N LEU C 543 -8.57 -8.43 7.05
CA LEU C 543 -9.59 -9.39 6.63
C LEU C 543 -10.10 -10.23 7.81
N ALA C 544 -9.19 -10.64 8.71
CA ALA C 544 -9.54 -11.49 9.84
C ALA C 544 -10.45 -10.81 10.86
N TYR C 545 -10.64 -9.49 10.74
CA TYR C 545 -11.62 -8.78 11.56
C TYR C 545 -13.01 -9.43 11.45
N GLU C 546 -13.44 -9.78 10.24
CA GLU C 546 -14.78 -10.37 10.08
C GLU C 546 -14.86 -11.77 10.68
N VAL C 547 -13.79 -12.55 10.61
CA VAL C 547 -13.76 -13.88 11.20
C VAL C 547 -13.90 -13.81 12.71
N VAL C 548 -13.17 -12.88 13.35
CA VAL C 548 -13.26 -12.72 14.79
C VAL C 548 -14.68 -12.30 15.18
N LYS C 549 -15.24 -11.33 14.46
CA LYS C 549 -16.55 -10.80 14.80
C LYS C 549 -17.63 -11.89 14.70
N ASP C 550 -17.54 -12.73 13.66
CA ASP C 550 -18.50 -13.83 13.52
C ASP C 550 -18.37 -14.82 14.67
N SER C 551 -17.14 -15.19 15.04
CA SER C 551 -16.94 -16.06 16.19
C SER C 551 -17.52 -15.44 17.47
N TYR C 552 -17.00 -14.26 17.87
CA TYR C 552 -17.34 -13.71 19.17
C TYR C 552 -18.83 -13.39 19.29
N ARG C 553 -19.45 -12.90 18.23
CA ARG C 553 -20.84 -12.52 18.31
C ARG C 553 -21.79 -13.72 18.33
N SER C 554 -21.32 -14.90 18.00
CA SER C 554 -22.13 -16.10 18.05
C SER C 554 -22.17 -16.76 19.43
N LEU C 555 -21.52 -16.16 20.43
CA LEU C 555 -21.46 -16.72 21.78
C LEU C 555 -21.81 -15.63 22.78
N GLY C 556 -22.42 -16.05 23.90
CA GLY C 556 -22.80 -15.11 24.94
C GLY C 556 -21.70 -14.95 25.97
N ASN C 557 -21.97 -14.08 26.94
CA ASN C 557 -21.02 -13.86 28.01
C ASN C 557 -20.96 -15.02 29.00
N TYR C 558 -21.97 -15.90 29.01
CA TYR C 558 -22.05 -16.96 30.01
C TYR C 558 -22.32 -18.30 29.37
N PHE C 559 -21.76 -19.35 30.00
CA PHE C 559 -22.02 -20.74 29.65
C PHE C 559 -23.44 -21.13 30.07
N MET D 1 -11.79 18.78 28.61
CA MET D 1 -11.00 19.98 28.36
C MET D 1 -11.64 20.86 27.26
N ILE D 2 -11.87 22.14 27.59
CA ILE D 2 -12.53 23.07 26.67
C ILE D 2 -11.56 24.12 26.15
N ARG D 3 -10.68 24.63 27.02
CA ARG D 3 -9.71 25.66 26.72
C ARG D 3 -8.40 25.25 27.38
N THR D 4 -7.31 25.92 27.02
CA THR D 4 -6.03 25.59 27.65
C THR D 4 -5.85 26.27 29.02
N PHE D 5 -6.82 27.07 29.46
CA PHE D 5 -6.78 27.77 30.72
C PHE D 5 -8.19 27.77 31.29
N GLU D 6 -8.33 28.18 32.55
CA GLU D 6 -9.64 28.25 33.18
C GLU D 6 -10.30 29.58 32.86
N THR D 7 -11.52 29.53 32.33
CA THR D 7 -12.25 30.74 31.99
C THR D 7 -13.15 31.22 33.12
N HIS D 8 -13.24 30.47 34.22
CA HIS D 8 -14.06 30.84 35.37
C HIS D 8 -13.42 30.32 36.64
N LYS D 9 -13.34 31.18 37.65
CA LYS D 9 -13.03 30.75 39.01
C LYS D 9 -14.16 31.05 39.98
N ILE D 10 -14.92 32.13 39.77
CA ILE D 10 -16.09 32.40 40.60
C ILE D 10 -17.30 31.61 40.12
N ARG D 11 -17.65 31.75 38.83
CA ARG D 11 -18.82 31.07 38.29
C ARG D 11 -18.70 29.55 38.47
N LYS D 12 -19.81 28.91 38.81
CA LYS D 12 -19.86 27.46 39.00
C LYS D 12 -20.10 26.80 37.64
N THR D 13 -19.13 26.01 37.17
CA THR D 13 -19.21 25.39 35.85
C THR D 13 -18.78 23.93 35.94
N ALA D 14 -19.38 23.10 35.09
CA ALA D 14 -18.96 21.71 35.00
C ALA D 14 -19.00 21.24 33.54
N GLU D 15 -17.94 20.58 33.08
CA GLU D 15 -17.93 20.05 31.73
C GLU D 15 -18.79 18.80 31.66
N LEU D 16 -19.82 18.82 30.80
CA LEU D 16 -20.63 17.64 30.53
C LEU D 16 -20.10 16.79 29.38
N SER D 17 -19.21 17.34 28.55
CA SER D 17 -18.55 16.52 27.54
C SER D 17 -17.35 15.85 28.20
N SER D 18 -16.42 15.33 27.41
CA SER D 18 -15.38 14.40 27.88
C SER D 18 -16.02 13.27 28.69
N ALA D 19 -16.97 12.58 28.06
CA ALA D 19 -17.78 11.58 28.75
C ALA D 19 -18.55 10.77 27.73
N LEU D 20 -19.06 9.62 28.19
CA LEU D 20 -19.97 8.82 27.38
C LEU D 20 -21.40 9.30 27.58
N TRP D 21 -22.09 9.56 26.48
CA TRP D 21 -23.53 9.80 26.52
C TRP D 21 -24.24 8.63 25.83
N ASN D 22 -25.55 8.55 26.05
CA ASN D 22 -26.36 7.57 25.35
C ASN D 22 -26.71 8.09 23.96
N PHE D 23 -26.59 7.21 22.96
CA PHE D 23 -26.71 7.56 21.56
C PHE D 23 -27.56 6.54 20.82
N HIS D 24 -28.49 7.02 20.00
CA HIS D 24 -29.19 6.20 19.02
C HIS D 24 -29.63 7.10 17.87
N THR D 25 -29.69 6.52 16.67
CA THR D 25 -30.25 7.22 15.52
C THR D 25 -31.77 7.27 15.63
N ILE D 26 -32.38 8.24 14.96
CA ILE D 26 -33.83 8.34 14.93
C ILE D 26 -34.33 8.47 13.50
N GLY D 27 -35.57 8.04 13.28
CA GLY D 27 -36.22 8.14 11.99
C GLY D 27 -36.78 6.84 11.47
N THR D 28 -37.18 5.94 12.39
CA THR D 28 -37.61 4.58 12.02
C THR D 28 -38.77 4.13 12.91
N GLN D 29 -39.40 3.03 12.48
CA GLN D 29 -40.56 2.48 13.16
C GLN D 29 -40.21 1.50 14.27
N GLY D 30 -39.02 0.93 14.26
CA GLY D 30 -38.64 -0.11 15.19
C GLY D 30 -37.75 0.36 16.31
N GLU D 31 -37.06 -0.59 16.92
CA GLU D 31 -36.07 -0.31 17.95
C GLU D 31 -34.74 0.05 17.30
N GLU D 32 -34.07 1.04 17.87
CA GLU D 32 -32.68 1.32 17.55
C GLU D 32 -31.84 1.02 18.78
N ALA D 33 -30.68 0.42 18.57
CA ALA D 33 -29.76 0.18 19.67
C ALA D 33 -29.35 1.50 20.32
N VAL D 34 -29.37 1.54 21.64
CA VAL D 34 -28.73 2.62 22.37
C VAL D 34 -27.30 2.18 22.66
N ILE D 35 -26.33 2.99 22.24
CA ILE D 35 -24.94 2.67 22.54
C ILE D 35 -24.35 3.80 23.38
N GLN D 36 -23.21 3.53 24.00
CA GLN D 36 -22.49 4.53 24.78
C GLN D 36 -21.47 5.20 23.86
N ALA D 37 -21.69 6.49 23.54
CA ALA D 37 -20.90 7.18 22.55
C ALA D 37 -20.09 8.30 23.18
N PRO D 38 -18.88 8.56 22.70
CA PRO D 38 -18.07 9.63 23.29
C PRO D 38 -18.56 11.00 22.85
N VAL D 39 -18.49 11.96 23.78
CA VAL D 39 -18.73 13.36 23.50
C VAL D 39 -17.55 14.13 24.06
N PRO D 40 -16.80 14.89 23.24
CA PRO D 40 -17.05 15.12 21.80
C PRO D 40 -16.77 13.91 20.92
N GLY D 41 -17.41 13.88 19.75
CA GLY D 41 -17.28 12.75 18.84
C GLY D 41 -18.13 13.00 17.61
N CYS D 42 -17.81 12.27 16.55
CA CYS D 42 -18.61 12.28 15.35
C CYS D 42 -19.13 10.87 15.15
N TRP D 43 -20.41 10.73 14.83
CA TRP D 43 -20.93 9.36 14.77
C TRP D 43 -20.44 8.61 13.54
N GLU D 44 -19.85 9.30 12.57
CA GLU D 44 -19.21 8.62 11.45
C GLU D 44 -18.02 7.77 11.92
N ASN D 45 -17.52 8.00 13.12
CA ASN D 45 -16.45 7.18 13.67
C ASN D 45 -16.99 6.07 14.56
N TYR D 46 -18.34 6.01 14.78
CA TYR D 46 -18.72 4.83 15.54
C TYR D 46 -19.02 3.69 14.56
N PRO D 47 -18.65 2.44 14.87
CA PRO D 47 -18.77 1.36 13.87
C PRO D 47 -20.14 1.22 13.17
N ASP D 48 -21.25 1.41 13.88
CA ASP D 48 -22.57 1.17 13.29
C ASP D 48 -23.14 2.37 12.52
N THR D 49 -22.52 3.53 12.61
CA THR D 49 -23.02 4.71 11.90
C THR D 49 -21.97 5.35 10.98
N VAL D 50 -20.98 4.57 10.53
CA VAL D 50 -19.92 5.13 9.69
C VAL D 50 -20.46 5.74 8.40
N SER D 51 -21.64 5.31 7.93
CA SER D 51 -22.25 5.92 6.75
C SER D 51 -23.56 6.64 7.06
N TYR D 52 -23.87 6.95 8.31
CA TYR D 52 -25.21 7.46 8.63
C TYR D 52 -25.31 8.96 8.38
N ARG D 53 -26.28 9.35 7.57
CA ARG D 53 -26.67 10.76 7.44
C ARG D 53 -28.13 10.89 7.85
N GLY D 54 -28.39 11.79 8.79
CA GLY D 54 -29.75 11.98 9.30
C GLY D 54 -29.71 12.58 10.70
N GLN D 55 -30.77 12.32 11.45
CA GLN D 55 -30.90 12.73 12.84
C GLN D 55 -30.46 11.63 13.79
N ALA D 56 -29.92 12.05 14.92
CA ALA D 56 -29.61 11.10 15.98
C ALA D 56 -29.77 11.82 17.31
N SER D 57 -29.85 11.05 18.40
CA SER D 57 -30.08 11.61 19.72
C SER D 57 -28.94 11.31 20.67
N TYR D 58 -28.49 12.34 21.39
CA TYR D 58 -27.53 12.20 22.48
C TYR D 58 -28.19 12.61 23.79
N SER D 59 -27.99 11.81 24.84
CA SER D 59 -28.59 12.19 26.11
C SER D 59 -27.71 11.76 27.27
N ARG D 60 -27.78 12.53 28.35
CA ARG D 60 -27.24 12.17 29.66
C ARG D 60 -28.06 12.89 30.73
N GLU D 61 -27.61 12.84 31.98
CA GLU D 61 -28.25 13.57 33.07
C GLU D 61 -27.25 14.56 33.68
N PHE D 62 -27.79 15.59 34.35
CA PHE D 62 -26.97 16.55 35.07
C PHE D 62 -27.72 17.03 36.29
N GLU D 63 -26.98 17.56 37.26
CA GLU D 63 -27.55 18.05 38.50
C GLU D 63 -27.38 19.57 38.57
N ALA D 64 -28.48 20.29 38.78
CA ALA D 64 -28.43 21.74 38.76
C ALA D 64 -29.70 22.31 39.38
N LYS D 65 -29.58 23.53 39.90
CA LYS D 65 -30.71 24.29 40.43
C LYS D 65 -30.59 25.74 40.01
N GLY D 66 -31.73 26.42 39.95
CA GLY D 66 -31.70 27.86 39.70
C GLY D 66 -31.51 28.21 38.24
N ASN D 67 -30.89 29.37 38.02
CA ASN D 67 -30.57 29.83 36.67
C ASN D 67 -29.35 29.08 36.13
N ILE D 68 -29.48 28.47 34.95
CA ILE D 68 -28.37 27.73 34.35
C ILE D 68 -28.14 28.17 32.91
N ARG D 69 -26.92 27.92 32.46
CA ARG D 69 -26.50 28.12 31.08
C ARG D 69 -25.84 26.83 30.60
N LEU D 70 -26.29 26.35 29.44
CA LEU D 70 -25.65 25.20 28.78
C LEU D 70 -24.93 25.73 27.53
N GLU D 71 -23.59 25.69 27.53
CA GLU D 71 -22.81 26.11 26.37
C GLU D 71 -22.39 24.90 25.54
N PHE D 72 -22.71 24.94 24.25
CA PHE D 72 -22.32 23.94 23.27
C PHE D 72 -21.25 24.55 22.35
N LYS D 73 -20.03 24.01 22.41
CA LYS D 73 -18.95 24.56 21.58
C LYS D 73 -19.08 24.14 20.12
N GLY D 74 -19.83 23.07 19.83
CA GLY D 74 -20.06 22.66 18.47
C GLY D 74 -20.97 21.44 18.37
N VAL D 75 -22.05 21.54 17.60
CA VAL D 75 -22.89 20.39 17.28
C VAL D 75 -23.04 20.31 15.77
N SER D 76 -22.64 19.18 15.17
CA SER D 76 -22.61 19.00 13.72
C SER D 76 -23.91 18.40 13.21
N HIS D 77 -24.63 19.10 12.33
CA HIS D 77 -24.49 20.53 12.05
C HIS D 77 -25.75 21.32 12.48
N THR D 78 -26.85 20.61 12.72
CA THR D 78 -28.11 21.22 13.14
C THR D 78 -28.51 20.60 14.48
N ALA D 79 -28.78 21.44 15.49
CA ALA D 79 -28.95 20.99 16.87
C ALA D 79 -30.34 21.36 17.38
N SER D 80 -30.92 20.49 18.20
CA SER D 80 -32.11 20.82 18.98
C SER D 80 -31.86 20.34 20.41
N VAL D 81 -32.01 21.23 21.37
CA VAL D 81 -31.67 20.93 22.76
C VAL D 81 -32.96 20.77 23.54
N LEU D 82 -33.07 19.68 24.29
CA LEU D 82 -34.21 19.44 25.15
C LEU D 82 -33.72 19.21 26.57
N VAL D 83 -34.36 19.87 27.54
CA VAL D 83 -34.09 19.69 28.96
C VAL D 83 -35.39 19.26 29.65
N ASP D 84 -35.32 18.16 30.40
CA ASP D 84 -36.49 17.47 30.96
C ASP D 84 -37.61 17.31 29.94
N GLY D 85 -37.23 17.01 28.69
CA GLY D 85 -38.17 16.75 27.63
C GLY D 85 -38.78 17.97 26.96
N LYS D 86 -38.42 19.18 27.39
CA LYS D 86 -38.92 20.43 26.79
C LYS D 86 -37.87 21.01 25.84
N PRO D 87 -38.25 21.36 24.60
CA PRO D 87 -37.33 22.09 23.72
C PRO D 87 -36.96 23.45 24.29
N VAL D 88 -35.66 23.76 24.29
CA VAL D 88 -35.19 24.97 24.96
C VAL D 88 -34.19 25.75 24.12
N GLY D 89 -33.83 25.22 22.95
CA GLY D 89 -32.94 25.94 22.06
C GLY D 89 -32.63 25.12 20.83
N SER D 90 -32.18 25.81 19.78
CA SER D 90 -31.74 25.15 18.58
C SER D 90 -30.62 25.96 17.94
N HIS D 91 -29.96 25.37 16.95
CA HIS D 91 -28.80 25.99 16.35
C HIS D 91 -28.51 25.38 14.99
N TYR D 92 -27.98 26.21 14.09
CA TYR D 92 -27.47 25.75 12.80
C TYR D 92 -26.01 26.14 12.70
N ASN D 93 -25.21 25.25 12.07
CA ASN D 93 -23.79 25.41 11.74
C ASN D 93 -22.91 24.67 12.73
N ALA D 94 -22.13 23.69 12.24
CA ALA D 94 -21.35 22.80 13.10
C ALA D 94 -20.21 23.49 13.84
N TYR D 95 -19.79 24.67 13.39
CA TYR D 95 -18.46 25.16 13.71
C TYR D 95 -18.44 26.37 14.63
N THR D 96 -19.60 26.86 15.04
CA THR D 96 -19.62 27.96 15.98
C THR D 96 -20.33 27.56 17.28
N PRO D 97 -19.95 28.18 18.40
CA PRO D 97 -20.60 27.87 19.68
C PRO D 97 -21.93 28.59 19.85
N PHE D 98 -22.70 28.09 20.80
CA PHE D 98 -24.00 28.67 21.14
C PHE D 98 -24.34 28.21 22.55
N ASP D 99 -25.35 28.85 23.15
CA ASP D 99 -25.74 28.48 24.51
C ASP D 99 -27.26 28.47 24.65
N VAL D 100 -27.71 27.85 25.72
CA VAL D 100 -29.11 27.80 26.11
C VAL D 100 -29.16 28.25 27.56
N VAL D 101 -29.93 29.30 27.83
CA VAL D 101 -30.08 29.88 29.16
C VAL D 101 -31.48 29.57 29.69
N LEU D 102 -31.55 28.92 30.84
CA LEU D 102 -32.81 28.50 31.45
C LEU D 102 -32.93 29.11 32.84
N LYS D 103 -34.08 29.69 33.14
CA LYS D 103 -34.24 30.42 34.39
C LYS D 103 -34.93 29.55 35.43
N ASP D 104 -34.37 29.55 36.63
CA ASP D 104 -35.01 29.02 37.83
C ASP D 104 -35.62 27.63 37.59
N ILE D 105 -34.72 26.65 37.46
CA ILE D 105 -35.14 25.27 37.31
C ILE D 105 -35.16 24.63 38.69
N ARG D 106 -36.06 23.68 38.88
CA ARG D 106 -36.11 22.92 40.11
C ARG D 106 -34.76 22.24 40.37
N PRO D 107 -34.37 22.06 41.63
CA PRO D 107 -33.14 21.33 41.93
C PRO D 107 -33.23 19.86 41.50
N GLY D 108 -32.11 19.16 41.63
CA GLY D 108 -32.10 17.73 41.39
C GLY D 108 -31.60 17.35 40.01
N ILE D 109 -31.89 16.10 39.66
CA ILE D 109 -31.39 15.52 38.42
C ILE D 109 -32.27 15.94 37.26
N HIS D 110 -31.64 16.34 36.15
CA HIS D 110 -32.32 16.75 34.94
C HIS D 110 -31.89 15.87 33.77
N GLN D 111 -32.77 15.74 32.77
CA GLN D 111 -32.50 15.01 31.55
C GLN D 111 -32.09 15.99 30.46
N LEU D 112 -30.90 15.80 29.90
CA LEU D 112 -30.43 16.57 28.75
C LEU D 112 -30.48 15.68 27.51
N GLU D 113 -31.07 16.18 26.45
CA GLU D 113 -31.01 15.46 25.18
C GLU D 113 -30.70 16.46 24.09
N VAL D 114 -29.82 16.03 23.17
CA VAL D 114 -29.45 16.82 22.00
C VAL D 114 -29.77 15.98 20.77
N ILE D 115 -30.55 16.54 19.86
CA ILE D 115 -30.81 15.90 18.58
C ILE D 115 -29.89 16.57 17.58
N ALA D 116 -28.96 15.81 17.04
CA ALA D 116 -28.04 16.34 16.05
C ALA D 116 -28.44 15.80 14.68
N ASP D 117 -28.27 16.63 13.67
CA ASP D 117 -28.70 16.34 12.30
C ASP D 117 -27.60 16.78 11.34
N ASN D 118 -27.10 15.87 10.51
CA ASN D 118 -26.18 16.27 9.44
C ASN D 118 -26.80 16.17 8.06
N SER D 119 -28.14 16.14 7.97
CA SER D 119 -28.83 16.03 6.69
C SER D 119 -28.50 17.23 5.80
N PHE D 120 -28.49 16.98 4.50
CA PHE D 120 -28.45 18.02 3.49
C PHE D 120 -29.86 18.31 2.99
N GLY D 121 -30.08 19.54 2.53
CA GLY D 121 -31.34 19.91 1.94
C GLY D 121 -31.61 21.41 2.01
N PRO D 122 -32.85 21.82 1.71
CA PRO D 122 -33.12 23.26 1.53
C PRO D 122 -32.97 24.08 2.81
N ASP D 123 -33.15 23.48 4.00
CA ASP D 123 -32.96 24.22 5.24
C ASP D 123 -31.50 24.61 5.49
N SER D 124 -30.55 23.95 4.82
CA SER D 124 -29.13 24.06 5.12
C SER D 124 -28.42 24.69 3.93
N ALA D 125 -28.02 25.96 4.05
CA ALA D 125 -27.36 26.68 2.96
C ALA D 125 -25.85 26.65 3.04
N LEU D 126 -25.27 26.34 4.20
CA LEU D 126 -23.82 26.28 4.32
C LEU D 126 -23.31 24.85 4.24
N HIS D 127 -23.94 23.94 4.99
CA HIS D 127 -23.60 22.53 4.92
C HIS D 127 -24.30 21.92 3.73
N VAL D 128 -23.53 21.64 2.68
CA VAL D 128 -24.03 21.10 1.42
C VAL D 128 -23.10 19.98 0.97
N PRO D 129 -23.49 19.15 0.01
CA PRO D 129 -22.51 18.21 -0.58
C PRO D 129 -21.33 19.03 -1.05
N ASN D 130 -20.13 18.66 -0.60
CA ASN D 130 -19.01 19.57 -0.80
C ASN D 130 -17.71 18.79 -0.73
N ASP D 131 -16.61 19.50 -1.04
CA ASP D 131 -15.25 18.98 -1.01
C ASP D 131 -14.68 18.89 0.40
N TYR D 132 -15.54 18.55 1.37
CA TYR D 132 -15.18 18.20 2.73
C TYR D 132 -16.42 17.61 3.36
N GLN D 133 -16.25 16.88 4.46
CA GLN D 133 -17.35 16.10 5.03
C GLN D 133 -18.15 16.92 6.05
N SER D 134 -19.49 16.79 6.00
CA SER D 134 -20.37 17.34 7.04
C SER D 134 -20.70 16.21 8.01
N TYR D 135 -19.97 16.15 9.12
CA TYR D 135 -20.17 15.07 10.09
C TYR D 135 -21.45 15.30 10.88
N GLY D 136 -21.79 14.30 11.68
CA GLY D 136 -22.89 14.41 12.64
C GLY D 136 -22.40 14.11 14.04
N GLY D 137 -22.88 14.89 15.02
CA GLY D 137 -22.64 14.58 16.41
C GLY D 137 -22.34 15.80 17.25
N ILE D 138 -22.11 15.59 18.54
CA ILE D 138 -21.65 16.68 19.42
C ILE D 138 -20.13 16.69 19.26
N SER D 139 -19.64 17.51 18.34
CA SER D 139 -18.26 17.41 17.88
C SER D 139 -17.26 18.26 18.69
N ARG D 140 -17.76 19.21 19.49
CA ARG D 140 -16.92 19.94 20.43
C ARG D 140 -17.62 19.92 21.80
N GLY D 141 -17.03 20.59 22.79
CA GLY D 141 -17.40 20.33 24.18
C GLY D 141 -18.75 20.92 24.60
N VAL D 142 -19.16 20.55 25.82
CA VAL D 142 -20.43 20.97 26.41
C VAL D 142 -20.19 21.34 27.87
N VAL D 143 -20.66 22.52 28.28
CA VAL D 143 -20.39 23.05 29.62
C VAL D 143 -21.72 23.43 30.29
N LEU D 144 -21.88 23.04 31.55
CA LEU D 144 -23.00 23.46 32.39
C LEU D 144 -22.54 24.52 33.37
N GLU D 145 -23.25 25.65 33.40
CA GLU D 145 -22.97 26.72 34.33
C GLU D 145 -24.22 26.96 35.17
N GLU D 146 -24.03 27.11 36.49
CA GLU D 146 -25.09 27.53 37.40
C GLU D 146 -24.90 29.02 37.65
N LEU D 147 -25.93 29.81 37.37
CA LEU D 147 -25.83 31.26 37.34
C LEU D 147 -26.60 31.89 38.50
N GLY D 148 -26.21 33.12 38.84
CA GLY D 148 -27.00 33.96 39.70
C GLY D 148 -28.07 34.67 38.90
N GLU D 149 -28.31 35.94 39.23
CA GLU D 149 -29.32 36.72 38.54
C GLU D 149 -28.71 37.67 37.52
N ALA D 150 -27.40 37.55 37.27
CA ALA D 150 -26.74 38.31 36.22
C ALA D 150 -25.39 37.68 35.96
N TYR D 151 -24.94 37.74 34.70
CA TYR D 151 -23.64 37.16 34.37
C TYR D 151 -22.98 37.93 33.24
N LEU D 152 -21.67 37.74 33.13
CA LEU D 152 -20.88 38.31 32.05
C LEU D 152 -20.94 37.37 30.85
N SER D 153 -21.49 37.87 29.73
CA SER D 153 -21.60 37.01 28.58
C SER D 153 -20.33 37.01 27.73
N TRP D 154 -19.58 38.11 27.70
CA TRP D 154 -18.29 38.16 27.02
C TRP D 154 -17.50 39.39 27.44
N ILE D 155 -16.19 39.34 27.19
CA ILE D 155 -15.30 40.49 27.31
C ILE D 155 -14.40 40.53 26.07
N HIS D 156 -14.28 41.71 25.45
CA HIS D 156 -13.40 41.93 24.30
C HIS D 156 -12.33 42.95 24.66
N PHE D 157 -11.08 42.58 24.43
CA PHE D 157 -9.95 43.47 24.69
C PHE D 157 -9.25 43.81 23.39
N THR D 158 -8.94 45.08 23.20
CA THR D 158 -8.26 45.55 22.01
C THR D 158 -6.97 46.27 22.39
N PRO D 159 -5.80 45.79 21.96
CA PRO D 159 -4.57 46.57 22.17
C PRO D 159 -4.37 47.61 21.08
N PHE D 160 -3.67 48.69 21.44
CA PHE D 160 -3.32 49.78 20.54
C PHE D 160 -1.84 50.10 20.71
N LEU D 161 -1.12 50.19 19.61
CA LEU D 161 0.29 50.58 19.61
C LEU D 161 0.37 52.07 19.28
N ARG D 162 0.69 52.88 20.28
CA ARG D 162 0.80 54.32 20.10
C ARG D 162 2.26 54.73 20.13
N LYS D 163 2.48 56.02 19.81
CA LYS D 163 3.81 56.64 19.84
C LYS D 163 4.63 56.22 21.06
N ASP D 164 4.01 56.18 22.24
CA ASP D 164 4.71 55.97 23.50
C ASP D 164 4.52 54.56 24.06
N GLY D 165 4.08 53.60 23.24
CA GLY D 165 3.90 52.25 23.72
C GLY D 165 2.48 51.72 23.69
N TRP D 166 2.23 50.66 24.47
CA TRP D 166 0.99 49.90 24.37
C TRP D 166 -0.13 50.54 25.19
N TYR D 167 -1.27 50.73 24.55
CA TYR D 167 -2.50 51.06 25.26
C TYR D 167 -3.50 49.92 25.12
N GLY D 168 -4.62 50.05 25.78
CA GLY D 168 -5.61 48.99 25.79
C GLY D 168 -6.99 49.54 26.05
N LYS D 169 -7.97 48.81 25.55
CA LYS D 169 -9.38 49.14 25.70
C LYS D 169 -10.11 47.83 25.92
N ALA D 170 -11.08 47.84 26.83
CA ALA D 170 -11.83 46.62 27.15
C ALA D 170 -13.31 46.92 27.11
N GLU D 171 -14.09 45.97 26.60
CA GLU D 171 -15.53 46.07 26.51
C GLU D 171 -16.14 44.80 27.07
N ILE D 172 -17.06 44.94 28.02
CA ILE D 172 -17.66 43.81 28.70
C ILE D 172 -19.16 43.87 28.49
N CYS D 173 -19.77 42.71 28.24
CA CYS D 173 -21.20 42.61 28.03
C CYS D 173 -21.81 41.84 29.20
N VAL D 174 -22.80 42.46 29.87
CA VAL D 174 -23.43 41.90 31.07
C VAL D 174 -24.89 41.64 30.76
N ARG D 175 -25.41 40.52 31.23
CA ARG D 175 -26.79 40.15 30.98
C ARG D 175 -27.51 39.91 32.30
N ASN D 176 -28.65 40.57 32.45
CA ASN D 176 -29.45 40.52 33.66
C ASN D 176 -30.60 39.53 33.46
N LEU D 177 -30.66 38.51 34.30
CA LEU D 177 -31.72 37.50 34.23
C LEU D 177 -32.91 37.79 35.14
N SER D 178 -32.83 38.82 35.98
CA SER D 178 -33.93 39.17 36.84
C SER D 178 -34.83 40.21 36.17
N SER D 179 -36.11 40.20 36.56
CA SER D 179 -37.06 41.21 36.10
C SER D 179 -36.75 42.59 36.67
N GLY D 180 -36.05 42.67 37.80
CA GLY D 180 -35.76 43.95 38.42
C GLY D 180 -34.47 44.58 37.93
N ARG D 181 -34.46 45.92 37.94
CA ARG D 181 -33.27 46.68 37.58
C ARG D 181 -32.08 46.21 38.42
N LEU D 182 -30.89 46.31 37.85
CA LEU D 182 -29.69 45.78 38.47
C LEU D 182 -28.57 46.80 38.43
N ASP D 183 -27.91 47.00 39.57
CA ASP D 183 -26.76 47.90 39.70
C ASP D 183 -25.58 47.12 40.25
N GLY D 184 -24.41 47.39 39.71
CA GLY D 184 -23.20 46.75 40.17
C GLY D 184 -21.99 47.41 39.55
N SER D 185 -20.86 46.72 39.67
CA SER D 185 -19.63 47.17 39.04
C SER D 185 -18.91 45.96 38.42
N VAL D 186 -17.93 46.24 37.55
CA VAL D 186 -17.08 45.20 36.98
C VAL D 186 -15.63 45.62 37.16
N GLU D 187 -14.86 44.83 37.89
CA GLU D 187 -13.44 45.06 38.06
C GLU D 187 -12.64 44.23 37.07
N VAL D 188 -11.76 44.89 36.32
CA VAL D 188 -11.03 44.28 35.22
C VAL D 188 -9.55 44.34 35.53
N GLU D 189 -8.87 43.19 35.41
CA GLU D 189 -7.42 43.11 35.57
C GLU D 189 -6.81 42.34 34.40
N ILE D 190 -5.64 42.77 33.97
CA ILE D 190 -4.88 42.09 32.92
C ILE D 190 -3.54 41.69 33.52
N GLY D 191 -3.29 40.38 33.59
CA GLY D 191 -2.03 39.91 34.17
C GLY D 191 -1.80 40.37 35.59
N LYS D 192 -2.88 40.48 36.38
CA LYS D 192 -2.85 41.00 37.75
C LYS D 192 -2.40 42.47 37.84
N ASN D 193 -2.39 43.21 36.73
CA ASN D 193 -2.31 44.67 36.77
C ASN D 193 -3.72 45.23 36.85
N SER D 194 -3.91 46.23 37.72
CA SER D 194 -5.18 46.95 37.77
C SER D 194 -5.44 47.61 36.42
N PHE D 195 -6.68 47.51 35.94
CA PHE D 195 -7.01 48.12 34.64
C PHE D 195 -8.17 49.10 34.75
N ALA D 196 -9.34 48.67 35.21
CA ALA D 196 -10.47 49.57 35.28
C ALA D 196 -11.54 48.96 36.18
N VAL D 197 -12.41 49.83 36.67
CA VAL D 197 -13.64 49.42 37.33
C VAL D 197 -14.77 50.15 36.62
N LEU D 198 -15.74 49.40 36.11
CA LEU D 198 -16.84 49.97 35.37
C LEU D 198 -18.11 49.88 36.19
N PRO D 199 -18.84 50.98 36.35
CA PRO D 199 -20.17 50.88 36.97
C PRO D 199 -21.21 50.39 35.98
N ILE D 200 -22.11 49.54 36.47
CA ILE D 200 -23.08 48.81 35.66
C ILE D 200 -24.48 49.23 36.09
N VAL D 201 -25.36 49.50 35.12
CA VAL D 201 -26.78 49.69 35.37
C VAL D 201 -27.54 49.01 34.25
N LEU D 202 -28.35 48.01 34.60
CA LEU D 202 -29.12 47.24 33.62
C LEU D 202 -30.59 47.27 34.01
N GLU D 203 -31.45 47.58 33.05
CA GLU D 203 -32.87 47.39 33.28
C GLU D 203 -33.18 45.89 33.34
N GLY D 204 -34.43 45.58 33.70
CA GLY D 204 -34.81 44.18 33.79
C GLY D 204 -34.62 43.46 32.46
N GLU D 205 -34.09 42.24 32.55
CA GLU D 205 -33.89 41.34 31.41
C GLU D 205 -33.04 41.95 30.31
N GLU D 206 -32.17 42.90 30.63
CA GLU D 206 -31.40 43.62 29.64
C GLU D 206 -29.99 43.03 29.51
N GLU D 207 -29.56 42.87 28.26
CA GLU D 207 -28.16 42.63 27.95
C GLU D 207 -27.58 43.92 27.38
N LYS D 208 -26.45 44.36 27.92
CA LYS D 208 -25.84 45.60 27.48
C LYS D 208 -24.34 45.50 27.74
N SER D 209 -23.56 46.21 26.91
CA SER D 209 -22.12 46.23 27.06
C SER D 209 -21.65 47.61 27.51
N PHE D 210 -20.49 47.62 28.18
CA PHE D 210 -19.89 48.82 28.73
C PHE D 210 -18.40 48.80 28.40
N SER D 211 -17.86 49.95 28.00
CA SER D 211 -16.47 50.04 27.58
C SER D 211 -15.67 50.94 28.49
N THR D 212 -14.45 50.52 28.79
CA THR D 212 -13.49 51.39 29.41
C THR D 212 -12.94 52.39 28.40
N GLU D 213 -12.13 53.31 28.91
CA GLU D 213 -11.34 54.23 28.11
C GLU D 213 -10.10 53.52 27.58
N GLU D 214 -9.45 54.15 26.59
CA GLU D 214 -8.09 53.75 26.22
C GLU D 214 -7.11 54.10 27.33
N LEU D 215 -6.48 53.09 27.92
CA LEU D 215 -5.60 53.26 29.06
C LEU D 215 -4.20 52.75 28.73
N PRO D 216 -3.16 53.39 29.25
CA PRO D 216 -1.80 52.91 28.97
C PRO D 216 -1.58 51.55 29.60
N CYS D 217 -0.65 50.80 29.01
CA CYS D 217 -0.23 49.49 29.55
C CYS D 217 1.29 49.42 29.45
N PRO D 218 2.00 50.25 30.22
CA PRO D 218 3.46 50.31 30.06
C PRO D 218 4.17 49.05 30.49
N TRP D 219 3.52 48.20 31.26
CA TRP D 219 4.02 46.88 31.66
C TRP D 219 3.88 45.81 30.57
N ALA D 220 3.28 46.12 29.42
CA ALA D 220 2.88 45.09 28.46
C ALA D 220 4.01 44.75 27.50
N GLU D 221 4.36 43.47 27.42
CA GLU D 221 5.25 42.97 26.38
C GLU D 221 4.42 42.46 25.20
N CYS D 222 5.01 42.52 24.01
CA CYS D 222 4.25 42.24 22.82
C CYS D 222 4.16 40.74 22.56
N TRP D 223 3.09 40.36 21.86
CA TRP D 223 2.91 39.02 21.33
C TRP D 223 3.41 38.99 19.90
N SER D 224 4.17 37.95 19.56
CA SER D 224 4.65 37.79 18.20
C SER D 224 5.04 36.33 18.01
N PRO D 225 5.22 35.88 16.75
CA PRO D 225 5.70 34.50 16.52
C PRO D 225 6.99 34.19 17.26
N GLU D 226 7.92 35.14 17.35
CA GLU D 226 9.16 34.89 18.08
C GLU D 226 8.94 34.85 19.58
N SER D 227 7.91 35.53 20.07
CA SER D 227 7.72 35.73 21.51
C SER D 227 6.23 35.85 21.83
N PRO D 228 5.53 34.72 21.89
CA PRO D 228 4.06 34.79 22.06
C PRO D 228 3.61 34.99 23.50
N VAL D 229 3.98 36.14 24.07
CA VAL D 229 3.60 36.47 25.45
C VAL D 229 2.10 36.66 25.53
N LEU D 230 1.46 35.98 26.48
CA LEU D 230 0.03 36.13 26.71
C LEU D 230 -0.24 36.61 28.12
N TYR D 231 -1.37 37.31 28.31
CA TYR D 231 -1.86 37.71 29.63
C TYR D 231 -3.30 37.24 29.84
N LEU D 232 -3.59 36.82 31.06
CA LEU D 232 -4.96 36.58 31.47
C LEU D 232 -5.66 37.91 31.77
N ILE D 233 -6.84 38.12 31.19
CA ILE D 233 -7.68 39.25 31.53
C ILE D 233 -8.87 38.71 32.31
N THR D 234 -9.17 39.33 33.45
CA THR D 234 -10.26 38.89 34.32
C THR D 234 -11.24 40.03 34.55
N ALA D 235 -12.53 39.74 34.43
CA ALA D 235 -13.58 40.68 34.76
C ALA D 235 -14.44 40.05 35.85
N VAL D 236 -14.60 40.77 36.96
CA VAL D 236 -15.37 40.31 38.12
C VAL D 236 -16.57 41.24 38.30
N LEU D 237 -17.77 40.69 38.20
CA LEU D 237 -19.01 41.42 38.47
C LEU D 237 -19.33 41.39 39.96
N ARG D 238 -19.67 42.55 40.52
CA ARG D 238 -20.11 42.67 41.90
C ARG D 238 -21.44 43.40 41.93
N THR D 239 -22.44 42.79 42.57
CA THR D 239 -23.75 43.44 42.73
C THR D 239 -23.97 43.86 44.18
N ALA D 244 -19.38 37.96 42.71
CA ALA D 244 -20.66 37.39 42.31
C ALA D 244 -20.59 36.62 40.96
N ASP D 245 -19.86 37.13 39.96
CA ASP D 245 -19.63 36.41 38.71
C ASP D 245 -18.30 36.86 38.12
N ASP D 246 -17.68 35.98 37.32
CA ASP D 246 -16.45 36.34 36.64
C ASP D 246 -16.44 35.80 35.20
N ILE D 247 -15.50 36.30 34.42
CA ILE D 247 -15.12 35.73 33.14
C ILE D 247 -13.63 36.00 32.95
N ILE D 248 -12.90 34.98 32.50
CA ILE D 248 -11.45 35.07 32.29
C ILE D 248 -11.16 34.69 30.84
N ASP D 249 -10.33 35.50 30.17
CA ASP D 249 -9.91 35.20 28.81
C ASP D 249 -8.40 35.46 28.71
N ARG D 250 -7.83 35.35 27.51
CA ARG D 250 -6.40 35.61 27.29
C ARG D 250 -6.19 36.58 26.13
N VAL D 251 -5.19 37.44 26.28
CA VAL D 251 -4.95 38.50 25.30
C VAL D 251 -3.47 38.51 24.96
N GLY D 252 -3.17 39.04 23.79
CA GLY D 252 -1.80 39.31 23.41
C GLY D 252 -1.72 40.73 22.88
N PHE D 253 -0.62 41.42 23.22
CA PHE D 253 -0.40 42.79 22.77
C PHE D 253 0.30 42.75 21.42
N ARG D 254 -0.47 42.81 20.33
CA ARG D 254 0.10 42.85 19.00
C ARG D 254 -0.77 43.72 18.12
N GLU D 255 -0.16 44.39 17.15
CA GLU D 255 -0.89 45.22 16.20
C GLU D 255 -0.83 44.61 14.81
N ILE D 256 -1.98 44.47 14.15
CA ILE D 256 -2.05 44.02 12.77
C ILE D 256 -2.68 45.10 11.93
N ARG D 257 -2.00 45.51 10.86
CA ARG D 257 -2.57 46.49 9.94
C ARG D 257 -1.89 46.38 8.59
N THR D 258 -2.60 46.81 7.55
CA THR D 258 -2.03 46.88 6.22
C THR D 258 -1.63 48.31 5.89
N GLU D 259 -0.58 48.43 5.09
CA GLU D 259 -0.07 49.72 4.66
C GLU D 259 0.54 49.52 3.28
N GLY D 260 -0.09 50.09 2.26
CA GLY D 260 0.34 49.81 0.91
C GLY D 260 0.20 48.32 0.62
N LYS D 261 1.27 47.73 0.11
CA LYS D 261 1.31 46.31 -0.23
C LYS D 261 1.81 45.46 0.92
N ASP D 262 1.97 46.05 2.11
CA ASP D 262 2.53 45.36 3.26
C ASP D 262 1.44 44.96 4.25
N ILE D 263 1.57 43.74 4.77
CA ILE D 263 0.87 43.32 5.98
C ILE D 263 1.83 43.51 7.13
N LEU D 264 1.47 44.32 8.10
CA LEU D 264 2.39 44.73 9.15
C LEU D 264 1.96 44.11 10.46
N LEU D 265 2.86 43.35 11.08
CA LEU D 265 2.68 42.82 12.43
C LEU D 265 3.68 43.57 13.32
N ASN D 266 3.16 44.36 14.25
CA ASN D 266 4.04 45.15 15.14
C ASN D 266 5.02 45.98 14.33
N GLY D 267 4.54 46.58 13.24
CA GLY D 267 5.34 47.43 12.39
C GLY D 267 6.25 46.72 11.40
N ARG D 268 6.35 45.39 11.45
CA ARG D 268 7.26 44.65 10.58
C ARG D 268 6.50 43.97 9.46
N LYS D 269 7.14 43.88 8.29
CA LYS D 269 6.47 43.38 7.10
C LYS D 269 6.46 41.85 7.13
N LEU D 270 5.26 41.29 7.17
CA LEU D 270 5.06 39.88 7.42
C LEU D 270 5.16 39.06 6.14
N ARG D 271 5.86 37.92 6.22
CA ARG D 271 5.79 36.87 5.20
C ARG D 271 5.00 35.70 5.75
N ILE D 272 3.90 35.35 5.06
CA ILE D 272 3.07 34.21 5.44
C ILE D 272 3.65 32.92 4.87
N LYS D 273 3.97 31.96 5.74
CA LYS D 273 4.38 30.60 5.35
C LYS D 273 3.36 29.64 5.96
N GLY D 274 2.30 29.35 5.20
CA GLY D 274 1.09 28.81 5.76
C GLY D 274 0.68 27.44 5.22
N PHE D 275 -0.29 26.85 5.92
CA PHE D 275 -1.01 25.67 5.47
C PHE D 275 -2.49 25.91 5.62
N CYS D 276 -3.24 25.55 4.60
CA CYS D 276 -4.65 25.27 4.81
C CYS D 276 -4.79 23.99 5.63
N ARG D 277 -5.64 24.01 6.67
CA ARG D 277 -5.88 22.82 7.49
C ARG D 277 -7.36 22.69 7.81
N HIS D 278 -7.97 21.61 7.31
CA HIS D 278 -9.30 21.19 7.74
C HIS D 278 -9.24 20.53 9.12
N GLU D 279 -10.35 20.67 9.87
CA GLU D 279 -10.62 19.82 11.04
C GLU D 279 -11.09 18.45 10.56
N ASP D 280 -10.13 17.60 10.21
CA ASP D 280 -10.48 16.28 9.73
C ASP D 280 -9.43 15.27 10.18
N HIS D 281 -9.88 14.10 10.63
CA HIS D 281 -8.98 13.00 11.06
C HIS D 281 -9.71 11.68 10.83
N PRO D 282 -9.02 10.66 10.33
CA PRO D 282 -9.68 9.37 10.03
C PRO D 282 -10.29 8.69 11.25
N GLN D 283 -9.78 8.93 12.45
CA GLN D 283 -10.38 8.35 13.64
C GLN D 283 -11.38 9.27 14.31
N PHE D 284 -11.20 10.59 14.22
CA PHE D 284 -11.92 11.53 15.06
C PHE D 284 -12.86 12.44 14.29
N GLY D 285 -12.90 12.30 12.96
CA GLY D 285 -13.80 13.13 12.17
C GLY D 285 -13.35 14.56 12.31
N CYS D 286 -14.27 15.45 12.69
CA CYS D 286 -13.87 16.82 12.99
C CYS D 286 -13.75 17.06 14.49
N ALA D 287 -13.81 15.99 15.28
CA ALA D 287 -13.78 16.10 16.74
C ALA D 287 -12.40 15.71 17.28
N LEU D 288 -11.38 16.44 16.85
CA LEU D 288 -10.00 16.06 17.19
C LEU D 288 -9.67 16.44 18.62
N PRO D 289 -9.14 15.52 19.42
CA PRO D 289 -8.72 15.86 20.79
C PRO D 289 -7.45 16.68 20.79
N PHE D 290 -7.22 17.32 21.94
CA PHE D 290 -6.01 18.08 22.20
C PHE D 290 -4.74 17.41 21.68
N SER D 291 -4.55 16.12 22.00
CA SER D 291 -3.33 15.43 21.59
C SER D 291 -3.20 15.38 20.07
N ALA D 292 -4.32 15.17 19.38
CA ALA D 292 -4.32 15.13 17.92
C ALA D 292 -4.09 16.52 17.34
N MET D 293 -4.62 17.56 18.00
CA MET D 293 -4.35 18.93 17.57
C MET D 293 -2.87 19.26 17.66
N GLN D 294 -2.27 19.03 18.84
CA GLN D 294 -0.86 19.40 19.00
C GLN D 294 0.02 18.58 18.06
N HIS D 295 -0.35 17.34 17.77
CA HIS D 295 0.46 16.55 16.83
C HIS D 295 0.52 17.21 15.46
N ASP D 296 -0.64 17.63 14.95
CA ASP D 296 -0.68 18.40 13.71
C ASP D 296 0.21 19.65 13.82
N LEU D 297 0.10 20.36 14.93
CA LEU D 297 0.86 21.61 15.09
C LEU D 297 2.35 21.36 15.07
N MET D 298 2.80 20.26 15.68
CA MET D 298 4.22 19.96 15.68
C MET D 298 4.72 19.55 14.29
N LEU D 299 3.89 18.88 13.49
CA LEU D 299 4.24 18.64 12.10
C LEU D 299 4.31 19.95 11.31
N ILE D 300 3.27 20.79 11.46
CA ILE D 300 3.24 22.06 10.76
C ILE D 300 4.45 22.92 11.14
N LYS D 301 4.81 22.94 12.43
CA LYS D 301 6.01 23.68 12.84
C LYS D 301 7.28 23.05 12.29
N ASP D 302 7.35 21.71 12.28
CA ASP D 302 8.52 21.03 11.71
C ASP D 302 8.68 21.40 10.25
N LEU D 303 7.55 21.56 9.55
CA LEU D 303 7.57 21.97 8.15
C LEU D 303 8.09 23.39 7.95
N GLY D 304 8.27 24.18 9.02
CA GLY D 304 8.71 25.57 8.87
C GLY D 304 7.60 26.59 8.70
N ALA D 305 6.34 26.18 8.77
CA ALA D 305 5.23 27.10 8.61
C ALA D 305 5.09 28.04 9.81
N ASN D 306 4.60 29.24 9.55
CA ASN D 306 4.28 30.17 10.64
C ASN D 306 2.78 30.48 10.72
N SER D 307 1.94 29.80 9.94
CA SER D 307 0.56 30.26 9.87
C SER D 307 -0.36 29.15 9.36
N ILE D 308 -1.61 29.20 9.81
CA ILE D 308 -2.64 28.24 9.42
C ILE D 308 -3.88 29.01 8.98
N ARG D 309 -4.56 28.48 7.97
CA ARG D 309 -5.80 29.03 7.45
C ARG D 309 -6.90 28.01 7.70
N THR D 310 -7.93 28.41 8.45
CA THR D 310 -9.02 27.52 8.88
C THR D 310 -10.00 27.26 7.72
N VAL D 311 -9.55 26.48 6.74
CA VAL D 311 -10.47 26.07 5.67
C VAL D 311 -11.48 25.06 6.21
N HIS D 312 -12.78 25.29 5.95
CA HIS D 312 -13.38 26.56 5.49
C HIS D 312 -14.44 26.96 6.51
N TYR D 313 -14.05 27.19 7.76
CA TYR D 313 -15.01 27.41 8.84
C TYR D 313 -14.24 27.78 10.09
N PRO D 314 -14.90 28.39 11.09
CA PRO D 314 -14.21 28.68 12.35
C PRO D 314 -13.79 27.40 13.05
N ASN D 315 -12.68 27.48 13.78
CA ASN D 315 -12.08 26.33 14.44
C ASN D 315 -12.44 26.31 15.93
N ASP D 316 -12.34 25.12 16.51
CA ASP D 316 -12.29 24.89 17.95
C ASP D 316 -11.41 25.92 18.67
N GLU D 317 -11.97 26.54 19.73
CA GLU D 317 -11.20 27.53 20.48
C GLU D 317 -9.99 26.91 21.15
N LEU D 318 -10.04 25.62 21.45
CA LEU D 318 -8.86 24.93 21.97
C LEU D 318 -7.72 24.94 20.94
N PHE D 319 -8.04 24.76 19.66
CA PHE D 319 -6.98 24.83 18.64
C PHE D 319 -6.41 26.24 18.56
N LEU D 320 -7.28 27.26 18.61
CA LEU D 320 -6.82 28.63 18.58
C LEU D 320 -5.98 28.97 19.80
N ASP D 321 -6.35 28.42 20.96
CA ASP D 321 -5.51 28.57 22.16
C ASP D 321 -4.10 28.06 21.91
N LEU D 322 -3.99 26.87 21.32
CA LEU D 322 -2.68 26.30 21.04
C LEU D 322 -1.89 27.17 20.07
N CYS D 323 -2.59 27.84 19.16
CA CYS D 323 -1.91 28.73 18.22
C CYS D 323 -1.44 30.00 18.91
N ASP D 324 -2.25 30.55 19.83
CA ASP D 324 -1.83 31.73 20.60
C ASP D 324 -0.54 31.43 21.37
N GLU D 325 -0.51 30.29 22.06
CA GLU D 325 0.64 29.93 22.88
C GLU D 325 1.89 29.64 22.07
N GLN D 326 1.76 29.26 20.80
CA GLN D 326 2.92 28.86 20.01
C GLN D 326 3.28 29.88 18.93
N GLY D 327 2.62 31.03 18.92
CA GLY D 327 2.99 32.07 17.99
C GLY D 327 2.64 31.77 16.55
N ILE D 328 1.59 30.98 16.32
CA ILE D 328 1.17 30.63 14.96
C ILE D 328 0.11 31.63 14.53
N LEU D 329 0.31 32.26 13.37
CA LEU D 329 -0.67 33.21 12.84
C LEU D 329 -1.84 32.48 12.20
N VAL D 330 -3.06 32.98 12.45
CA VAL D 330 -4.28 32.32 12.00
C VAL D 330 -5.08 33.24 11.07
N TRP D 331 -5.39 32.75 9.89
CA TRP D 331 -6.47 33.26 9.06
C TRP D 331 -7.71 32.42 9.41
N GLU D 332 -8.72 33.03 10.02
CA GLU D 332 -10.00 32.34 10.24
C GLU D 332 -11.09 32.92 9.36
N GLU D 333 -11.92 32.04 8.77
CA GLU D 333 -12.99 32.47 7.89
C GLU D 333 -14.34 31.90 8.34
N ASN D 334 -15.43 32.52 7.86
CA ASN D 334 -16.77 32.00 8.11
C ASN D 334 -17.01 30.71 7.30
N HIS D 335 -18.07 29.98 7.65
CA HIS D 335 -18.32 28.68 7.02
C HIS D 335 -18.95 28.87 5.64
N ALA D 336 -18.16 28.64 4.59
CA ALA D 336 -18.66 28.61 3.22
C ALA D 336 -17.54 28.15 2.31
N ARG D 337 -17.87 27.35 1.29
CA ARG D 337 -16.88 26.92 0.31
C ARG D 337 -17.55 26.66 -1.03
N GLY D 338 -17.23 27.48 -2.04
CA GLY D 338 -17.55 27.13 -3.41
C GLY D 338 -19.01 27.28 -3.78
N LEU D 339 -19.75 28.16 -3.09
CA LEU D 339 -21.18 28.26 -3.30
C LEU D 339 -21.46 29.10 -4.56
N SER D 340 -22.32 28.56 -5.44
CA SER D 340 -22.67 29.27 -6.65
C SER D 340 -23.64 30.41 -6.33
N GLU D 341 -23.86 31.29 -7.31
CA GLU D 341 -24.89 32.31 -7.16
C GLU D 341 -26.22 31.69 -6.73
N GLU D 342 -26.61 30.57 -7.35
CA GLU D 342 -27.86 29.91 -6.98
C GLU D 342 -27.83 29.42 -5.53
N ASN D 343 -26.72 28.80 -5.10
CA ASN D 343 -26.62 28.39 -3.69
C ASN D 343 -26.77 29.60 -2.77
N MET D 344 -26.13 30.72 -3.12
CA MET D 344 -26.18 31.91 -2.28
C MET D 344 -27.59 32.51 -2.22
N ARG D 345 -28.47 32.18 -3.16
CA ARG D 345 -29.83 32.70 -3.14
C ARG D 345 -30.77 31.84 -2.30
N ASN D 346 -30.29 30.73 -1.74
CA ASN D 346 -31.05 29.95 -0.77
C ASN D 346 -31.70 30.91 0.23
N PRO D 347 -33.00 30.74 0.55
CA PRO D 347 -33.68 31.65 1.48
C PRO D 347 -33.00 31.84 2.83
N HIS D 348 -32.17 30.89 3.26
CA HIS D 348 -31.52 30.96 4.56
C HIS D 348 -30.08 31.44 4.51
N PHE D 349 -29.53 31.65 3.31
CA PHE D 349 -28.08 31.86 3.17
C PHE D 349 -27.62 33.06 3.98
N LYS D 350 -28.21 34.23 3.71
CA LYS D 350 -27.75 35.47 4.35
C LYS D 350 -27.86 35.36 5.86
N GLN D 351 -28.97 34.82 6.36
CA GLN D 351 -29.13 34.63 7.79
C GLN D 351 -28.03 33.75 8.35
N GLN D 352 -27.79 32.60 7.70
CA GLN D 352 -26.84 31.63 8.26
C GLN D 352 -25.41 32.16 8.22
N CYS D 353 -25.05 32.91 7.17
CA CYS D 353 -23.75 33.56 7.13
C CYS D 353 -23.62 34.62 8.22
N GLY D 354 -24.67 35.43 8.40
CA GLY D 354 -24.62 36.45 9.44
C GLY D 354 -24.49 35.85 10.82
N ASP D 355 -25.25 34.77 11.09
CA ASP D 355 -25.12 34.11 12.38
C ASP D 355 -23.73 33.54 12.58
N CYS D 356 -23.17 32.88 11.56
CA CYS D 356 -21.81 32.35 11.67
C CYS D 356 -20.84 33.46 11.99
N ILE D 357 -20.92 34.59 11.28
CA ILE D 357 -19.98 35.68 11.50
C ILE D 357 -20.11 36.25 12.91
N ARG D 358 -21.35 36.52 13.36
CA ARG D 358 -21.55 37.06 14.70
C ARG D 358 -21.00 36.13 15.78
N GLU D 359 -21.33 34.84 15.69
CA GLU D 359 -20.86 33.90 16.72
C GLU D 359 -19.35 33.73 16.66
N MET D 360 -18.76 33.76 15.46
CA MET D 360 -17.32 33.59 15.32
C MET D 360 -16.56 34.76 15.97
N ILE D 361 -16.89 35.98 15.58
CA ILE D 361 -16.09 37.12 16.06
C ILE D 361 -16.37 37.39 17.54
N THR D 362 -17.62 37.24 17.97
CA THR D 362 -17.93 37.48 19.38
C THR D 362 -17.14 36.51 20.26
N ALA D 363 -17.06 35.24 19.85
CA ALA D 363 -16.36 34.24 20.66
C ALA D 363 -14.84 34.36 20.55
N HIS D 364 -14.30 34.68 19.36
CA HIS D 364 -12.86 34.59 19.09
C HIS D 364 -12.15 35.94 19.09
N TYR D 365 -12.86 37.03 19.40
CA TYR D 365 -12.28 38.37 19.29
C TYR D 365 -10.88 38.48 19.89
N ASN D 366 -10.62 37.80 21.01
CA ASN D 366 -9.43 38.07 21.79
C ASN D 366 -8.19 37.29 21.35
N HIS D 367 -8.33 36.29 20.47
CA HIS D 367 -7.17 35.46 20.10
C HIS D 367 -6.14 36.29 19.36
N PRO D 368 -4.96 36.54 19.93
CA PRO D 368 -3.94 37.31 19.19
C PRO D 368 -3.47 36.62 17.92
N SER D 369 -3.58 35.28 17.85
CA SER D 369 -3.12 34.58 16.65
C SER D 369 -3.95 34.97 15.44
N ILE D 370 -5.25 35.18 15.63
CA ILE D 370 -6.11 35.49 14.50
C ILE D 370 -5.72 36.88 14.00
N TYR D 371 -5.14 36.97 12.80
CA TYR D 371 -4.70 38.26 12.29
C TYR D 371 -5.54 38.79 11.14
N ILE D 372 -6.49 38.01 10.63
CA ILE D 372 -7.28 38.41 9.48
C ILE D 372 -8.55 37.58 9.46
N TRP D 373 -9.65 38.20 9.10
CA TRP D 373 -10.93 37.51 8.96
C TRP D 373 -11.20 37.28 7.48
N GLY D 374 -11.51 36.04 7.11
CA GLY D 374 -11.91 35.75 5.74
C GLY D 374 -13.38 35.44 5.61
N ILE D 375 -13.93 35.63 4.41
CA ILE D 375 -15.30 35.26 4.12
C ILE D 375 -15.37 34.50 2.79
N LEU D 376 -16.38 33.65 2.66
CA LEU D 376 -16.93 33.22 1.38
C LEU D 376 -15.86 32.71 0.42
N ASN D 377 -15.04 31.77 0.91
CA ASN D 377 -14.09 31.06 0.06
C ASN D 377 -14.75 30.57 -1.23
N GLU D 378 -14.19 31.01 -2.36
CA GLU D 378 -14.59 30.56 -3.69
C GLU D 378 -16.10 30.71 -3.94
N CYS D 379 -16.76 31.69 -3.34
CA CYS D 379 -18.16 31.93 -3.67
C CYS D 379 -18.23 32.84 -4.91
N ALA D 380 -19.45 33.32 -5.23
CA ALA D 380 -19.70 33.86 -6.58
C ALA D 380 -19.40 35.36 -6.60
N SER D 381 -18.11 35.68 -6.45
CA SER D 381 -17.66 37.06 -6.37
C SER D 381 -17.62 37.73 -7.73
N ASP D 382 -17.94 37.00 -8.79
CA ASP D 382 -18.02 37.52 -10.15
C ASP D 382 -19.44 37.90 -10.55
N THR D 383 -20.41 37.82 -9.62
CA THR D 383 -21.80 38.17 -9.88
C THR D 383 -22.23 39.34 -9.02
N GLU D 384 -23.30 40.03 -9.48
CA GLU D 384 -23.82 41.17 -8.75
C GLU D 384 -24.49 40.75 -7.45
N TYR D 385 -25.28 39.68 -7.49
CA TYR D 385 -25.86 39.20 -6.24
C TYR D 385 -24.76 38.77 -5.28
N GLY D 386 -23.70 38.13 -5.81
CA GLY D 386 -22.57 37.78 -4.95
C GLY D 386 -21.96 39.01 -4.27
N ARG D 387 -21.64 40.04 -5.07
CA ARG D 387 -21.12 41.30 -4.54
C ARG D 387 -22.01 41.87 -3.43
N GLU D 388 -23.33 41.83 -3.61
CA GLU D 388 -24.23 42.27 -2.56
C GLU D 388 -23.98 41.49 -1.26
N CYS D 389 -23.82 40.17 -1.38
CA CYS D 389 -23.54 39.34 -0.20
C CYS D 389 -22.17 39.65 0.40
N TYR D 390 -21.13 39.75 -0.44
CA TYR D 390 -19.80 40.09 0.07
C TYR D 390 -19.82 41.44 0.81
N SER D 391 -20.43 42.45 0.18
CA SER D 391 -20.56 43.76 0.81
C SER D 391 -21.20 43.64 2.20
N GLU D 392 -22.37 43.03 2.28
CA GLU D 392 -23.06 42.90 3.56
C GLU D 392 -22.17 42.23 4.60
N GLN D 393 -21.48 41.16 4.22
CA GLN D 393 -20.75 40.39 5.22
C GLN D 393 -19.46 41.11 5.62
N TYR D 394 -18.81 41.77 4.66
CA TYR D 394 -17.63 42.56 5.00
C TYR D 394 -17.99 43.66 5.99
N GLU D 395 -19.14 44.30 5.80
CA GLU D 395 -19.54 45.40 6.68
C GLU D 395 -19.94 44.86 8.05
N LEU D 396 -20.58 43.69 8.08
CA LEU D 396 -20.90 43.07 9.36
C LEU D 396 -19.62 42.85 10.18
N ILE D 397 -18.58 42.32 9.53
CA ILE D 397 -17.31 42.11 10.20
C ILE D 397 -16.78 43.42 10.79
N LYS D 398 -16.78 44.47 9.97
CA LYS D 398 -16.24 45.76 10.42
C LYS D 398 -17.00 46.29 11.63
N SER D 399 -18.33 46.12 11.64
CA SER D 399 -19.13 46.55 12.78
C SER D 399 -18.79 45.80 14.05
N LEU D 400 -18.28 44.56 13.93
CA LEU D 400 -17.96 43.75 15.09
C LEU D 400 -16.50 43.83 15.49
N ASP D 401 -15.60 44.10 14.54
CA ASP D 401 -14.16 44.14 14.81
C ASP D 401 -13.58 45.11 13.81
N PRO D 402 -13.52 46.40 14.14
CA PRO D 402 -13.05 47.39 13.17
C PRO D 402 -11.55 47.41 12.97
N TYR D 403 -10.80 46.50 13.61
CA TYR D 403 -9.34 46.61 13.64
C TYR D 403 -8.62 45.56 12.82
N ARG D 404 -9.09 44.30 12.77
CA ARG D 404 -8.37 43.35 11.93
C ARG D 404 -8.67 43.57 10.44
N PRO D 405 -7.72 43.26 9.56
CA PRO D 405 -8.02 43.25 8.13
C PRO D 405 -8.95 42.10 7.76
N ARG D 406 -9.57 42.26 6.60
CA ARG D 406 -10.52 41.31 6.04
C ARG D 406 -10.06 40.89 4.65
N SER D 407 -10.49 39.69 4.23
CA SER D 407 -10.15 39.21 2.90
C SER D 407 -11.09 38.06 2.52
N SER D 408 -10.86 37.50 1.35
CA SER D 408 -11.65 36.40 0.83
C SER D 408 -10.79 35.64 -0.16
N ALA D 409 -10.78 34.31 -0.06
CA ALA D 409 -10.02 33.50 -1.01
C ALA D 409 -10.81 33.40 -2.30
N SER D 410 -10.32 34.04 -3.36
CA SER D 410 -11.04 34.06 -4.63
C SER D 410 -10.50 32.99 -5.57
N CYS D 411 -11.41 32.45 -6.39
CA CYS D 411 -10.97 31.70 -7.57
C CYS D 411 -11.52 32.31 -8.85
N ARG D 412 -12.09 33.51 -8.79
CA ARG D 412 -12.64 34.18 -9.96
C ARG D 412 -11.51 34.88 -10.69
N PHE D 413 -10.78 34.09 -11.48
CA PHE D 413 -9.55 34.50 -12.15
C PHE D 413 -9.84 35.62 -13.14
N LYS D 414 -9.48 36.85 -12.77
CA LYS D 414 -9.64 38.06 -13.61
C LYS D 414 -11.10 38.45 -13.82
N THR D 415 -12.03 37.92 -13.02
CA THR D 415 -13.45 38.23 -13.15
C THR D 415 -14.08 38.67 -11.84
N ASP D 416 -13.32 38.65 -10.74
CA ASP D 416 -13.82 39.08 -9.45
C ASP D 416 -14.16 40.56 -9.49
N ILE D 417 -15.37 40.92 -9.03
CA ILE D 417 -15.78 42.31 -8.95
C ILE D 417 -15.84 42.81 -7.51
N CYS D 418 -15.27 42.05 -6.56
CA CYS D 418 -15.36 42.38 -5.14
C CYS D 418 -14.03 42.74 -4.50
N LEU D 419 -12.98 42.97 -5.30
CA LEU D 419 -11.64 43.20 -4.74
C LEU D 419 -11.46 44.62 -4.21
N GLY D 420 -12.39 45.52 -4.49
CA GLY D 420 -12.39 46.82 -3.83
C GLY D 420 -12.67 46.73 -2.33
N TYR D 421 -13.46 45.73 -1.91
CA TYR D 421 -13.90 45.70 -0.50
C TYR D 421 -12.81 45.32 0.49
N PRO D 422 -12.06 44.22 0.33
CA PRO D 422 -11.21 43.75 1.42
C PRO D 422 -9.92 44.57 1.53
N GLU D 423 -9.26 44.39 2.68
CA GLU D 423 -7.95 45.00 2.90
C GLU D 423 -6.84 44.23 2.21
N VAL D 424 -7.00 42.92 2.04
CA VAL D 424 -6.02 42.06 1.39
C VAL D 424 -6.72 41.33 0.24
N VAL D 425 -6.05 41.27 -0.93
CA VAL D 425 -6.54 40.49 -2.07
C VAL D 425 -5.95 39.10 -2.00
N SER D 426 -6.79 38.08 -2.10
CA SER D 426 -6.36 36.69 -1.92
C SER D 426 -6.92 35.81 -3.03
N TYR D 427 -6.08 34.92 -3.57
CA TYR D 427 -6.44 34.06 -4.68
C TYR D 427 -6.00 32.62 -4.43
N ASN D 428 -6.86 31.68 -4.83
CA ASN D 428 -6.53 30.26 -4.88
C ASN D 428 -6.16 29.91 -6.32
N ILE D 429 -4.95 29.39 -6.53
CA ILE D 429 -4.55 29.03 -7.89
C ILE D 429 -3.89 27.65 -7.90
N TYR D 430 -4.10 26.91 -8.99
CA TYR D 430 -3.53 25.56 -9.11
C TYR D 430 -2.78 25.30 -10.42
N PRO D 431 -1.90 26.21 -10.84
CA PRO D 431 -1.04 25.89 -12.00
C PRO D 431 -0.16 24.69 -11.70
N LYS D 432 0.03 23.86 -12.72
CA LYS D 432 0.76 22.59 -12.70
C LYS D 432 -0.02 21.49 -11.98
N TRP D 433 -1.25 21.75 -11.55
CA TRP D 433 -2.17 20.68 -11.19
C TRP D 433 -3.39 20.70 -12.11
N TYR D 434 -4.28 21.67 -11.95
CA TYR D 434 -5.46 21.76 -12.79
C TYR D 434 -5.19 22.46 -14.14
N HIS D 435 -4.14 23.28 -14.24
CA HIS D 435 -3.79 24.00 -15.47
C HIS D 435 -2.31 23.79 -15.74
N ASP D 436 -1.96 23.34 -16.94
CA ASP D 436 -0.55 23.13 -17.26
C ASP D 436 -0.03 24.39 -17.93
N VAL D 437 0.44 25.31 -17.09
CA VAL D 437 1.03 26.61 -17.41
C VAL D 437 2.15 26.77 -16.41
N PRO D 438 3.33 27.29 -16.78
CA PRO D 438 4.35 27.60 -15.76
C PRO D 438 3.80 28.50 -14.68
N VAL D 439 4.14 28.18 -13.42
CA VAL D 439 3.51 28.88 -12.29
C VAL D 439 3.85 30.38 -12.33
N GLU D 440 5.11 30.72 -12.59
CA GLU D 440 5.52 32.11 -12.66
C GLU D 440 4.66 32.89 -13.66
N ASP D 441 4.29 32.26 -14.76
CA ASP D 441 3.53 32.97 -15.80
C ASP D 441 2.08 33.16 -15.41
N TYR D 442 1.47 32.13 -14.83
CA TYR D 442 0.08 32.24 -14.39
C TYR D 442 -0.03 33.28 -13.29
N LEU D 443 0.88 33.25 -12.33
CA LEU D 443 0.83 34.19 -11.21
C LEU D 443 1.10 35.62 -11.66
N ASP D 444 1.99 35.79 -12.64
CA ASP D 444 2.26 37.13 -13.17
C ASP D 444 1.03 37.68 -13.89
N GLU D 445 0.43 36.88 -14.78
CA GLU D 445 -0.78 37.31 -15.46
C GLU D 445 -1.87 37.72 -14.47
N LEU D 446 -2.04 36.94 -13.40
CA LEU D 446 -3.04 37.30 -12.40
C LEU D 446 -2.63 38.57 -11.65
N TYR D 447 -1.37 38.63 -11.19
CA TYR D 447 -0.95 39.78 -10.40
C TYR D 447 -1.03 41.08 -11.19
N GLN D 448 -0.57 41.06 -12.45
CA GLN D 448 -0.68 42.23 -13.32
C GLN D 448 -2.13 42.67 -13.47
N TRP D 449 -3.03 41.73 -13.73
CA TRP D 449 -4.45 42.09 -13.88
C TRP D 449 -5.00 42.73 -12.61
N ILE D 450 -4.64 42.21 -11.43
CA ILE D 450 -5.12 42.83 -10.20
C ILE D 450 -4.63 44.27 -10.11
N GLN D 451 -3.36 44.51 -10.45
CA GLN D 451 -2.79 45.84 -10.29
C GLN D 451 -3.33 46.82 -11.34
N ASN D 452 -3.55 46.35 -12.57
CA ASN D 452 -3.90 47.23 -13.68
C ASN D 452 -5.38 47.30 -14.00
N GLU D 453 -6.20 46.34 -13.56
CA GLU D 453 -7.58 46.25 -14.00
C GLU D 453 -8.62 46.10 -12.89
N SER D 454 -8.21 46.11 -11.63
CA SER D 454 -9.14 45.80 -10.56
C SER D 454 -8.97 46.85 -9.47
N GLU D 455 -10.03 47.01 -8.67
CA GLU D 455 -9.95 47.81 -7.45
C GLU D 455 -9.16 47.12 -6.35
N GLY D 456 -8.60 45.94 -6.60
CA GLY D 456 -7.70 45.41 -5.61
C GLY D 456 -6.29 45.94 -5.70
N THR D 457 -6.04 46.82 -6.68
CA THR D 457 -4.71 47.31 -6.97
C THR D 457 -4.09 48.00 -5.75
N GLY D 458 -2.78 47.84 -5.57
CA GLY D 458 -2.08 48.51 -4.50
C GLY D 458 -2.26 47.90 -3.11
N LYS D 459 -3.06 46.86 -2.95
CA LYS D 459 -3.26 46.27 -1.63
C LYS D 459 -2.39 45.04 -1.47
N PRO D 460 -2.17 44.56 -0.24
CA PRO D 460 -1.40 43.32 -0.05
C PRO D 460 -2.07 42.14 -0.74
N PHE D 461 -1.24 41.17 -1.18
CA PHE D 461 -1.69 40.06 -2.00
C PHE D 461 -1.18 38.76 -1.39
N LEU D 462 -2.09 37.81 -1.19
CA LEU D 462 -1.77 36.49 -0.68
C LEU D 462 -2.25 35.43 -1.67
N ILE D 463 -1.48 34.35 -1.79
CA ILE D 463 -1.99 33.11 -2.39
C ILE D 463 -2.54 32.24 -1.25
N THR D 464 -3.87 32.15 -1.17
CA THR D 464 -4.49 31.41 -0.07
C THR D 464 -4.64 29.92 -0.36
N GLU D 465 -4.39 29.47 -1.59
CA GLU D 465 -4.31 28.04 -1.90
C GLU D 465 -3.36 27.85 -3.07
N ILE D 466 -2.46 26.87 -2.94
CA ILE D 466 -1.70 26.34 -4.06
C ILE D 466 -1.20 24.95 -3.65
N GLY D 467 -1.22 24.01 -4.59
CA GLY D 467 -0.76 22.67 -4.26
C GLY D 467 -1.09 21.67 -5.35
N ALA D 468 -1.00 20.39 -5.00
CA ALA D 468 -1.12 19.32 -5.98
C ALA D 468 -1.50 18.03 -5.26
N GLY D 469 -2.18 17.15 -5.98
CA GLY D 469 -2.60 15.88 -5.38
C GLY D 469 -1.49 14.85 -5.38
N ALA D 470 -1.55 13.93 -4.41
CA ALA D 470 -0.71 12.75 -4.44
C ALA D 470 -1.37 11.65 -3.63
N ILE D 471 -1.53 10.47 -4.21
CA ILE D 471 -2.00 9.34 -3.44
C ILE D 471 -0.79 8.75 -2.73
N TYR D 472 -0.78 8.83 -1.39
CA TYR D 472 0.31 8.29 -0.60
C TYR D 472 0.56 6.85 -1.00
N GLY D 473 1.78 6.56 -1.38
CA GLY D 473 2.20 5.23 -1.75
C GLY D 473 2.26 4.99 -3.25
N TYR D 474 1.62 5.83 -4.05
CA TYR D 474 1.68 5.66 -5.51
C TYR D 474 2.90 6.42 -6.01
N ARG D 475 3.90 5.67 -6.45
CA ARG D 475 5.14 6.23 -6.97
C ARG D 475 5.49 5.56 -8.29
N THR D 476 5.99 6.33 -9.25
CA THR D 476 6.33 5.70 -10.51
C THR D 476 7.42 6.50 -11.19
N PRO D 477 8.37 5.83 -11.86
CA PRO D 477 9.40 6.57 -12.61
C PRO D 477 8.81 7.55 -13.61
N ALA D 478 7.59 7.33 -14.09
CA ALA D 478 7.05 8.23 -15.09
C ALA D 478 6.52 9.54 -14.46
N HIS D 479 6.49 9.64 -13.13
CA HIS D 479 6.06 10.85 -12.45
C HIS D 479 4.70 11.33 -12.96
N VAL D 480 3.77 10.38 -13.18
CA VAL D 480 2.42 10.76 -13.59
C VAL D 480 1.72 11.55 -12.46
N LYS D 481 0.74 12.34 -12.87
CA LYS D 481 -0.10 13.02 -11.89
C LYS D 481 -0.77 11.99 -10.98
N TRP D 482 -0.85 12.35 -9.69
CA TRP D 482 -1.29 11.53 -8.54
C TRP D 482 -0.13 10.76 -7.92
N SER D 483 1.00 10.63 -8.63
CA SER D 483 2.20 10.06 -8.02
C SER D 483 2.83 11.06 -7.04
N GLU D 484 3.55 10.52 -6.06
CA GLU D 484 4.20 11.37 -5.08
C GLU D 484 5.36 12.15 -5.68
N GLU D 485 6.04 11.56 -6.67
CA GLU D 485 7.12 12.28 -7.35
C GLU D 485 6.58 13.50 -8.07
N TYR D 486 5.43 13.37 -8.73
CA TYR D 486 4.91 14.55 -9.41
C TYR D 486 4.58 15.65 -8.41
N GLN D 487 4.05 15.28 -7.24
CA GLN D 487 3.70 16.29 -6.25
C GLN D 487 4.95 17.01 -5.76
N VAL D 488 6.08 16.31 -5.66
CA VAL D 488 7.35 16.94 -5.29
C VAL D 488 7.67 18.06 -6.27
N GLN D 489 7.67 17.77 -7.56
CA GLN D 489 8.10 18.79 -8.51
C GLN D 489 7.06 19.90 -8.66
N ALA D 490 5.77 19.58 -8.59
CA ALA D 490 4.76 20.65 -8.59
C ALA D 490 4.99 21.62 -7.43
N LEU D 491 5.13 21.10 -6.20
CA LEU D 491 5.24 21.99 -5.04
C LEU D 491 6.54 22.80 -5.09
N LYS D 492 7.64 22.18 -5.51
CA LYS D 492 8.90 22.93 -5.64
C LYS D 492 8.71 24.13 -6.58
N GLU D 493 8.11 23.91 -7.74
CA GLU D 493 7.89 25.03 -8.67
C GLU D 493 6.93 26.06 -8.09
N GLN D 494 5.83 25.60 -7.48
CA GLN D 494 4.82 26.52 -6.99
C GLN D 494 5.38 27.44 -5.90
N LEU D 495 6.11 26.86 -4.95
CA LEU D 495 6.66 27.67 -3.86
C LEU D 495 7.74 28.61 -4.36
N GLN D 496 8.54 28.16 -5.31
CA GLN D 496 9.56 29.01 -5.88
C GLN D 496 8.91 30.26 -6.49
N ALA D 497 7.79 30.09 -7.17
CA ALA D 497 7.13 31.21 -7.83
C ALA D 497 6.50 32.18 -6.82
N VAL D 498 5.81 31.67 -5.80
CA VAL D 498 5.08 32.57 -4.91
C VAL D 498 6.04 33.41 -4.09
N PHE D 499 7.14 32.82 -3.64
CA PHE D 499 8.10 33.55 -2.82
C PHE D 499 9.01 34.48 -3.63
N SER D 500 9.05 34.36 -4.94
CA SER D 500 9.78 35.30 -5.76
C SER D 500 8.86 36.33 -6.41
N ARG D 501 7.57 36.31 -6.09
CA ARG D 501 6.60 37.19 -6.70
C ARG D 501 6.55 38.49 -5.90
N GLU D 502 7.11 39.57 -6.46
CA GLU D 502 7.10 40.86 -5.78
C GLU D 502 5.67 41.39 -5.68
N GLY D 503 5.30 41.81 -4.47
CA GLY D 503 3.94 42.24 -4.19
C GLY D 503 3.14 41.22 -3.41
N CYS D 504 3.65 40.00 -3.28
CA CYS D 504 2.93 38.91 -2.63
C CYS D 504 3.49 38.68 -1.23
N SER D 505 2.62 38.61 -0.24
CA SER D 505 3.06 38.46 1.13
C SER D 505 3.28 37.02 1.55
N GLY D 506 3.03 36.05 0.66
CA GLY D 506 3.21 34.68 1.07
C GLY D 506 2.04 33.83 0.63
N VAL D 507 1.94 32.65 1.24
CA VAL D 507 1.17 31.55 0.68
C VAL D 507 0.63 30.66 1.79
N TYR D 508 -0.58 30.12 1.56
CA TYR D 508 -1.08 28.97 2.27
C TYR D 508 -1.08 27.78 1.30
N ILE D 509 -0.28 26.77 1.61
CA ILE D 509 -0.32 25.55 0.82
C ILE D 509 -1.66 24.84 1.02
N TRP D 510 -2.25 24.37 -0.07
CA TRP D 510 -3.39 23.47 -0.01
C TRP D 510 -2.89 22.06 -0.24
N GLN D 511 -2.96 21.19 0.78
CA GLN D 511 -3.34 21.54 2.16
C GLN D 511 -2.48 20.69 3.11
N PHE D 512 -2.73 20.80 4.42
CA PHE D 512 -1.89 20.09 5.38
C PHE D 512 -2.01 18.58 5.21
N CYS D 513 -3.24 18.04 5.23
CA CYS D 513 -3.45 16.60 5.22
C CYS D 513 -4.57 16.25 4.26
N ASP D 514 -4.60 14.99 3.85
CA ASP D 514 -5.74 14.50 3.07
C ASP D 514 -6.98 14.51 3.96
N VAL D 515 -8.12 14.76 3.33
CA VAL D 515 -9.39 15.03 4.02
C VAL D 515 -10.52 14.26 3.36
N ARG D 516 -11.34 13.57 4.15
CA ARG D 516 -12.54 12.93 3.62
C ARG D 516 -13.48 13.97 2.99
N VAL D 517 -14.09 13.61 1.85
CA VAL D 517 -15.07 14.49 1.19
C VAL D 517 -16.41 13.78 0.99
N CYS D 518 -17.39 14.50 0.42
CA CYS D 518 -18.71 13.93 0.22
C CYS D 518 -18.72 12.98 -0.97
N ASP D 519 -19.64 12.02 -0.92
CA ASP D 519 -19.68 10.99 -1.97
C ASP D 519 -19.95 11.60 -3.34
N SER D 520 -20.70 12.72 -3.40
CA SER D 520 -20.98 13.31 -4.71
C SER D 520 -19.72 13.84 -5.42
N TRP D 521 -18.59 14.00 -4.71
CA TRP D 521 -17.35 14.47 -5.33
C TRP D 521 -16.45 13.33 -5.81
N PHE D 522 -16.89 12.07 -5.69
CA PHE D 522 -16.00 10.94 -5.91
C PHE D 522 -15.28 11.03 -7.27
N GLY D 523 -15.94 11.56 -8.30
CA GLY D 523 -15.39 11.47 -9.65
C GLY D 523 -14.04 12.12 -9.82
N SER D 524 -13.77 13.18 -9.05
CA SER D 524 -12.53 13.96 -9.13
C SER D 524 -11.75 13.88 -7.84
N ARG D 525 -12.07 12.93 -6.97
CA ARG D 525 -11.48 12.83 -5.64
C ARG D 525 -11.18 11.35 -5.37
N PRO D 526 -10.00 10.88 -5.78
CA PRO D 526 -9.65 9.47 -5.53
C PRO D 526 -9.83 9.11 -4.06
N ARG D 527 -10.33 7.88 -3.83
CA ARG D 527 -10.59 7.37 -2.48
C ARG D 527 -11.68 8.16 -1.76
N THR D 528 -12.47 8.95 -2.49
CA THR D 528 -13.42 9.91 -1.89
C THR D 528 -12.67 10.72 -0.82
N MET D 529 -11.47 11.16 -1.19
CA MET D 529 -10.61 11.99 -0.34
C MET D 529 -10.17 13.17 -1.19
N ASN D 530 -9.95 14.32 -0.57
CA ASN D 530 -9.12 15.34 -1.20
C ASN D 530 -7.67 14.99 -0.87
N ASN D 531 -6.89 14.65 -1.91
CA ASN D 531 -5.57 14.04 -1.74
C ASN D 531 -4.42 15.03 -1.84
N LYS D 532 -4.65 16.31 -1.63
CA LYS D 532 -3.59 17.30 -1.79
C LYS D 532 -2.84 17.56 -0.50
N GLY D 533 -3.03 16.71 0.51
CA GLY D 533 -2.23 16.84 1.71
C GLY D 533 -0.75 16.66 1.45
N ILE D 534 0.05 17.38 2.24
CA ILE D 534 1.49 17.16 2.30
C ILE D 534 1.78 15.97 3.22
N VAL D 535 0.92 15.71 4.19
CA VAL D 535 0.85 14.43 4.87
C VAL D 535 -0.48 13.80 4.45
N ASP D 536 -0.57 12.47 4.55
CA ASP D 536 -1.84 11.81 4.25
C ASP D 536 -2.78 11.90 5.48
N GLU D 537 -3.96 11.29 5.38
CA GLU D 537 -4.94 11.41 6.46
C GLU D 537 -4.42 10.79 7.75
N TYR D 538 -3.50 9.84 7.67
CA TYR D 538 -2.89 9.27 8.87
C TYR D 538 -1.65 10.04 9.32
N ARG D 539 -1.44 11.24 8.78
CA ARG D 539 -0.35 12.15 9.13
C ARG D 539 1.02 11.61 8.72
N ARG D 540 1.08 10.69 7.73
CA ARG D 540 2.34 10.14 7.24
C ARG D 540 2.91 11.07 6.17
N PRO D 541 4.18 11.47 6.26
CA PRO D 541 4.70 12.47 5.31
C PRO D 541 4.84 11.88 3.91
N LYS D 542 4.28 12.57 2.92
CA LYS D 542 4.49 12.27 1.51
C LYS D 542 5.90 12.76 1.08
N LEU D 543 6.34 12.29 -0.10
CA LEU D 543 7.65 12.73 -0.60
C LEU D 543 7.77 14.25 -0.57
N ALA D 544 6.70 14.98 -0.96
CA ALA D 544 6.76 16.44 -1.02
C ALA D 544 6.96 17.11 0.34
N TYR D 545 6.78 16.37 1.45
CA TYR D 545 7.02 16.94 2.77
C TYR D 545 8.40 17.58 2.86
N GLU D 546 9.43 16.94 2.29
CA GLU D 546 10.78 17.48 2.39
C GLU D 546 10.97 18.72 1.50
N VAL D 547 10.26 18.81 0.38
CA VAL D 547 10.35 19.98 -0.48
C VAL D 547 9.74 21.20 0.19
N VAL D 548 8.59 21.02 0.87
CA VAL D 548 7.96 22.14 1.58
C VAL D 548 8.86 22.63 2.71
N LYS D 549 9.36 21.68 3.51
CA LYS D 549 10.27 21.99 4.60
C LYS D 549 11.50 22.76 4.10
N ASP D 550 12.14 22.27 3.05
CA ASP D 550 13.30 22.99 2.50
C ASP D 550 12.94 24.43 2.16
N SER D 551 11.77 24.64 1.55
CA SER D 551 11.37 26.01 1.23
C SER D 551 11.09 26.82 2.49
N TYR D 552 10.21 26.31 3.35
CA TYR D 552 9.77 27.14 4.47
C TYR D 552 10.88 27.40 5.48
N ARG D 553 11.80 26.46 5.68
CA ARG D 553 12.84 26.68 6.67
C ARG D 553 13.88 27.69 6.19
N SER D 554 13.97 27.93 4.89
CA SER D 554 14.96 28.84 4.34
C SER D 554 14.50 30.29 4.34
N LEU D 555 13.38 30.59 4.97
CA LEU D 555 12.80 31.93 4.92
C LEU D 555 12.32 32.27 6.32
N GLY D 556 12.45 33.54 6.70
CA GLY D 556 12.02 33.98 8.00
C GLY D 556 10.56 34.42 7.98
N ASN D 557 10.13 34.97 9.10
CA ASN D 557 8.77 35.47 9.21
C ASN D 557 8.56 36.87 8.64
N TYR D 558 9.62 37.59 8.35
CA TYR D 558 9.49 38.99 7.93
C TYR D 558 10.33 39.25 6.70
N PHE D 559 9.90 40.23 5.91
CA PHE D 559 10.69 40.73 4.80
C PHE D 559 11.72 41.69 5.38
N GLU D 560 12.96 41.24 5.56
CA GLU D 560 13.99 42.07 6.21
C GLU D 560 14.91 42.78 5.23
N ASN D 561 14.87 42.43 3.94
CA ASN D 561 15.89 42.87 3.00
C ASN D 561 15.27 43.55 1.78
N LEU D 562 14.07 44.12 1.93
CA LEU D 562 13.45 44.80 0.80
C LEU D 562 14.20 46.08 0.47
N TYR D 563 14.09 46.49 -0.80
CA TYR D 563 14.60 47.78 -1.25
C TYR D 563 14.27 48.89 -0.24
N PHE D 564 15.19 49.82 -0.06
CA PHE D 564 14.98 50.95 0.82
C PHE D 564 14.51 52.20 0.06
#